data_1XPR
#
_entry.id   1XPR
#
_cell.length_a   210.526
_cell.length_b   109.679
_cell.length_c   160.046
_cell.angle_alpha   90.00
_cell.angle_beta   108.16
_cell.angle_gamma   90.00
#
_symmetry.space_group_name_H-M   'C 1 2 1'
#
loop_
_entity.id
_entity.type
_entity.pdbx_description
1 polymer "5'-R(*CP*UP*CP*UP*CP*UP*CP*U)-3'"
2 polymer 'Rho transcription termination factor'
3 non-polymer 'MAGNESIUM ION'
4 non-polymer 'PHOSPHOTHIOPHOSPHORIC ACID-ADENYLATE ESTER'
5 non-polymer 5A-FORMYLBICYCLOMYCIN
#
loop_
_entity_poly.entity_id
_entity_poly.type
_entity_poly.pdbx_seq_one_letter_code
_entity_poly.pdbx_strand_id
1 'polyribonucleotide' CUCUCUCU G,M,H,J,K,L
2 'polypeptide(L)'
;MNLTELKNTPVSELITLGENMGLENLARMRKQDIIFAILKQHAKSGEDIFGDGVLEILQDGFGFLRSADSSYLAGPDDIY
VSPSQIRRFNLRTGDTISGKIRPPKEGERYFALLKVNEVNFDKPENARNKILFENLTPLHANSRLRMERGNGSTEDLTAR
VLDLASPIGRGQRGLIVAPPKAGKTMLLQNIAQSIAYNHPDCVLMVLLIDERPEEVTEMQRLVKGEVVASTFDEPASRHV
QVAEMVIEKAKRLVEHKKDVIILLDSITRLARAYNTVVPASGKVLTGGVDANALHRPKRFFGAARNVEEGGSLTIIATAL
IDTGSKMDEVIYEEFKGTGNMELHLSRKIAEKRVFPAIDYNRSGTRKEELLTTQEELQKMWILRKIIHPMGEIDAMEFLI
NKLAMTKTNDDFFEMMKRS
;
A,B,C,D,E,F
#
loop_
_chem_comp.id
_chem_comp.type
_chem_comp.name
_chem_comp.formula
AGS non-polymer 'PHOSPHOTHIOPHOSPHORIC ACID-ADENYLATE ESTER' 'C10 H16 N5 O12 P3 S'
C RNA linking CYTIDINE-5'-MONOPHOSPHATE 'C9 H14 N3 O8 P'
FB non-polymer 5A-FORMYLBICYCLOMYCIN 'C13 H18 N2 O8'
MG non-polymer 'MAGNESIUM ION' 'Mg 2'
U RNA linking URIDINE-5'-MONOPHOSPHATE 'C9 H13 N2 O9 P'
#
# COMPACT_ATOMS: atom_id res chain seq x y z
N MET G 1 -19.94 -60.14 42.25
CA MET G 1 -20.48 -58.87 42.82
C MET G 1 -19.67 -57.67 42.34
N ASN G 2 -19.81 -57.34 41.06
CA ASN G 2 -19.10 -56.22 40.43
C ASN G 2 -19.78 -55.74 39.15
N LEU G 3 -19.43 -54.54 38.71
CA LEU G 3 -19.93 -53.99 37.45
C LEU G 3 -18.90 -53.07 36.75
N THR G 4 -17.63 -53.22 37.14
CA THR G 4 -16.52 -52.52 36.48
C THR G 4 -15.63 -53.49 35.70
N GLU G 5 -16.25 -54.55 35.18
CA GLU G 5 -15.56 -55.52 34.34
C GLU G 5 -15.10 -54.84 33.05
N LEU G 6 -15.99 -54.03 32.47
CA LEU G 6 -15.69 -53.25 31.27
C LEU G 6 -16.71 -52.12 31.10
N LYS G 7 -16.24 -50.88 31.22
CA LYS G 7 -17.09 -49.70 31.04
C LYS G 7 -16.83 -49.07 29.68
N ASN G 8 -15.57 -49.07 29.27
CA ASN G 8 -15.16 -48.60 27.95
C ASN G 8 -15.47 -49.66 26.88
N THR G 9 -16.72 -49.72 26.47
CA THR G 9 -17.16 -50.69 25.45
C THR G 9 -17.91 -49.98 24.32
N PRO G 10 -17.77 -50.48 23.09
CA PRO G 10 -18.51 -49.96 21.93
C PRO G 10 -20.03 -50.00 22.10
N VAL G 11 -20.74 -49.21 21.29
CA VAL G 11 -22.19 -49.03 21.41
C VAL G 11 -22.96 -50.34 21.18
N SER G 12 -22.77 -50.94 20.00
CA SER G 12 -23.48 -52.16 19.61
C SER G 12 -23.18 -53.33 20.52
N GLU G 13 -21.97 -53.35 21.09
CA GLU G 13 -21.56 -54.39 22.02
C GLU G 13 -22.17 -54.19 23.40
N LEU G 14 -22.24 -52.93 23.85
CA LEU G 14 -22.77 -52.59 25.18
C LEU G 14 -24.17 -53.17 25.42
N ILE G 15 -24.88 -53.46 24.34
CA ILE G 15 -26.21 -54.05 24.41
C ILE G 15 -26.12 -55.57 24.74
N THR G 16 -25.04 -55.96 25.41
CA THR G 16 -24.86 -57.34 25.90
C THR G 16 -25.98 -57.71 26.86
N LEU G 17 -26.19 -56.85 27.85
CA LEU G 17 -27.26 -57.03 28.82
C LEU G 17 -28.62 -56.64 28.25
N GLY G 18 -28.60 -55.79 27.21
CA GLY G 18 -29.83 -55.44 26.49
C GLY G 18 -30.46 -56.62 25.78
N GLU G 19 -29.75 -57.75 25.79
CA GLU G 19 -30.27 -59.01 25.23
C GLU G 19 -30.28 -60.09 26.31
N ASN G 20 -30.19 -59.68 27.58
CA ASN G 20 -30.16 -60.59 28.72
C ASN G 20 -31.03 -60.13 29.89
N MET G 21 -31.11 -58.81 30.10
CA MET G 21 -31.89 -58.23 31.19
C MET G 21 -33.38 -58.21 30.87
N GLY G 22 -34.20 -57.90 31.87
CA GLY G 22 -35.64 -57.79 31.70
C GLY G 22 -36.08 -56.38 31.34
N LEU G 23 -35.42 -55.81 30.33
CA LEU G 23 -35.72 -54.45 29.87
C LEU G 23 -36.79 -54.46 28.79
N GLU G 24 -37.70 -53.48 28.87
CA GLU G 24 -38.85 -53.39 27.95
C GLU G 24 -38.42 -53.03 26.53
N ASN G 25 -38.11 -51.76 26.30
CA ASN G 25 -37.69 -51.29 24.98
C ASN G 25 -36.50 -50.33 25.05
N LEU G 26 -35.53 -50.56 24.18
CA LEU G 26 -34.31 -49.74 24.15
C LEU G 26 -34.04 -49.22 22.74
N ALA G 27 -35.09 -48.77 22.07
CA ALA G 27 -35.02 -48.32 20.68
C ALA G 27 -34.30 -46.98 20.53
N ARG G 28 -34.78 -45.97 21.25
CA ARG G 28 -34.18 -44.63 21.18
C ARG G 28 -33.53 -44.23 22.49
N MET G 29 -32.43 -44.90 22.82
CA MET G 29 -31.63 -44.58 24.00
C MET G 29 -30.16 -44.52 23.62
N ARG G 30 -29.47 -43.47 24.09
CA ARG G 30 -28.05 -43.26 23.81
C ARG G 30 -27.17 -44.28 24.54
N LYS G 31 -25.89 -44.32 24.16
CA LYS G 31 -24.91 -45.22 24.81
C LYS G 31 -24.76 -44.88 26.29
N GLN G 32 -24.56 -43.60 26.58
CA GLN G 32 -24.42 -43.10 27.95
C GLN G 32 -25.74 -43.22 28.70
N ASP G 33 -26.83 -43.26 27.94
CA ASP G 33 -28.18 -43.36 28.50
C ASP G 33 -28.51 -44.80 28.91
N ILE G 34 -28.01 -45.77 28.16
CA ILE G 34 -28.33 -47.18 28.38
C ILE G 34 -27.60 -47.78 29.59
N ILE G 35 -26.44 -47.22 29.94
CA ILE G 35 -25.68 -47.66 31.12
C ILE G 35 -26.43 -47.27 32.39
N PHE G 36 -27.12 -46.13 32.34
CA PHE G 36 -27.91 -45.64 33.46
C PHE G 36 -29.07 -46.58 33.84
N ALA G 37 -29.72 -47.14 32.83
CA ALA G 37 -30.81 -48.09 33.04
C ALA G 37 -30.31 -49.45 33.52
N ILE G 38 -29.10 -49.81 33.08
CA ILE G 38 -28.45 -51.05 33.49
C ILE G 38 -27.93 -50.97 34.92
N LEU G 39 -27.31 -49.84 35.27
CA LEU G 39 -26.78 -49.60 36.61
C LEU G 39 -27.89 -49.60 37.67
N LYS G 40 -29.04 -49.02 37.34
CA LYS G 40 -30.20 -49.00 38.23
C LYS G 40 -30.82 -50.38 38.41
N GLN G 41 -30.67 -51.23 37.41
CA GLN G 41 -31.19 -52.60 37.45
C GLN G 41 -30.31 -53.51 38.31
N HIS G 42 -28.99 -53.30 38.23
CA HIS G 42 -28.04 -54.02 39.08
C HIS G 42 -28.09 -53.49 40.52
N ALA G 43 -28.85 -52.42 40.71
CA ALA G 43 -29.07 -51.82 42.03
C ALA G 43 -30.36 -52.35 42.66
N LYS G 44 -31.28 -52.83 41.83
CA LYS G 44 -32.56 -53.37 42.28
C LYS G 44 -32.39 -54.65 43.11
N SER G 45 -31.29 -55.37 42.88
CA SER G 45 -30.98 -56.58 43.62
C SER G 45 -29.74 -56.40 44.51
N GLY G 46 -29.72 -55.31 45.26
CA GLY G 46 -28.62 -55.02 46.19
C GLY G 46 -27.26 -54.92 45.52
N GLU G 47 -26.39 -55.86 45.87
CA GLU G 47 -25.04 -55.98 45.27
C GLU G 47 -24.11 -54.79 45.56
N ASP G 48 -22.87 -54.91 45.11
CA ASP G 48 -21.91 -53.81 45.15
C ASP G 48 -21.67 -53.26 43.75
N ILE G 49 -21.63 -51.93 43.64
CA ILE G 49 -21.35 -51.27 42.36
C ILE G 49 -20.09 -50.41 42.48
N PHE G 50 -19.03 -50.85 41.81
CA PHE G 50 -17.78 -50.10 41.73
C PHE G 50 -17.89 -49.06 40.61
N GLY G 51 -16.91 -48.17 40.51
CA GLY G 51 -16.91 -47.14 39.47
C GLY G 51 -15.76 -46.16 39.52
N ASP G 52 -15.50 -45.50 38.40
CA ASP G 52 -14.50 -44.44 38.32
C ASP G 52 -14.84 -43.38 37.27
N GLY G 53 -14.07 -42.29 37.28
CA GLY G 53 -14.23 -41.20 36.33
C GLY G 53 -13.23 -40.09 36.57
N VAL G 54 -13.46 -38.94 35.94
CA VAL G 54 -12.59 -37.78 36.10
C VAL G 54 -13.38 -36.58 36.66
N LEU G 55 -12.85 -35.99 37.72
CA LEU G 55 -13.56 -34.94 38.47
C LEU G 55 -13.66 -33.62 37.71
N GLU G 56 -14.85 -33.03 37.75
CA GLU G 56 -15.11 -31.70 37.20
C GLU G 56 -16.07 -30.95 38.10
N ILE G 57 -15.53 -30.04 38.92
CA ILE G 57 -16.34 -29.26 39.85
C ILE G 57 -17.07 -28.14 39.12
N LEU G 58 -18.39 -28.11 39.26
CA LEU G 58 -19.23 -27.12 38.59
C LEU G 58 -19.19 -25.76 39.31
N GLN G 59 -20.04 -24.84 38.84
CA GLN G 59 -20.11 -23.49 39.38
C GLN G 59 -20.69 -23.43 40.81
N ASP G 60 -21.43 -24.48 41.19
CA ASP G 60 -22.16 -24.48 42.46
C ASP G 60 -21.52 -25.31 43.57
N GLY G 61 -20.26 -25.69 43.39
CA GLY G 61 -19.49 -26.36 44.43
C GLY G 61 -19.47 -27.88 44.39
N PHE G 62 -20.34 -28.47 43.60
CA PHE G 62 -20.37 -29.93 43.42
C PHE G 62 -19.78 -30.36 42.08
N GLY G 63 -19.38 -31.63 42.00
CA GLY G 63 -18.74 -32.16 40.80
C GLY G 63 -19.31 -33.47 40.30
N PHE G 64 -18.80 -33.91 39.15
CA PHE G 64 -19.20 -35.19 38.55
C PHE G 64 -17.99 -35.95 38.03
N LEU G 65 -18.04 -37.28 38.11
CA LEU G 65 -17.01 -38.11 37.48
C LEU G 65 -17.29 -38.27 35.99
N ARG G 66 -16.65 -37.43 35.20
CA ARG G 66 -16.83 -37.43 33.74
C ARG G 66 -16.07 -38.58 33.10
N SER G 67 -16.74 -39.31 32.22
CA SER G 67 -16.15 -40.44 31.51
C SER G 67 -15.10 -39.96 30.50
N ALA G 68 -13.89 -40.48 30.63
CA ALA G 68 -12.78 -40.14 29.73
C ALA G 68 -13.03 -40.70 28.33
N ASP G 69 -13.79 -41.78 28.24
CA ASP G 69 -14.16 -42.41 26.98
C ASP G 69 -15.00 -41.50 26.11
N SER G 70 -16.00 -40.86 26.72
CA SER G 70 -16.94 -40.01 26.01
C SER G 70 -16.40 -38.59 25.79
N SER G 71 -15.08 -38.43 25.94
CA SER G 71 -14.41 -37.12 25.85
C SER G 71 -14.98 -36.12 26.86
N TYR G 72 -15.20 -36.60 28.08
CA TYR G 72 -15.70 -35.79 29.21
C TYR G 72 -17.05 -35.10 28.91
N LEU G 73 -17.90 -35.78 28.14
CA LEU G 73 -19.24 -35.30 27.84
C LEU G 73 -20.18 -35.52 29.02
N ALA G 74 -21.07 -34.57 29.25
CA ALA G 74 -22.08 -34.68 30.31
C ALA G 74 -23.14 -35.71 29.93
N GLY G 75 -23.34 -36.70 30.79
CA GLY G 75 -24.31 -37.77 30.55
C GLY G 75 -24.96 -38.28 31.83
N PRO G 76 -25.95 -39.15 31.69
CA PRO G 76 -26.65 -39.74 32.83
C PRO G 76 -25.78 -40.76 33.58
N ASP G 77 -24.84 -41.38 32.87
CA ASP G 77 -23.96 -42.39 33.44
C ASP G 77 -22.84 -41.80 34.30
N ASP G 78 -22.85 -40.47 34.46
CA ASP G 78 -21.87 -39.78 35.30
C ASP G 78 -22.13 -39.99 36.78
N ILE G 79 -21.06 -40.06 37.57
CA ILE G 79 -21.15 -40.28 39.00
C ILE G 79 -21.00 -38.96 39.76
N TYR G 80 -22.02 -38.62 40.55
CA TYR G 80 -22.07 -37.36 41.29
C TYR G 80 -21.16 -37.36 42.52
N VAL G 81 -20.60 -36.19 42.82
CA VAL G 81 -19.81 -35.98 44.04
C VAL G 81 -20.33 -34.74 44.78
N SER G 82 -20.62 -34.93 46.07
CA SER G 82 -21.11 -33.84 46.92
C SER G 82 -19.98 -32.92 47.38
N PRO G 83 -20.30 -31.66 47.67
CA PRO G 83 -19.32 -30.70 48.21
C PRO G 83 -18.68 -31.18 49.50
N SER G 84 -19.41 -31.98 50.26
CA SER G 84 -18.90 -32.61 51.48
C SER G 84 -17.77 -33.60 51.17
N GLN G 85 -17.94 -34.36 50.09
CA GLN G 85 -16.95 -35.33 49.65
C GLN G 85 -15.72 -34.66 49.03
N ILE G 86 -15.90 -33.44 48.54
CA ILE G 86 -14.80 -32.63 48.01
C ILE G 86 -13.88 -32.15 49.13
N ARG G 87 -14.48 -31.66 50.21
CA ARG G 87 -13.74 -31.17 51.37
C ARG G 87 -13.04 -32.29 52.12
N ARG G 88 -13.67 -33.47 52.14
CA ARG G 88 -13.17 -34.63 52.89
C ARG G 88 -11.79 -35.12 52.42
N PHE G 89 -11.53 -35.01 51.11
CA PHE G 89 -10.31 -35.58 50.53
C PHE G 89 -9.45 -34.58 49.74
N ASN G 90 -9.78 -33.29 49.86
CA ASN G 90 -9.11 -32.22 49.11
C ASN G 90 -9.09 -32.47 47.60
N LEU G 91 -10.24 -32.30 46.97
CA LEU G 91 -10.41 -32.67 45.56
C LEU G 91 -10.57 -31.46 44.64
N ARG G 92 -9.81 -31.48 43.54
CA ARG G 92 -9.88 -30.42 42.54
C ARG G 92 -10.06 -31.00 41.14
N THR G 93 -10.68 -30.22 40.26
CA THR G 93 -10.94 -30.63 38.88
C THR G 93 -9.69 -31.24 38.23
N GLY G 94 -9.85 -32.43 37.65
CA GLY G 94 -8.74 -33.15 37.03
C GLY G 94 -8.35 -34.41 37.77
N ASP G 95 -8.94 -34.62 38.94
CA ASP G 95 -8.70 -35.82 39.75
C ASP G 95 -9.40 -37.04 39.16
N THR G 96 -8.71 -38.19 39.21
CA THR G 96 -9.26 -39.44 38.70
C THR G 96 -9.72 -40.32 39.87
N ILE G 97 -10.94 -40.05 40.35
CA ILE G 97 -11.49 -40.75 41.50
C ILE G 97 -12.04 -42.12 41.10
N SER G 98 -11.78 -43.12 41.94
CA SER G 98 -12.29 -44.48 41.73
C SER G 98 -12.77 -45.10 43.04
N GLY G 99 -13.72 -46.03 42.93
CA GLY G 99 -14.25 -46.73 44.10
C GLY G 99 -15.73 -47.07 43.99
N LYS G 100 -16.31 -47.50 45.11
CA LYS G 100 -17.72 -47.88 45.15
C LYS G 100 -18.65 -46.69 44.98
N ILE G 101 -19.75 -46.91 44.28
CA ILE G 101 -20.77 -45.88 44.08
C ILE G 101 -22.14 -46.33 44.61
N ARG G 102 -23.07 -45.39 44.73
CA ARG G 102 -24.42 -45.68 45.25
C ARG G 102 -25.53 -45.32 44.25
N PRO G 103 -26.64 -46.06 44.31
CA PRO G 103 -27.82 -45.75 43.48
C PRO G 103 -28.51 -44.47 43.94
N PRO G 104 -29.19 -43.77 43.02
CA PRO G 104 -29.92 -42.55 43.35
C PRO G 104 -31.13 -42.79 44.26
N LYS G 105 -31.47 -41.79 45.07
CA LYS G 105 -32.63 -41.86 45.95
C LYS G 105 -33.89 -41.37 45.22
N GLU G 106 -34.86 -40.87 45.98
CA GLU G 106 -36.07 -40.29 45.41
C GLU G 106 -35.91 -38.78 45.29
N GLY G 107 -36.03 -38.28 44.05
CA GLY G 107 -35.75 -36.88 43.75
C GLY G 107 -34.28 -36.67 43.40
N GLU G 108 -33.58 -37.76 43.08
CA GLU G 108 -32.18 -37.71 42.69
C GLU G 108 -32.00 -38.22 41.26
N ARG G 109 -31.28 -37.45 40.46
CA ARG G 109 -31.07 -37.76 39.04
C ARG G 109 -29.89 -38.70 38.83
N TYR G 110 -28.76 -38.38 39.46
CA TYR G 110 -27.49 -39.05 39.20
C TYR G 110 -27.16 -40.16 40.19
N PHE G 111 -26.31 -41.07 39.77
CA PHE G 111 -25.62 -41.99 40.68
C PHE G 111 -24.57 -41.21 41.44
N ALA G 112 -24.39 -41.53 42.72
CA ALA G 112 -23.44 -40.82 43.57
C ALA G 112 -22.29 -41.71 44.05
N LEU G 113 -21.16 -41.09 44.32
CA LEU G 113 -19.98 -41.80 44.83
C LEU G 113 -20.19 -42.19 46.29
N LEU G 114 -19.84 -43.43 46.64
CA LEU G 114 -19.99 -43.94 48.00
C LEU G 114 -18.63 -43.94 48.73
N LYS G 115 -17.71 -44.78 48.25
CA LYS G 115 -16.40 -44.92 48.87
C LYS G 115 -15.28 -44.53 47.90
N VAL G 116 -14.26 -43.87 48.44
CA VAL G 116 -13.12 -43.43 47.64
C VAL G 116 -11.94 -44.39 47.83
N ASN G 117 -11.57 -45.08 46.74
CA ASN G 117 -10.46 -46.02 46.76
C ASN G 117 -9.14 -45.41 46.32
N GLU G 118 -9.08 -44.93 45.08
CA GLU G 118 -7.87 -44.32 44.53
C GLU G 118 -8.12 -42.91 43.99
N VAL G 119 -7.27 -41.98 44.42
CA VAL G 119 -7.24 -40.62 43.89
C VAL G 119 -5.95 -40.45 43.09
N ASN G 120 -6.09 -40.10 41.81
CA ASN G 120 -4.96 -40.02 40.87
C ASN G 120 -4.17 -41.33 40.81
N PHE G 121 -4.89 -42.45 40.85
CA PHE G 121 -4.32 -43.79 40.91
C PHE G 121 -3.36 -43.96 42.10
N ASP G 122 -3.80 -43.48 43.26
CA ASP G 122 -2.99 -43.51 44.49
C ASP G 122 -3.90 -43.42 45.72
N LYS G 123 -3.41 -43.93 46.84
CA LYS G 123 -4.15 -43.87 48.11
C LYS G 123 -4.35 -42.42 48.55
N PRO G 124 -5.53 -42.12 49.11
CA PRO G 124 -5.85 -40.77 49.58
C PRO G 124 -5.01 -40.33 50.79
N GLU G 125 -3.73 -40.07 50.54
CA GLU G 125 -2.80 -39.60 51.56
C GLU G 125 -1.76 -38.66 50.94
N ASN G 126 -2.10 -38.06 49.80
CA ASN G 126 -1.20 -37.17 49.07
C ASN G 126 -1.92 -35.96 48.51
N ASN G 129 1.50 -34.10 46.39
CA ASN G 129 1.29 -33.01 47.33
C ASN G 129 1.22 -31.64 46.65
N LYS G 130 2.39 -31.10 46.32
CA LYS G 130 2.50 -29.77 45.71
C LYS G 130 1.87 -29.74 44.31
N ILE G 131 1.27 -28.60 43.99
CA ILE G 131 0.55 -28.43 42.71
C ILE G 131 1.41 -27.79 41.62
N LEU G 132 0.98 -27.96 40.38
CA LEU G 132 1.71 -27.48 39.20
C LEU G 132 1.94 -25.97 39.20
N PHE G 133 1.02 -25.24 39.83
CA PHE G 133 1.07 -23.78 39.87
C PHE G 133 2.25 -23.24 40.68
N GLU G 134 2.77 -24.06 41.59
CA GLU G 134 3.92 -23.67 42.41
C GLU G 134 5.14 -24.57 42.21
N ASN G 135 5.05 -25.48 41.23
CA ASN G 135 6.19 -26.31 40.85
C ASN G 135 7.25 -25.47 40.12
N LEU G 136 8.48 -25.49 40.65
CA LEU G 136 9.59 -24.74 40.08
C LEU G 136 9.96 -25.27 38.70
N THR G 137 10.05 -24.36 37.72
CA THR G 137 10.26 -24.74 36.31
C THR G 137 11.55 -24.13 35.70
N PRO G 138 12.67 -24.86 35.80
CA PRO G 138 13.97 -24.33 35.38
C PRO G 138 14.29 -24.43 33.87
N LEU G 139 14.37 -25.65 33.33
CA LEU G 139 14.75 -25.86 31.93
C LEU G 139 14.02 -27.06 31.34
N HIS G 140 14.03 -27.19 30.02
CA HIS G 140 13.44 -28.36 29.36
C HIS G 140 14.49 -29.47 29.14
N ALA G 141 15.75 -29.15 29.44
CA ALA G 141 16.86 -30.04 29.13
C ALA G 141 17.53 -30.67 30.35
N ASN G 142 17.10 -31.90 30.63
CA ASN G 142 17.74 -32.81 31.59
C ASN G 142 17.34 -34.20 31.16
N SER G 143 16.25 -34.25 30.39
CA SER G 143 15.68 -35.48 29.85
C SER G 143 15.23 -35.25 28.40
N ARG G 144 15.36 -36.29 27.59
CA ARG G 144 15.13 -36.19 26.14
C ARG G 144 14.25 -37.34 25.63
N LEU G 145 13.31 -37.01 24.76
CA LEU G 145 12.50 -38.01 24.08
C LEU G 145 13.04 -38.28 22.68
N ARG G 146 13.97 -39.22 22.59
CA ARG G 146 14.58 -39.61 21.30
C ARG G 146 13.59 -40.41 20.46
N MET G 147 13.49 -40.05 19.19
CA MET G 147 12.51 -40.65 18.29
C MET G 147 13.18 -41.21 17.03
N GLY G 152 14.74 -49.45 10.35
CA GLY G 152 14.90 -48.31 9.46
C GLY G 152 13.83 -48.26 8.38
N SER G 153 12.58 -48.11 8.82
CA SER G 153 11.44 -48.04 7.91
C SER G 153 11.20 -46.62 7.42
N THR G 154 10.35 -46.49 6.40
CA THR G 154 9.97 -45.18 5.85
C THR G 154 8.97 -44.45 6.77
N GLU G 155 8.39 -45.20 7.70
CA GLU G 155 7.56 -44.61 8.75
C GLU G 155 8.45 -43.91 9.79
N ASP G 156 9.72 -44.28 9.79
CA ASP G 156 10.73 -43.64 10.62
C ASP G 156 11.48 -42.55 9.85
N LEU G 157 10.88 -42.11 8.74
CA LEU G 157 11.41 -40.99 7.96
C LEU G 157 10.70 -39.68 8.31
N THR G 158 9.46 -39.79 8.81
CA THR G 158 8.73 -38.64 9.32
C THR G 158 9.03 -38.45 10.81
N ALA G 159 9.98 -39.23 11.32
CA ALA G 159 10.41 -39.14 12.71
C ALA G 159 11.93 -38.92 12.83
N ARG G 160 12.66 -39.34 11.80
CA ARG G 160 14.12 -39.22 11.78
C ARG G 160 14.57 -37.78 11.62
N VAL G 161 13.91 -37.05 10.72
CA VAL G 161 14.21 -35.65 10.45
C VAL G 161 14.04 -34.81 11.71
N LEU G 162 13.03 -35.14 12.51
CA LEU G 162 12.72 -34.44 13.75
C LEU G 162 13.90 -34.38 14.73
N ASP G 163 14.53 -35.53 14.97
CA ASP G 163 15.66 -35.61 15.90
C ASP G 163 16.95 -35.03 15.31
N LEU G 164 16.82 -34.33 14.19
CA LEU G 164 17.93 -33.62 13.57
C LEU G 164 17.57 -32.15 13.31
N ALA G 165 16.29 -31.92 12.97
CA ALA G 165 15.79 -30.58 12.73
C ALA G 165 15.37 -29.89 14.02
N SER G 166 14.56 -30.58 14.82
CA SER G 166 14.01 -30.03 16.05
C SER G 166 13.69 -31.10 17.10
N PRO G 167 14.66 -31.43 17.96
CA PRO G 167 14.46 -32.42 19.02
C PRO G 167 13.33 -32.10 20.00
N ILE G 168 12.76 -33.15 20.58
CA ILE G 168 11.65 -33.04 21.51
C ILE G 168 12.14 -33.35 22.92
N GLY G 169 12.15 -32.33 23.78
CA GLY G 169 12.55 -32.49 25.18
C GLY G 169 11.40 -32.94 26.06
N ARG G 170 11.73 -33.54 27.19
CA ARG G 170 10.74 -33.97 28.16
C ARG G 170 10.25 -32.78 28.99
N GLY G 171 9.00 -32.38 28.76
CA GLY G 171 8.44 -31.20 29.40
C GLY G 171 8.79 -29.94 28.62
N GLN G 172 8.54 -29.98 27.32
CA GLN G 172 8.93 -28.90 26.41
C GLN G 172 7.72 -28.36 25.64
N ARG G 173 7.70 -27.04 25.47
CA ARG G 173 6.64 -26.37 24.72
C ARG G 173 6.96 -26.37 23.22
N GLY G 174 6.18 -27.11 22.45
CA GLY G 174 6.41 -27.25 21.01
C GLY G 174 5.26 -26.72 20.17
N LEU G 175 5.61 -26.07 19.06
CA LEU G 175 4.61 -25.51 18.15
C LEU G 175 4.85 -25.95 16.71
N ILE G 176 3.85 -26.64 16.15
CA ILE G 176 3.88 -27.07 14.75
C ILE G 176 3.10 -26.07 13.90
N VAL G 177 3.77 -25.49 12.90
CA VAL G 177 3.14 -24.49 12.03
C VAL G 177 2.85 -25.11 10.66
N ALA G 178 1.57 -25.15 10.28
CA ALA G 178 1.14 -25.81 9.05
C ALA G 178 -0.05 -25.15 8.37
N PRO G 179 0.07 -24.92 7.06
CA PRO G 179 -1.06 -24.50 6.23
C PRO G 179 -1.94 -25.69 5.85
N PRO G 180 -3.18 -25.44 5.41
CA PRO G 180 -4.08 -26.51 4.96
C PRO G 180 -3.42 -27.43 3.93
N LYS G 181 -3.56 -28.74 4.14
CA LYS G 181 -2.97 -29.78 3.27
C LYS G 181 -1.45 -29.70 3.21
N ALA G 182 -0.80 -29.99 4.34
CA ALA G 182 0.66 -29.96 4.42
C ALA G 182 1.23 -31.24 5.03
N GLY G 183 0.34 -32.15 5.41
CA GLY G 183 0.74 -33.40 6.05
C GLY G 183 0.89 -33.21 7.55
N LYS G 184 -0.11 -32.59 8.16
CA LYS G 184 -0.08 -32.21 9.57
C LYS G 184 -0.68 -33.29 10.48
N THR G 185 -1.82 -33.85 10.07
CA THR G 185 -2.56 -34.82 10.87
C THR G 185 -1.76 -36.11 11.10
N MET G 186 -1.12 -36.60 10.04
CA MET G 186 -0.34 -37.83 10.12
C MET G 186 1.04 -37.64 10.77
N LEU G 187 1.50 -36.39 10.83
CA LEU G 187 2.72 -36.06 11.55
C LEU G 187 2.52 -36.29 13.04
N LEU G 188 1.34 -35.91 13.54
CA LEU G 188 0.94 -36.18 14.92
C LEU G 188 0.77 -37.67 15.16
N GLN G 189 0.29 -38.38 14.13
CA GLN G 189 0.16 -39.83 14.16
C GLN G 189 1.53 -40.51 14.11
N ASN G 190 2.53 -39.80 13.58
CA ASN G 190 3.89 -40.30 13.54
C ASN G 190 4.65 -39.98 14.84
N ILE G 191 4.26 -38.90 15.50
CA ILE G 191 4.74 -38.58 16.84
C ILE G 191 4.21 -39.63 17.82
N ALA G 192 2.91 -39.90 17.72
CA ALA G 192 2.23 -40.86 18.59
C ALA G 192 2.84 -42.26 18.51
N GLN G 193 3.33 -42.63 17.34
CA GLN G 193 4.02 -43.91 17.15
C GLN G 193 5.42 -43.88 17.76
N SER G 194 6.16 -42.81 17.47
CA SER G 194 7.55 -42.69 17.92
C SER G 194 7.67 -42.31 19.40
N ILE G 195 6.54 -42.24 20.09
CA ILE G 195 6.51 -41.97 21.53
C ILE G 195 5.98 -43.19 22.31
N ALA G 196 4.99 -43.87 21.74
CA ALA G 196 4.43 -45.08 22.35
C ALA G 196 5.33 -46.30 22.13
N TYR G 197 5.87 -46.42 20.92
CA TYR G 197 6.78 -47.51 20.55
C TYR G 197 8.23 -47.17 20.98
N ASN G 198 8.35 -46.27 21.95
CA ASN G 198 9.65 -45.83 22.45
C ASN G 198 9.63 -45.48 23.95
N HIS G 199 8.55 -44.82 24.38
CA HIS G 199 8.38 -44.44 25.78
C HIS G 199 6.97 -44.75 26.28
N PRO G 200 6.68 -46.02 26.59
CA PRO G 200 5.37 -46.41 27.09
C PRO G 200 5.29 -46.29 28.63
N ASP G 201 5.60 -45.11 29.14
CA ASP G 201 5.58 -44.83 30.57
C ASP G 201 4.91 -43.49 30.86
N CYS G 202 5.17 -42.52 30.00
CA CYS G 202 4.56 -41.20 30.09
C CYS G 202 3.16 -41.21 29.49
N VAL G 203 2.19 -40.77 30.28
CA VAL G 203 0.78 -40.77 29.87
C VAL G 203 0.55 -39.86 28.66
N LEU G 204 0.19 -40.46 27.53
CA LEU G 204 -0.02 -39.73 26.29
C LEU G 204 -1.48 -39.33 26.12
N MET G 205 -1.70 -38.03 25.94
CA MET G 205 -3.04 -37.48 25.71
C MET G 205 -3.07 -36.76 24.36
N VAL G 206 -3.93 -37.22 23.47
CA VAL G 206 -4.08 -36.61 22.15
C VAL G 206 -5.40 -35.85 22.06
N LEU G 207 -5.30 -34.53 22.01
CA LEU G 207 -6.48 -33.66 22.03
C LEU G 207 -6.71 -33.00 20.67
N LEU G 208 -7.94 -33.09 20.17
CA LEU G 208 -8.31 -32.53 18.87
C LEU G 208 -9.52 -31.61 19.02
N ILE G 209 -9.35 -30.34 18.69
CA ILE G 209 -10.41 -29.35 18.84
C ILE G 209 -11.08 -29.05 17.49
N ASP G 210 -12.41 -29.12 17.47
CA ASP G 210 -13.21 -28.81 16.28
C ASP G 210 -12.84 -29.67 15.08
N GLU G 211 -12.58 -30.96 15.34
CA GLU G 211 -12.11 -31.89 14.31
C GLU G 211 -13.27 -32.71 13.73
N ARG G 212 -13.04 -33.28 12.55
CA ARG G 212 -14.02 -34.12 11.85
C ARG G 212 -14.25 -35.46 12.56
N PRO G 213 -15.42 -36.06 12.36
CA PRO G 213 -15.77 -37.33 12.99
C PRO G 213 -14.94 -38.52 12.49
N GLU G 214 -14.55 -38.50 11.22
CA GLU G 214 -13.74 -39.57 10.64
C GLU G 214 -12.27 -39.46 11.07
N GLU G 215 -11.83 -38.23 11.35
CA GLU G 215 -10.45 -37.97 11.77
C GLU G 215 -10.20 -38.36 13.22
N VAL G 216 -11.22 -38.19 14.08
CA VAL G 216 -11.10 -38.56 15.49
C VAL G 216 -11.10 -40.08 15.69
N THR G 217 -11.92 -40.78 14.93
CA THR G 217 -11.99 -42.25 15.00
C THR G 217 -10.72 -42.91 14.47
N GLU G 218 -10.13 -42.30 13.44
CA GLU G 218 -8.86 -42.75 12.88
C GLU G 218 -7.72 -42.49 13.87
N MET G 219 -7.76 -41.33 14.52
CA MET G 219 -6.81 -40.97 15.56
C MET G 219 -7.00 -41.86 16.80
N GLN G 220 -8.26 -42.20 17.08
CA GLN G 220 -8.60 -43.07 18.21
C GLN G 220 -8.11 -44.49 17.96
N ARG G 221 -8.02 -44.88 16.69
CA ARG G 221 -7.59 -46.22 16.31
C ARG G 221 -6.07 -46.36 16.32
N LEU G 222 -5.38 -45.48 15.59
CA LEU G 222 -3.93 -45.60 15.39
C LEU G 222 -3.10 -45.23 16.63
N VAL G 223 -3.65 -44.38 17.48
CA VAL G 223 -2.92 -43.90 18.66
C VAL G 223 -3.23 -44.74 19.90
N LYS G 224 -2.18 -45.12 20.63
CA LYS G 224 -2.31 -45.86 21.89
C LYS G 224 -2.34 -44.89 23.07
N GLY G 225 -3.51 -44.78 23.71
CA GLY G 225 -3.67 -43.92 24.88
C GLY G 225 -4.95 -43.11 24.87
N GLU G 226 -4.97 -42.05 25.67
CA GLU G 226 -6.13 -41.18 25.82
C GLU G 226 -6.31 -40.29 24.59
N VAL G 227 -7.43 -40.47 23.89
CA VAL G 227 -7.76 -39.63 22.73
C VAL G 227 -9.08 -38.90 22.97
N VAL G 228 -8.96 -37.63 23.38
CA VAL G 228 -10.12 -36.79 23.66
C VAL G 228 -10.26 -35.77 22.52
N ALA G 229 -11.48 -35.60 22.02
CA ALA G 229 -11.72 -34.68 20.90
C ALA G 229 -13.13 -34.11 20.87
N SER G 230 -13.26 -32.93 20.26
CA SER G 230 -14.55 -32.27 20.06
C SER G 230 -14.88 -32.19 18.58
N THR G 231 -16.14 -32.49 18.24
CA THR G 231 -16.58 -32.54 16.85
C THR G 231 -17.12 -31.18 16.39
N PHE G 232 -17.21 -31.00 15.08
CA PHE G 232 -17.61 -29.72 14.49
C PHE G 232 -19.08 -29.33 14.76
N ASP G 233 -19.92 -30.32 15.05
CA ASP G 233 -21.33 -30.10 15.34
C ASP G 233 -21.56 -29.59 16.77
N GLU G 234 -20.56 -29.78 17.62
CA GLU G 234 -20.65 -29.40 19.03
C GLU G 234 -20.49 -27.89 19.22
N PRO G 235 -21.19 -27.33 20.22
CA PRO G 235 -21.14 -25.90 20.51
C PRO G 235 -19.74 -25.41 20.89
N ALA G 236 -19.51 -24.10 20.75
CA ALA G 236 -18.22 -23.49 21.02
C ALA G 236 -17.76 -23.67 22.47
N SER G 237 -18.72 -23.86 23.37
CA SER G 237 -18.45 -24.06 24.80
C SER G 237 -17.81 -25.41 25.08
N ARG G 238 -18.21 -26.44 24.33
CA ARG G 238 -17.68 -27.80 24.51
C ARG G 238 -16.26 -27.98 24.02
N HIS G 239 -15.86 -27.18 23.03
CA HIS G 239 -14.48 -27.18 22.55
C HIS G 239 -13.53 -26.73 23.66
N VAL G 240 -14.03 -25.88 24.55
CA VAL G 240 -13.30 -25.43 25.72
C VAL G 240 -13.26 -26.52 26.79
N GLN G 241 -14.43 -27.06 27.12
CA GLN G 241 -14.60 -28.04 28.20
C GLN G 241 -13.61 -29.20 28.12
N VAL G 242 -13.41 -29.74 26.92
CA VAL G 242 -12.48 -30.85 26.71
C VAL G 242 -11.02 -30.47 27.00
N ALA G 243 -10.60 -29.33 26.45
CA ALA G 243 -9.26 -28.80 26.68
C ALA G 243 -9.06 -28.38 28.14
N GLU G 244 -10.14 -27.87 28.73
CA GLU G 244 -10.15 -27.47 30.14
C GLU G 244 -10.03 -28.69 31.05
N MET G 245 -10.52 -29.84 30.57
CA MET G 245 -10.49 -31.09 31.34
C MET G 245 -9.22 -31.89 31.13
N VAL G 246 -8.68 -31.86 29.91
CA VAL G 246 -7.45 -32.58 29.57
C VAL G 246 -6.24 -31.99 30.28
N ILE G 247 -6.14 -30.66 30.27
CA ILE G 247 -5.01 -29.96 30.86
C ILE G 247 -5.07 -29.94 32.40
N GLU G 248 -6.28 -30.04 32.94
CA GLU G 248 -6.48 -30.03 34.39
C GLU G 248 -6.18 -31.41 34.99
N LYS G 249 -6.30 -32.45 34.17
CA LYS G 249 -5.92 -33.80 34.56
C LYS G 249 -4.42 -34.01 34.38
N ALA G 250 -3.87 -33.42 33.32
CA ALA G 250 -2.45 -33.52 33.00
C ALA G 250 -1.56 -32.99 34.15
N LYS G 251 -1.87 -31.78 34.61
CA LYS G 251 -1.13 -31.16 35.72
C LYS G 251 -1.20 -32.02 36.99
N ARG G 252 -2.37 -32.60 37.24
CA ARG G 252 -2.62 -33.44 38.41
C ARG G 252 -1.72 -34.67 38.43
N LEU G 253 -1.34 -35.14 37.24
CA LEU G 253 -0.44 -36.27 37.11
C LEU G 253 1.03 -35.85 37.22
N VAL G 254 1.33 -34.63 36.77
CA VAL G 254 2.67 -34.06 36.91
C VAL G 254 2.97 -33.75 38.38
N GLU G 255 1.91 -33.59 39.18
CA GLU G 255 2.03 -33.40 40.62
C GLU G 255 2.61 -34.64 41.31
N HIS G 256 2.45 -35.81 40.67
CA HIS G 256 3.01 -37.06 41.17
C HIS G 256 4.34 -37.40 40.50
N LYS G 257 5.08 -36.37 40.09
CA LYS G 257 6.38 -36.50 39.42
C LYS G 257 6.35 -37.38 38.17
N LYS G 258 5.21 -37.38 37.49
CA LYS G 258 5.01 -38.18 36.28
C LYS G 258 5.04 -37.30 35.03
N ASP G 259 5.50 -37.87 33.92
CA ASP G 259 5.61 -37.15 32.66
C ASP G 259 4.32 -37.27 31.84
N VAL G 260 3.85 -36.15 31.31
CA VAL G 260 2.64 -36.13 30.48
C VAL G 260 2.89 -35.38 29.17
N ILE G 261 2.49 -35.97 28.06
CA ILE G 261 2.63 -35.35 26.75
C ILE G 261 1.25 -35.12 26.12
N ILE G 262 0.96 -33.86 25.81
CA ILE G 262 -0.29 -33.50 25.13
C ILE G 262 -0.03 -33.12 23.68
N LEU G 263 -0.63 -33.89 22.77
CA LEU G 263 -0.57 -33.58 21.34
C LEU G 263 -1.85 -32.86 20.92
N LEU G 264 -1.94 -31.59 21.29
CA LEU G 264 -3.10 -30.75 20.95
C LEU G 264 -3.13 -30.42 19.46
N ASP G 265 -4.33 -30.46 18.89
CA ASP G 265 -4.54 -30.06 17.51
C ASP G 265 -5.17 -28.67 17.44
N SER G 266 -4.48 -27.77 16.74
CA SER G 266 -4.95 -26.41 16.46
C SER G 266 -5.16 -25.57 17.73
N ILE G 267 -4.14 -24.77 18.07
CA ILE G 267 -4.29 -23.76 19.11
C ILE G 267 -5.30 -22.71 18.65
N THR G 268 -5.27 -22.42 17.35
CA THR G 268 -6.20 -21.49 16.73
C THR G 268 -7.65 -21.93 16.93
N ARG G 269 -7.97 -23.17 16.53
CA ARG G 269 -9.32 -23.71 16.68
C ARG G 269 -9.77 -23.80 18.14
N LEU G 270 -8.80 -23.91 19.04
CA LEU G 270 -9.08 -23.84 20.48
C LEU G 270 -9.31 -22.39 20.91
N ALA G 271 -8.48 -21.48 20.38
CA ALA G 271 -8.60 -20.05 20.69
C ALA G 271 -9.85 -19.43 20.08
N ARG G 272 -10.25 -19.92 18.91
CA ARG G 272 -11.48 -19.46 18.25
C ARG G 272 -12.71 -19.82 19.08
N ALA G 273 -12.62 -20.93 19.81
CA ALA G 273 -13.65 -21.32 20.76
C ALA G 273 -13.62 -20.43 22.00
N TYR G 274 -12.42 -20.26 22.57
CA TYR G 274 -12.21 -19.38 23.73
C TYR G 274 -12.60 -17.93 23.42
N ASN G 275 -12.65 -17.59 22.14
CA ASN G 275 -13.02 -16.25 21.70
C ASN G 275 -14.53 -16.05 21.65
N THR G 276 -15.24 -17.01 21.05
CA THR G 276 -16.69 -16.92 20.90
C THR G 276 -17.43 -17.20 22.22
N VAL G 277 -16.67 -17.37 23.31
CA VAL G 277 -17.25 -17.69 24.62
C VAL G 277 -16.97 -16.61 25.70
N VAL G 278 -16.38 -15.49 25.29
CA VAL G 278 -16.26 -14.26 26.11
C VAL G 278 -15.38 -13.21 25.44
N PRO G 279 -16.03 -12.12 25.07
CA PRO G 279 -15.44 -11.00 24.38
C PRO G 279 -15.51 -9.67 25.14
N ALA G 280 -15.08 -8.61 24.45
CA ALA G 280 -15.07 -7.22 24.94
C ALA G 280 -13.77 -6.52 24.52
N VAL G 284 -14.42 -4.73 22.72
CA VAL G 284 -13.20 -4.22 22.06
C VAL G 284 -12.51 -5.34 21.29
N LEU G 285 -12.36 -5.14 19.98
CA LEU G 285 -11.76 -6.16 19.12
C LEU G 285 -10.70 -5.60 18.17
N THR G 286 -9.75 -6.46 17.81
CA THR G 286 -8.75 -6.15 16.79
C THR G 286 -8.77 -7.22 15.70
N GLY G 287 -9.48 -6.92 14.61
CA GLY G 287 -9.57 -7.83 13.46
C GLY G 287 -10.44 -9.05 13.68
N GLY G 288 -11.43 -8.91 14.57
CA GLY G 288 -12.38 -10.00 14.84
C GLY G 288 -11.99 -10.90 16.00
N VAL G 289 -10.91 -10.54 16.70
CA VAL G 289 -10.43 -11.29 17.88
C VAL G 289 -10.36 -10.40 19.11
N ASP G 290 -11.02 -10.82 20.19
CA ASP G 290 -10.89 -10.15 21.49
C ASP G 290 -9.49 -10.41 22.05
N ALA G 291 -8.77 -9.32 22.31
CA ALA G 291 -7.39 -9.39 22.81
C ALA G 291 -7.31 -9.97 24.22
N ASN G 292 -8.40 -9.85 24.98
CA ASN G 292 -8.48 -10.37 26.33
C ASN G 292 -8.76 -11.87 26.35
N ALA G 293 -9.46 -12.35 25.32
CA ALA G 293 -9.88 -13.75 25.23
C ALA G 293 -8.69 -14.71 25.08
N LEU G 294 -7.61 -14.22 24.47
CA LEU G 294 -6.40 -15.02 24.24
C LEU G 294 -5.68 -15.43 25.53
N HIS G 295 -6.08 -14.83 26.65
CA HIS G 295 -5.50 -15.15 27.96
C HIS G 295 -5.73 -16.59 28.38
N ARG G 296 -6.93 -17.11 28.13
CA ARG G 296 -7.30 -18.48 28.52
C ARG G 296 -6.54 -19.59 27.76
N PRO G 297 -6.49 -19.53 26.41
CA PRO G 297 -5.71 -20.50 25.65
C PRO G 297 -4.20 -20.35 25.80
N LYS G 298 -3.74 -19.15 26.17
CA LYS G 298 -2.32 -18.94 26.48
C LYS G 298 -1.90 -19.63 27.78
N ARG G 299 -2.88 -19.81 28.67
CA ARG G 299 -2.69 -20.57 29.90
C ARG G 299 -2.53 -22.07 29.63
N PHE G 300 -3.27 -22.56 28.63
CA PHE G 300 -3.20 -23.96 28.21
C PHE G 300 -1.78 -24.28 27.72
N PHE G 301 -1.34 -23.55 26.71
CA PHE G 301 -0.03 -23.75 26.10
C PHE G 301 1.11 -23.39 27.05
N GLY G 302 0.87 -22.42 27.92
CA GLY G 302 1.86 -21.94 28.87
C GLY G 302 2.17 -22.88 30.02
N ALA G 303 1.33 -23.90 30.20
CA ALA G 303 1.51 -24.87 31.27
C ALA G 303 2.62 -25.88 30.98
N ALA G 304 2.98 -26.01 29.70
CA ALA G 304 4.03 -26.93 29.27
C ALA G 304 5.39 -26.58 29.87
N ARG G 305 5.91 -27.48 30.71
CA ARG G 305 7.16 -27.24 31.43
C ARG G 305 7.80 -28.53 31.95
N ASN G 306 9.11 -28.47 32.17
CA ASN G 306 9.82 -29.51 32.89
C ASN G 306 9.98 -29.10 34.35
N VAL G 307 9.40 -29.88 35.25
CA VAL G 307 9.41 -29.58 36.68
C VAL G 307 10.75 -29.97 37.31
N GLU G 308 11.28 -29.10 38.16
CA GLU G 308 12.54 -29.34 38.86
C GLU G 308 12.44 -30.50 39.86
N GLU G 309 11.33 -30.52 40.61
CA GLU G 309 11.10 -31.56 41.63
C GLU G 309 10.93 -32.95 41.03
N GLY G 310 10.39 -33.00 39.80
CA GLY G 310 10.18 -34.26 39.10
C GLY G 310 8.96 -34.22 38.20
N GLY G 311 8.98 -35.03 37.14
CA GLY G 311 7.90 -35.07 36.18
C GLY G 311 8.00 -33.99 35.14
N SER G 312 7.08 -34.00 34.18
CA SER G 312 7.10 -33.05 33.07
C SER G 312 5.75 -32.91 32.39
N LEU G 313 5.55 -31.78 31.71
CA LEU G 313 4.40 -31.57 30.85
C LEU G 313 4.85 -30.97 29.53
N THR G 314 4.74 -31.76 28.46
CA THR G 314 5.15 -31.31 27.13
C THR G 314 3.98 -31.23 26.16
N ILE G 315 3.69 -30.01 25.72
CA ILE G 315 2.60 -29.77 24.77
C ILE G 315 3.16 -29.41 23.39
N ILE G 316 3.02 -30.35 22.46
CA ILE G 316 3.38 -30.12 21.06
C ILE G 316 2.11 -29.89 20.26
N ALA G 317 1.72 -28.62 20.17
CA ALA G 317 0.47 -28.24 19.53
C ALA G 317 0.72 -27.68 18.13
N THR G 318 -0.36 -27.54 17.37
CA THR G 318 -0.27 -27.00 16.01
C THR G 318 -0.83 -25.59 15.92
N ALA G 319 -0.15 -24.75 15.15
CA ALA G 319 -0.66 -23.45 14.80
C ALA G 319 -1.04 -23.45 13.33
N LEU G 320 -2.19 -22.87 13.00
CA LEU G 320 -2.65 -22.82 11.62
C LEU G 320 -2.32 -21.47 10.98
N ILE G 321 -1.53 -21.53 9.91
CA ILE G 321 -1.20 -20.35 9.11
C ILE G 321 -1.79 -20.50 7.69
N ASP G 322 -2.05 -19.37 7.04
CA ASP G 322 -2.61 -19.34 5.68
C ASP G 322 -3.95 -20.08 5.57
N THR G 323 -4.81 -19.88 6.56
CA THR G 323 -6.14 -20.48 6.57
C THR G 323 -7.09 -19.71 5.64
N GLY G 324 -6.78 -18.43 5.43
CA GLY G 324 -7.63 -17.55 4.65
C GLY G 324 -8.43 -16.61 5.54
N SER G 325 -8.79 -17.11 6.73
CA SER G 325 -9.50 -16.32 7.72
C SER G 325 -8.59 -15.24 8.32
N LYS G 326 -9.15 -14.06 8.52
CA LYS G 326 -8.41 -12.92 9.07
C LYS G 326 -8.11 -13.12 10.56
N MET G 327 -8.90 -13.96 11.22
CA MET G 327 -8.74 -14.26 12.64
C MET G 327 -7.55 -15.18 12.91
N ASP G 328 -7.41 -16.22 12.09
CA ASP G 328 -6.37 -17.24 12.26
C ASP G 328 -4.95 -16.69 12.09
N GLU G 329 -4.83 -15.60 11.33
CA GLU G 329 -3.54 -14.94 11.10
C GLU G 329 -3.07 -14.17 12.33
N VAL G 330 -4.01 -13.73 13.16
CA VAL G 330 -3.70 -13.00 14.38
C VAL G 330 -3.22 -13.94 15.49
N ILE G 331 -3.85 -15.11 15.60
CA ILE G 331 -3.58 -16.06 16.68
C ILE G 331 -2.13 -16.57 16.69
N TYR G 332 -1.67 -17.08 15.54
CA TYR G 332 -0.29 -17.57 15.42
C TYR G 332 0.75 -16.50 15.76
N GLU G 333 0.46 -15.27 15.36
CA GLU G 333 1.31 -14.11 15.64
C GLU G 333 1.50 -13.90 17.15
N GLU G 334 0.45 -14.16 17.93
CA GLU G 334 0.49 -14.03 19.38
C GLU G 334 1.31 -15.15 20.01
N PHE G 335 1.41 -16.28 19.33
CA PHE G 335 2.10 -17.46 19.84
C PHE G 335 3.51 -17.67 19.26
N LYS G 336 3.94 -16.74 18.40
CA LYS G 336 5.26 -16.83 17.79
C LYS G 336 6.38 -16.74 18.82
N GLY G 337 6.86 -17.91 19.23
CA GLY G 337 7.97 -18.00 20.17
C GLY G 337 7.58 -18.06 21.64
N THR G 338 6.28 -18.17 21.91
CA THR G 338 5.80 -18.43 23.27
C THR G 338 6.24 -19.84 23.68
N GLY G 339 6.38 -20.71 22.70
CA GLY G 339 7.03 -22.01 22.88
C GLY G 339 8.52 -21.90 22.62
N ASN G 340 9.25 -22.95 22.97
CA ASN G 340 10.68 -22.99 22.77
C ASN G 340 11.10 -24.10 21.80
N MET G 341 10.18 -24.46 20.90
CA MET G 341 10.39 -25.53 19.94
C MET G 341 9.46 -25.31 18.75
N GLU G 342 10.05 -24.99 17.60
CA GLU G 342 9.26 -24.63 16.42
C GLU G 342 9.50 -25.58 15.23
N LEU G 343 8.41 -26.11 14.69
CA LEU G 343 8.47 -26.96 13.50
C LEU G 343 7.54 -26.44 12.41
N HIS G 344 8.12 -25.75 11.44
CA HIS G 344 7.37 -25.22 10.31
C HIS G 344 7.11 -26.29 9.26
N LEU G 345 5.96 -26.20 8.61
CA LEU G 345 5.60 -27.13 7.54
C LEU G 345 5.40 -26.34 6.25
N SER G 346 6.25 -26.60 5.27
CA SER G 346 6.27 -25.84 4.02
C SER G 346 5.06 -26.14 3.13
N ARG G 347 4.58 -25.11 2.45
CA ARG G 347 3.41 -25.22 1.57
C ARG G 347 3.78 -25.85 0.23
N LYS G 348 4.94 -25.45 -0.30
CA LYS G 348 5.38 -25.86 -1.63
C LYS G 348 5.83 -27.32 -1.73
N ILE G 349 6.35 -27.86 -0.63
CA ILE G 349 6.78 -29.26 -0.59
C ILE G 349 5.55 -30.19 -0.61
N ALA G 350 4.44 -29.69 -0.09
CA ALA G 350 3.17 -30.43 -0.11
C ALA G 350 2.45 -30.32 -1.46
N GLU G 351 2.74 -29.24 -2.20
CA GLU G 351 2.13 -29.01 -3.51
C GLU G 351 2.61 -30.03 -4.55
N LYS G 352 3.86 -30.48 -4.40
CA LYS G 352 4.41 -31.51 -5.27
C LYS G 352 4.68 -32.82 -4.53
N ARG G 353 3.61 -33.38 -3.94
CA ARG G 353 3.58 -34.72 -3.32
C ARG G 353 4.78 -35.17 -2.47
N VAL G 354 5.68 -34.25 -2.11
CA VAL G 354 6.85 -34.63 -1.31
C VAL G 354 6.55 -34.55 0.17
N PHE G 355 6.68 -35.69 0.85
CA PHE G 355 6.35 -35.79 2.27
C PHE G 355 7.58 -35.54 3.16
N PRO G 356 7.67 -36.15 4.33
CA PRO G 356 8.26 -35.49 5.47
C PRO G 356 8.55 -34.03 5.15
N ALA G 357 7.47 -33.31 4.82
CA ALA G 357 7.51 -31.94 4.34
C ALA G 357 7.60 -30.98 5.51
N ILE G 358 8.82 -30.52 5.77
CA ILE G 358 9.10 -29.59 6.85
C ILE G 358 10.09 -28.56 6.32
N ASP G 359 9.94 -27.32 6.74
CA ASP G 359 10.89 -26.29 6.35
C ASP G 359 12.12 -26.35 7.25
N TYR G 360 13.03 -27.29 6.94
CA TYR G 360 14.24 -27.51 7.74
C TYR G 360 14.98 -26.21 8.06
N ASN G 361 14.97 -25.28 7.11
CA ASN G 361 15.67 -24.00 7.23
C ASN G 361 15.17 -23.14 8.39
N ARG G 362 13.91 -22.70 8.31
CA ARG G 362 13.32 -21.84 9.34
C ARG G 362 12.54 -22.62 10.40
N SER G 363 13.02 -23.84 10.67
CA SER G 363 12.45 -24.68 11.72
C SER G 363 13.55 -25.22 12.62
N GLY G 364 13.78 -24.52 13.73
CA GLY G 364 14.80 -24.89 14.69
C GLY G 364 14.17 -25.41 15.97
N THR G 365 14.96 -25.48 17.03
CA THR G 365 14.50 -26.05 18.28
C THR G 365 15.29 -25.51 19.45
N ARG G 366 15.31 -24.17 19.52
CA ARG G 366 16.08 -23.38 20.48
C ARG G 366 16.43 -24.06 21.81
N LYS G 367 17.52 -23.58 22.41
CA LYS G 367 18.05 -24.12 23.66
C LYS G 367 18.59 -25.55 23.49
N GLU G 368 19.01 -25.87 22.27
CA GLU G 368 19.40 -27.23 21.89
C GLU G 368 20.58 -27.80 22.66
N GLU G 369 21.62 -26.97 22.84
CA GLU G 369 22.88 -27.39 23.47
C GLU G 369 22.67 -28.42 24.57
N LEU G 370 21.77 -28.10 25.50
CA LEU G 370 21.56 -28.90 26.69
C LEU G 370 20.67 -30.15 26.47
N LEU G 371 19.97 -30.24 25.34
CA LEU G 371 19.12 -31.39 25.09
C LEU G 371 19.91 -32.58 24.51
N THR G 372 21.04 -32.29 23.89
CA THR G 372 21.91 -33.33 23.32
C THR G 372 23.25 -33.39 24.04
N THR G 373 24.04 -34.42 23.76
CA THR G 373 25.39 -34.57 24.31
C THR G 373 26.31 -33.47 23.78
N GLN G 374 27.42 -33.24 24.49
CA GLN G 374 28.38 -32.18 24.15
C GLN G 374 28.91 -32.22 22.71
N GLU G 375 28.75 -33.37 22.06
CA GLU G 375 29.17 -33.54 20.66
C GLU G 375 28.10 -34.16 19.76
N GLU G 376 26.95 -34.48 20.35
CA GLU G 376 25.79 -34.98 19.59
C GLU G 376 25.22 -33.89 18.69
N LEU G 377 25.40 -32.64 19.14
CA LEU G 377 24.99 -31.46 18.37
C LEU G 377 26.06 -31.01 17.38
N GLN G 378 27.31 -31.41 17.65
CA GLN G 378 28.47 -30.98 16.87
C GLN G 378 28.44 -31.53 15.45
N LYS G 379 27.97 -32.77 15.29
CA LYS G 379 27.81 -33.38 13.98
C LYS G 379 26.43 -33.09 13.37
N MET G 380 25.66 -32.26 14.07
CA MET G 380 24.34 -31.85 13.60
C MET G 380 24.40 -30.44 12.98
N TRP G 381 25.34 -29.64 13.45
CA TRP G 381 25.56 -28.29 12.91
C TRP G 381 26.30 -28.28 11.57
N ILE G 382 26.81 -29.44 11.17
CA ILE G 382 27.51 -29.59 9.88
C ILE G 382 26.52 -29.42 8.72
N LEU G 383 25.41 -30.16 8.77
CA LEU G 383 24.35 -30.04 7.78
C LEU G 383 23.64 -28.70 7.92
N ARG G 384 23.56 -28.21 9.16
CA ARG G 384 22.92 -26.93 9.48
C ARG G 384 23.70 -25.75 8.89
N LYS G 385 24.97 -25.96 8.57
CA LYS G 385 25.80 -24.93 7.96
C LYS G 385 25.80 -24.97 6.43
N ILE G 386 25.33 -26.09 5.86
CA ILE G 386 25.20 -26.24 4.41
C ILE G 386 23.74 -26.33 3.96
N ILE G 387 22.90 -25.44 4.51
CA ILE G 387 21.49 -25.37 4.18
C ILE G 387 21.14 -24.00 3.57
N HIS G 388 21.95 -23.00 3.87
CA HIS G 388 21.77 -21.64 3.35
C HIS G 388 21.79 -21.56 1.81
N PRO G 389 22.77 -22.20 1.15
CA PRO G 389 22.78 -22.25 -0.31
C PRO G 389 21.75 -23.22 -0.90
N MET G 390 21.23 -24.11 -0.05
CA MET G 390 20.24 -25.10 -0.48
C MET G 390 18.86 -24.44 -0.64
N GLY G 391 18.06 -24.98 -1.56
CA GLY G 391 16.75 -24.40 -1.90
C GLY G 391 15.65 -24.69 -0.88
N GLU G 392 14.43 -24.80 -1.39
CA GLU G 392 13.26 -25.06 -0.53
C GLU G 392 12.73 -26.48 -0.74
N ILE G 393 12.18 -26.75 -1.92
CA ILE G 393 11.70 -28.08 -2.29
C ILE G 393 12.85 -29.00 -2.67
N ASP G 394 13.98 -28.40 -3.07
CA ASP G 394 15.19 -29.15 -3.42
C ASP G 394 16.14 -29.26 -2.23
N ALA G 395 15.57 -29.24 -1.02
CA ALA G 395 16.34 -29.35 0.21
C ALA G 395 15.94 -30.59 1.02
N MET G 396 14.71 -31.06 0.80
CA MET G 396 14.20 -32.25 1.49
C MET G 396 14.54 -33.55 0.79
N GLU G 397 14.68 -33.51 -0.52
CA GLU G 397 15.08 -34.67 -1.32
C GLU G 397 16.51 -35.10 -0.98
N PHE G 398 17.34 -34.11 -0.62
CA PHE G 398 18.71 -34.33 -0.19
C PHE G 398 18.77 -34.91 1.22
N LEU G 399 17.67 -34.74 1.97
CA LEU G 399 17.60 -35.23 3.35
C LEU G 399 17.06 -36.67 3.45
N ILE G 400 16.68 -37.25 2.32
CA ILE G 400 16.20 -38.63 2.28
C ILE G 400 17.32 -39.58 1.81
N ASN G 401 17.97 -39.21 0.71
CA ASN G 401 19.05 -40.02 0.12
C ASN G 401 20.28 -40.14 1.03
N LYS G 402 20.56 -39.08 1.78
CA LYS G 402 21.67 -39.05 2.72
C LYS G 402 21.23 -39.55 4.11
N LEU G 403 20.17 -40.35 4.14
CA LEU G 403 19.60 -40.85 5.39
C LEU G 403 19.08 -42.28 5.24
N ALA G 404 18.54 -42.60 4.08
CA ALA G 404 17.95 -43.91 3.80
C ALA G 404 18.99 -45.03 3.80
N MET G 405 20.18 -44.73 3.28
CA MET G 405 21.27 -45.70 3.23
C MET G 405 22.01 -45.83 4.57
N THR G 406 21.54 -45.11 5.58
CA THR G 406 22.14 -45.14 6.92
C THR G 406 21.10 -45.41 8.01
N LYS G 407 21.40 -45.00 9.24
CA LYS G 407 20.50 -45.20 10.38
C LYS G 407 20.25 -43.90 11.16
N THR G 408 20.96 -43.74 12.28
CA THR G 408 20.79 -42.57 13.15
C THR G 408 22.12 -41.89 13.45
N ASN G 409 22.99 -42.60 14.18
CA ASN G 409 24.31 -42.08 14.54
C ASN G 409 25.33 -42.21 13.41
N ASP G 410 25.07 -43.15 12.50
CA ASP G 410 25.95 -43.39 11.35
C ASP G 410 25.64 -42.45 10.19
N ASP G 411 24.74 -41.49 10.42
CA ASP G 411 24.26 -40.56 9.38
C ASP G 411 25.34 -39.63 8.83
N PHE G 412 26.45 -39.49 9.55
CA PHE G 412 27.55 -38.62 9.11
C PHE G 412 28.94 -39.26 9.26
N PHE G 413 29.04 -40.25 10.15
CA PHE G 413 30.30 -40.95 10.39
C PHE G 413 30.83 -41.62 9.12
N GLU G 414 29.91 -42.11 8.29
CA GLU G 414 30.25 -42.73 7.02
C GLU G 414 29.68 -41.95 5.83
N MET G 415 29.20 -40.73 6.10
CA MET G 415 28.63 -39.87 5.06
C MET G 415 29.29 -38.49 5.05
N MET G 416 30.60 -38.47 4.81
CA MET G 416 31.36 -37.22 4.73
C MET G 416 32.36 -37.26 3.57
N LYS G 417 32.13 -38.21 2.65
CA LYS G 417 32.99 -38.45 1.48
C LYS G 417 34.39 -38.95 1.87
N MET H 1 6.62 -15.87 61.55
CA MET H 1 7.86 -15.41 62.24
C MET H 1 8.40 -14.10 61.67
N ASN H 2 8.62 -14.08 60.36
CA ASN H 2 8.96 -12.86 59.61
C ASN H 2 8.59 -13.11 58.15
N LEU H 3 7.62 -12.34 57.66
CA LEU H 3 7.04 -12.54 56.31
C LEU H 3 8.03 -12.88 55.21
N THR H 4 9.05 -12.02 55.04
CA THR H 4 10.03 -12.13 53.96
C THR H 4 10.69 -13.50 53.88
N GLU H 5 11.14 -14.00 55.03
CA GLU H 5 11.79 -15.31 55.12
C GLU H 5 10.85 -16.44 54.73
N LEU H 6 9.57 -16.29 55.07
CA LEU H 6 8.55 -17.25 54.68
C LEU H 6 8.24 -17.18 53.19
N LYS H 7 8.51 -16.02 52.58
CA LYS H 7 8.29 -15.81 51.16
C LYS H 7 9.48 -16.23 50.29
N ASN H 8 10.63 -16.42 50.94
CA ASN H 8 11.86 -16.84 50.23
C ASN H 8 12.36 -18.22 50.64
N THR H 9 11.41 -19.15 50.86
CA THR H 9 11.72 -20.55 51.12
C THR H 9 10.90 -21.45 50.19
N PRO H 10 11.53 -22.50 49.65
CA PRO H 10 10.85 -23.46 48.79
C PRO H 10 9.59 -24.03 49.44
N VAL H 11 8.57 -24.29 48.62
CA VAL H 11 7.26 -24.75 49.11
C VAL H 11 7.37 -26.09 49.85
N SER H 12 8.38 -26.88 49.50
CA SER H 12 8.66 -28.15 50.17
C SER H 12 8.94 -27.98 51.67
N GLU H 13 9.62 -26.90 52.02
CA GLU H 13 9.93 -26.59 53.41
C GLU H 13 8.85 -25.73 54.08
N LEU H 14 7.90 -25.26 53.26
CA LEU H 14 6.80 -24.44 53.75
C LEU H 14 5.75 -25.31 54.44
N ILE H 15 5.59 -26.54 53.95
CA ILE H 15 4.63 -27.50 54.52
C ILE H 15 5.12 -28.00 55.89
N THR H 16 6.44 -28.03 56.05
CA THR H 16 7.08 -28.43 57.31
C THR H 16 6.62 -27.57 58.48
N LEU H 17 6.63 -26.25 58.27
CA LEU H 17 6.18 -25.29 59.29
C LEU H 17 4.67 -25.37 59.51
N GLY H 18 3.94 -25.82 58.49
CA GLY H 18 2.49 -26.01 58.59
C GLY H 18 2.13 -27.26 59.37
N GLU H 19 2.82 -28.36 59.10
CA GLU H 19 2.60 -29.63 59.78
C GLU H 19 3.03 -29.58 61.24
N ASN H 20 4.06 -28.78 61.53
CA ASN H 20 4.58 -28.61 62.89
C ASN H 20 3.86 -27.52 63.69
N MET H 21 2.67 -27.14 63.24
CA MET H 21 1.83 -26.17 63.94
C MET H 21 0.40 -26.67 64.13
N GLY H 22 0.10 -27.81 63.52
CA GLY H 22 -1.23 -28.43 63.62
C GLY H 22 -2.12 -28.13 62.43
N LEU H 23 -1.56 -28.26 61.23
CA LEU H 23 -2.30 -28.00 59.99
C LEU H 23 -2.00 -29.06 58.94
N GLU H 24 -3.04 -29.72 58.45
CA GLU H 24 -2.91 -30.72 57.39
C GLU H 24 -3.96 -30.53 56.29
N ASN H 25 -3.93 -29.34 55.69
CA ASN H 25 -4.76 -29.01 54.54
C ASN H 25 -3.98 -28.16 53.55
N LEU H 26 -2.76 -27.80 53.94
CA LEU H 26 -1.89 -26.95 53.14
C LEU H 26 -0.90 -27.76 52.30
N ALA H 27 -1.39 -28.30 51.19
CA ALA H 27 -0.57 -29.04 50.24
C ALA H 27 -1.04 -28.74 48.82
N ARG H 28 -2.35 -28.64 48.64
CA ARG H 28 -2.95 -28.31 47.36
C ARG H 28 -3.24 -26.82 47.27
N MET H 29 -3.04 -26.11 48.40
CA MET H 29 -3.21 -24.67 48.46
C MET H 29 -2.02 -23.95 47.82
N ARG H 30 -2.28 -22.75 47.30
CA ARG H 30 -1.23 -21.91 46.69
C ARG H 30 -0.24 -21.40 47.75
N LYS H 31 0.99 -21.15 47.32
CA LYS H 31 2.06 -20.70 48.21
C LYS H 31 1.64 -19.49 49.06
N GLN H 32 0.83 -18.62 48.47
CA GLN H 32 0.30 -17.43 49.16
C GLN H 32 -0.64 -17.83 50.28
N ASP H 33 -1.48 -18.84 50.02
CA ASP H 33 -2.43 -19.35 50.99
C ASP H 33 -1.75 -20.15 52.11
N ILE H 34 -0.60 -20.74 51.79
CA ILE H 34 0.22 -21.46 52.78
C ILE H 34 0.74 -20.47 53.82
N ILE H 35 1.41 -19.42 53.35
CA ILE H 35 1.98 -18.37 54.21
C ILE H 35 0.88 -17.66 55.00
N PHE H 36 -0.26 -17.44 54.38
CA PHE H 36 -1.43 -16.85 55.04
C PHE H 36 -1.97 -17.74 56.17
N ALA H 37 -1.78 -19.05 56.03
CA ALA H 37 -2.19 -20.02 57.04
C ALA H 37 -1.16 -20.15 58.17
N ILE H 38 0.11 -19.92 57.85
CA ILE H 38 1.19 -19.93 58.84
C ILE H 38 1.04 -18.76 59.81
N LEU H 39 0.55 -17.64 59.30
CA LEU H 39 0.38 -16.43 60.10
C LEU H 39 -0.92 -16.43 60.90
N LYS H 40 -1.97 -17.03 60.34
CA LYS H 40 -3.29 -17.05 60.98
C LYS H 40 -3.28 -17.87 62.27
N GLN H 41 -2.52 -18.96 62.28
CA GLN H 41 -2.36 -19.79 63.48
C GLN H 41 -1.17 -19.34 64.34
N HIS H 42 -0.54 -18.24 63.95
CA HIS H 42 0.57 -17.67 64.71
C HIS H 42 0.12 -16.47 65.55
N ALA H 43 -1.16 -16.47 65.91
CA ALA H 43 -1.72 -15.42 66.78
C ALA H 43 -1.44 -15.75 68.24
N LYS H 44 -0.17 -15.66 68.62
CA LYS H 44 0.27 -15.99 69.99
C LYS H 44 1.47 -15.14 70.41
N SER H 45 2.53 -15.17 69.62
CA SER H 45 3.73 -14.38 69.87
C SER H 45 3.49 -12.91 69.57
N GLY H 46 2.84 -12.65 68.44
CA GLY H 46 2.47 -11.29 68.04
C GLY H 46 3.64 -10.48 67.51
N GLU H 47 4.54 -10.10 68.40
CA GLU H 47 5.69 -9.25 68.05
C GLU H 47 6.91 -10.07 67.65
N ASP H 48 6.78 -10.77 66.52
CA ASP H 48 7.86 -11.51 65.92
C ASP H 48 7.82 -11.27 64.41
N ILE H 49 6.62 -11.38 63.85
CA ILE H 49 6.38 -11.19 62.41
C ILE H 49 6.63 -9.77 61.92
N PHE H 50 7.66 -9.60 61.09
CA PHE H 50 7.94 -8.31 60.47
C PHE H 50 7.44 -8.28 59.04
N GLY H 51 6.72 -7.22 58.68
CA GLY H 51 6.20 -7.03 57.33
C GLY H 51 7.22 -6.41 56.39
N ASP H 52 6.93 -6.49 55.10
CA ASP H 52 7.79 -5.95 54.04
C ASP H 52 7.00 -5.91 52.72
N GLY H 53 7.48 -5.08 51.80
CA GLY H 53 6.88 -5.02 50.47
C GLY H 53 6.70 -3.60 49.95
N VAL H 54 6.49 -3.50 48.65
CA VAL H 54 6.25 -2.21 47.99
C VAL H 54 4.77 -1.86 48.07
N LEU H 55 4.49 -0.60 48.43
CA LEU H 55 3.12 -0.12 48.60
C LEU H 55 2.40 0.08 47.26
N GLU H 56 1.11 -0.26 47.23
CA GLU H 56 0.26 -0.04 46.07
C GLU H 56 -1.14 0.43 46.49
N ILE H 57 -1.43 1.70 46.23
CA ILE H 57 -2.75 2.27 46.53
C ILE H 57 -3.67 2.11 45.32
N LEU H 58 -4.86 1.55 45.55
CA LEU H 58 -5.79 1.24 44.47
C LEU H 58 -6.82 2.36 44.25
N GLN H 59 -8.05 1.96 43.92
CA GLN H 59 -9.12 2.91 43.59
C GLN H 59 -9.45 3.86 44.74
N ASP H 60 -9.56 3.31 45.96
CA ASP H 60 -9.79 4.10 47.16
C ASP H 60 -8.48 4.60 47.76
N GLY H 61 -8.54 5.07 49.00
CA GLY H 61 -7.39 5.65 49.68
C GLY H 61 -6.62 4.67 50.57
N PHE H 62 -6.77 3.37 50.31
CA PHE H 62 -6.02 2.35 51.04
C PHE H 62 -5.07 1.57 50.14
N GLY H 63 -3.98 1.08 50.71
CA GLY H 63 -2.96 0.36 49.96
C GLY H 63 -2.63 -1.02 50.48
N PHE H 64 -1.74 -1.71 49.77
CA PHE H 64 -1.28 -3.04 50.15
C PHE H 64 0.22 -3.20 49.93
N LEU H 65 0.86 -3.99 50.78
CA LEU H 65 2.30 -4.27 50.64
C LEU H 65 2.54 -5.53 49.82
N ARG H 66 2.83 -5.33 48.53
CA ARG H 66 3.12 -6.42 47.61
C ARG H 66 4.61 -6.75 47.65
N SER H 67 4.92 -8.04 47.61
CA SER H 67 6.31 -8.51 47.73
C SER H 67 6.94 -8.83 46.37
N ALA H 68 8.25 -8.62 46.27
CA ALA H 68 8.99 -8.84 45.02
C ALA H 68 9.26 -10.31 44.73
N ASP H 69 9.10 -11.17 45.75
CA ASP H 69 9.36 -12.61 45.60
C ASP H 69 8.42 -13.28 44.62
N SER H 70 7.18 -12.78 44.55
CA SER H 70 6.17 -13.33 43.66
C SER H 70 5.77 -12.32 42.58
N SER H 71 6.65 -11.34 42.35
CA SER H 71 6.44 -10.28 41.36
C SER H 71 5.18 -9.45 41.63
N TYR H 72 4.98 -9.07 42.89
CA TYR H 72 3.87 -8.23 43.33
C TYR H 72 2.48 -8.80 42.98
N LEU H 73 2.37 -10.12 43.06
CA LEU H 73 1.09 -10.80 42.80
C LEU H 73 0.15 -10.65 44.00
N ALA H 74 -1.01 -10.05 43.75
CA ALA H 74 -1.98 -9.76 44.80
C ALA H 74 -2.64 -11.03 45.34
N GLY H 75 -2.66 -11.16 46.67
CA GLY H 75 -3.25 -12.32 47.33
C GLY H 75 -3.58 -12.06 48.79
N PRO H 76 -3.80 -13.13 49.55
CA PRO H 76 -4.11 -13.03 50.98
C PRO H 76 -2.89 -12.69 51.83
N ASP H 77 -1.70 -13.08 51.37
CA ASP H 77 -0.45 -12.86 52.11
C ASP H 77 -0.01 -11.39 52.12
N ASP H 78 -0.82 -10.52 51.53
CA ASP H 78 -0.54 -9.09 51.48
C ASP H 78 -0.76 -8.40 52.84
N ILE H 79 -0.26 -7.18 52.95
CA ILE H 79 -0.40 -6.39 54.18
C ILE H 79 -1.26 -5.15 53.91
N TYR H 80 -2.35 -5.02 54.66
CA TYR H 80 -3.27 -3.90 54.51
C TYR H 80 -2.68 -2.61 55.06
N VAL H 81 -2.84 -1.53 54.31
CA VAL H 81 -2.41 -0.19 54.74
C VAL H 81 -3.57 0.79 54.63
N SER H 82 -4.03 1.28 55.80
CA SER H 82 -5.19 2.18 55.87
C SER H 82 -4.82 3.62 55.51
N PRO H 83 -5.79 4.40 55.04
CA PRO H 83 -5.59 5.83 54.75
C PRO H 83 -5.11 6.63 55.96
N SER H 84 -5.53 6.22 57.16
CA SER H 84 -5.10 6.85 58.41
C SER H 84 -3.60 6.67 58.66
N GLN H 85 -3.02 5.66 58.01
CA GLN H 85 -1.58 5.41 58.09
C GLN H 85 -0.83 6.11 56.96
N ILE H 86 -1.52 6.32 55.83
CA ILE H 86 -0.93 6.99 54.67
C ILE H 86 -0.84 8.50 54.89
N ARG H 87 -1.90 9.09 55.44
CA ARG H 87 -1.95 10.54 55.68
C ARG H 87 -1.09 10.96 56.88
N ARG H 88 -0.90 10.05 57.84
CA ARG H 88 -0.18 10.36 59.07
C ARG H 88 1.29 9.95 59.00
N PHE H 89 1.72 9.50 57.82
CA PHE H 89 3.13 9.18 57.57
C PHE H 89 3.62 9.69 56.22
N ASN H 90 2.70 10.20 55.41
CA ASN H 90 3.00 10.78 54.09
C ASN H 90 3.75 9.83 53.16
N LEU H 91 3.01 8.86 52.61
CA LEU H 91 3.59 7.87 51.70
C LEU H 91 2.85 7.84 50.35
N ARG H 92 3.49 7.23 49.36
CA ARG H 92 2.91 7.10 48.02
C ARG H 92 3.10 5.68 47.49
N THR H 93 2.27 5.32 46.51
CA THR H 93 2.34 4.00 45.87
C THR H 93 3.68 3.78 45.15
N GLY H 94 4.59 3.09 45.83
CA GLY H 94 5.94 2.86 45.33
C GLY H 94 6.97 2.74 46.44
N ASP H 95 6.64 3.31 47.61
CA ASP H 95 7.51 3.26 48.78
C ASP H 95 7.55 1.87 49.39
N THR H 96 8.73 1.48 49.88
CA THR H 96 8.89 0.21 50.59
C THR H 96 8.71 0.42 52.09
N ILE H 97 7.76 -0.31 52.67
CA ILE H 97 7.49 -0.23 54.10
C ILE H 97 7.81 -1.56 54.77
N SER H 98 8.69 -1.51 55.78
CA SER H 98 9.09 -2.71 56.51
C SER H 98 8.99 -2.50 58.02
N GLY H 99 7.84 -2.85 58.58
CA GLY H 99 7.59 -2.72 60.01
C GLY H 99 6.94 -3.95 60.61
N LYS H 100 6.21 -3.75 61.70
CA LYS H 100 5.48 -4.85 62.35
C LYS H 100 4.03 -4.89 61.90
N ILE H 101 3.52 -6.12 61.70
CA ILE H 101 2.15 -6.32 61.22
C ILE H 101 1.25 -6.94 62.29
N ARG H 102 -0.04 -6.62 62.23
CA ARG H 102 -1.02 -7.16 63.18
C ARG H 102 -2.05 -8.09 62.50
N PRO H 103 -2.50 -9.12 63.21
CA PRO H 103 -3.51 -10.05 62.69
C PRO H 103 -4.87 -9.40 62.42
N PRO H 104 -5.63 -9.94 61.46
CA PRO H 104 -6.94 -9.41 61.10
C PRO H 104 -7.99 -9.59 62.22
N LYS H 105 -9.14 -8.92 62.06
CA LYS H 105 -10.21 -8.97 63.05
C LYS H 105 -11.51 -9.51 62.45
N GLU H 106 -12.64 -9.05 62.99
CA GLU H 106 -13.96 -9.40 62.48
C GLU H 106 -14.35 -8.41 61.38
N GLY H 107 -14.66 -8.94 60.20
CA GLY H 107 -14.97 -8.11 59.03
C GLY H 107 -13.74 -7.73 58.24
N GLU H 108 -12.57 -8.10 58.76
CA GLU H 108 -11.29 -7.82 58.10
C GLU H 108 -10.69 -9.12 57.58
N ARG H 109 -9.98 -9.02 56.45
CA ARG H 109 -9.46 -10.20 55.77
C ARG H 109 -7.93 -10.21 55.66
N TYR H 110 -7.32 -9.04 55.77
CA TYR H 110 -5.87 -8.90 55.55
C TYR H 110 -5.11 -8.57 56.83
N PHE H 111 -3.86 -9.03 56.90
CA PHE H 111 -2.95 -8.70 57.99
C PHE H 111 -2.54 -7.24 57.92
N ALA H 112 -3.28 -6.39 58.64
CA ALA H 112 -3.08 -4.95 58.61
C ALA H 112 -1.74 -4.53 59.22
N LEU H 113 -1.22 -3.39 58.77
CA LEU H 113 0.01 -2.82 59.30
C LEU H 113 -0.25 -2.17 60.66
N LEU H 114 0.62 -2.45 61.62
CA LEU H 114 0.47 -1.92 62.98
C LEU H 114 1.42 -0.74 63.22
N LYS H 115 2.72 -1.01 63.25
CA LYS H 115 3.73 0.02 63.51
C LYS H 115 4.75 0.10 62.39
N VAL H 116 4.93 1.30 61.85
CA VAL H 116 5.91 1.55 60.79
C VAL H 116 7.32 1.64 61.38
N ASN H 117 8.28 0.95 60.75
CA ASN H 117 9.65 0.89 61.25
C ASN H 117 10.67 1.57 60.35
N GLU H 118 10.69 1.17 59.07
CA GLU H 118 11.66 1.71 58.12
C GLU H 118 11.03 1.93 56.75
N VAL H 119 10.98 3.20 56.32
CA VAL H 119 10.44 3.56 55.01
C VAL H 119 11.60 3.83 54.04
N ASN H 120 11.67 3.00 52.99
CA ASN H 120 12.75 3.07 51.99
C ASN H 120 14.14 2.97 52.61
N PHE H 121 14.30 2.01 53.53
CA PHE H 121 15.56 1.79 54.28
C PHE H 121 16.04 3.05 54.99
N ASP H 122 15.09 3.84 55.49
CA ASP H 122 15.38 5.10 56.16
C ASP H 122 14.30 5.38 57.22
N LYS H 123 14.56 6.38 58.06
CA LYS H 123 13.59 6.78 59.09
C LYS H 123 12.31 7.35 58.47
N PRO H 124 11.15 6.97 59.03
CA PRO H 124 9.85 7.37 58.49
C PRO H 124 9.61 8.88 58.37
N GLU H 125 10.55 9.68 58.90
CA GLU H 125 10.46 11.14 58.82
C GLU H 125 11.07 11.65 57.50
N ASN H 126 10.68 11.01 56.40
CA ASN H 126 11.19 11.36 55.08
C ASN H 126 10.13 11.18 53.99
N ASN H 129 11.41 14.15 51.01
CA ASN H 129 12.23 14.02 49.81
C ASN H 129 11.45 14.39 48.54
N LYS H 130 12.13 15.04 47.61
CA LYS H 130 11.52 15.50 46.37
C LYS H 130 11.23 14.35 45.40
N ILE H 131 10.02 14.37 44.82
CA ILE H 131 9.60 13.35 43.85
C ILE H 131 10.29 13.54 42.50
N LEU H 132 10.44 12.46 41.75
CA LEU H 132 11.10 12.47 40.45
C LEU H 132 10.38 13.39 39.46
N PHE H 133 9.09 13.60 39.70
CA PHE H 133 8.23 14.47 38.88
C PHE H 133 8.79 15.88 38.73
N GLU H 134 9.52 16.34 39.76
CA GLU H 134 10.00 17.72 39.80
C GLU H 134 11.53 17.85 39.96
N ASN H 135 12.23 16.71 39.94
CA ASN H 135 13.69 16.71 39.93
C ASN H 135 14.22 17.14 38.57
N LEU H 136 15.42 17.73 38.55
CA LEU H 136 16.03 18.21 37.31
C LEU H 136 16.61 17.07 36.47
N THR H 137 16.73 17.32 35.16
CA THR H 137 17.15 16.29 34.21
C THR H 137 18.34 16.71 33.32
N PRO H 138 19.55 16.83 33.90
CA PRO H 138 20.75 16.99 33.08
C PRO H 138 21.13 15.70 32.35
N LEU H 139 21.98 15.84 31.36
CA LEU H 139 22.45 14.70 30.56
C LEU H 139 23.34 13.76 31.37
N HIS H 140 23.08 12.46 31.24
CA HIS H 140 23.89 11.40 31.82
C HIS H 140 25.37 11.59 31.46
N ALA H 141 26.15 12.03 32.45
CA ALA H 141 27.53 12.43 32.22
C ALA H 141 28.40 12.26 33.46
N ASN H 142 27.85 12.66 34.60
CA ASN H 142 28.59 12.76 35.87
C ASN H 142 29.23 11.44 36.34
N SER H 143 28.69 10.32 35.86
CA SER H 143 29.19 9.00 36.24
C SER H 143 29.09 7.99 35.09
N ARG H 144 30.07 7.09 35.04
CA ARG H 144 30.20 6.11 33.96
C ARG H 144 30.02 4.67 34.45
N LEU H 145 29.16 3.93 33.76
CA LEU H 145 28.93 2.52 34.07
C LEU H 145 29.70 1.62 33.10
N ARG H 146 30.98 1.42 33.38
CA ARG H 146 31.83 0.56 32.56
C ARG H 146 31.53 -0.90 32.85
N MET H 147 31.36 -1.69 31.80
CA MET H 147 30.99 -3.10 31.94
C MET H 147 32.22 -3.98 32.13
N GLY H 152 40.33 -12.03 30.89
CA GLY H 152 39.89 -11.86 29.51
C GLY H 152 38.99 -12.99 29.05
N SER H 153 37.93 -13.24 29.80
CA SER H 153 36.96 -14.30 29.47
C SER H 153 35.97 -13.83 28.42
N THR H 154 35.26 -14.77 27.81
CA THR H 154 34.18 -14.48 26.86
C THR H 154 33.00 -13.85 27.59
N GLU H 155 32.90 -14.13 28.88
CA GLU H 155 31.94 -13.48 29.79
C GLU H 155 32.21 -11.98 29.84
N ASP H 156 33.48 -11.60 29.84
CA ASP H 156 33.88 -10.19 29.87
C ASP H 156 34.15 -9.64 28.47
N LEU H 157 34.05 -10.51 27.46
CA LEU H 157 34.30 -10.14 26.07
C LEU H 157 33.17 -9.28 25.49
N THR H 158 31.93 -9.64 25.83
CA THR H 158 30.76 -8.84 25.46
C THR H 158 30.82 -7.48 26.15
N ALA H 159 31.34 -7.47 27.38
CA ALA H 159 31.54 -6.24 28.15
C ALA H 159 32.55 -5.30 27.49
N ARG H 160 33.48 -5.87 26.72
CA ARG H 160 34.48 -5.08 26.01
C ARG H 160 33.89 -4.37 24.79
N VAL H 161 33.07 -5.10 24.02
CA VAL H 161 32.46 -4.56 22.80
C VAL H 161 31.45 -3.45 23.12
N LEU H 162 30.74 -3.60 24.24
CA LEU H 162 29.81 -2.57 24.72
C LEU H 162 30.52 -1.24 24.98
N ASP H 163 31.66 -1.30 25.66
CA ASP H 163 32.46 -0.11 25.97
C ASP H 163 33.22 0.40 24.74
N LEU H 164 32.79 -0.04 23.56
CA LEU H 164 33.33 0.42 22.29
C LEU H 164 32.19 0.85 21.37
N ALA H 165 31.10 0.09 21.40
CA ALA H 165 29.90 0.38 20.62
C ALA H 165 29.09 1.50 21.26
N SER H 166 28.67 1.29 22.52
CA SER H 166 27.91 2.29 23.27
C SER H 166 28.16 2.18 24.77
N PRO H 167 29.07 3.01 25.29
CA PRO H 167 29.33 3.07 26.73
C PRO H 167 28.10 3.49 27.53
N ILE H 168 27.94 2.91 28.71
CA ILE H 168 26.77 3.18 29.56
C ILE H 168 27.14 4.13 30.69
N GLY H 169 26.19 4.98 31.09
CA GLY H 169 26.37 5.89 32.22
C GLY H 169 25.14 5.93 33.11
N ARG H 170 25.31 6.44 34.32
CA ARG H 170 24.20 6.57 35.26
C ARG H 170 23.22 7.65 34.81
N GLY H 171 22.00 7.22 34.49
CA GLY H 171 20.96 8.12 34.00
C GLY H 171 20.61 7.91 32.54
N GLN H 172 21.28 6.94 31.91
CA GLN H 172 21.11 6.66 30.48
C GLN H 172 19.76 6.02 30.16
N ARG H 173 19.11 6.55 29.14
CA ARG H 173 17.91 5.93 28.59
C ARG H 173 18.29 5.16 27.33
N GLY H 174 18.45 3.85 27.49
CA GLY H 174 18.95 3.00 26.42
C GLY H 174 17.94 2.05 25.82
N LEU H 175 18.11 1.76 24.53
CA LEU H 175 17.24 0.84 23.81
C LEU H 175 18.08 -0.21 23.08
N ILE H 176 17.66 -1.47 23.16
CA ILE H 176 18.35 -2.55 22.43
C ILE H 176 17.49 -3.05 21.27
N VAL H 177 17.94 -2.72 20.06
CA VAL H 177 17.27 -3.16 18.84
C VAL H 177 17.72 -4.58 18.51
N ALA H 178 16.80 -5.54 18.57
CA ALA H 178 17.13 -6.95 18.42
C ALA H 178 15.98 -7.80 17.91
N PRO H 179 16.27 -8.69 16.95
CA PRO H 179 15.30 -9.66 16.45
C PRO H 179 15.23 -10.90 17.35
N PRO H 180 14.20 -11.74 17.15
CA PRO H 180 14.08 -12.99 17.91
C PRO H 180 15.25 -13.92 17.63
N LYS H 181 15.75 -14.58 18.69
CA LYS H 181 16.90 -15.48 18.61
C LYS H 181 18.15 -14.77 18.08
N ALA H 182 18.64 -13.81 18.86
CA ALA H 182 19.82 -13.04 18.50
C ALA H 182 20.82 -12.95 19.65
N GLY H 183 20.30 -12.86 20.88
CA GLY H 183 21.13 -12.81 22.07
C GLY H 183 20.73 -11.75 23.09
N LYS H 184 19.43 -11.43 23.11
CA LYS H 184 18.90 -10.43 24.03
C LYS H 184 18.97 -10.92 25.48
N THR H 185 18.56 -12.17 25.70
CA THR H 185 18.60 -12.79 27.01
C THR H 185 20.03 -12.83 27.55
N MET H 186 20.98 -13.12 26.67
CA MET H 186 22.39 -13.21 27.05
C MET H 186 23.05 -11.85 27.23
N LEU H 187 22.65 -10.87 26.42
CA LEU H 187 23.20 -9.52 26.50
C LEU H 187 22.82 -8.87 27.82
N LEU H 188 21.54 -8.92 28.16
CA LEU H 188 21.03 -8.40 29.42
C LEU H 188 21.53 -9.23 30.61
N GLN H 189 21.73 -10.53 30.36
CA GLN H 189 22.26 -11.45 31.36
C GLN H 189 23.73 -11.13 31.66
N ASN H 190 24.47 -10.81 30.60
CA ASN H 190 25.86 -10.41 30.71
C ASN H 190 25.98 -9.07 31.45
N ILE H 191 25.10 -8.14 31.10
CA ILE H 191 25.05 -6.83 31.73
C ILE H 191 24.69 -6.94 33.22
N ALA H 192 23.70 -7.77 33.54
CA ALA H 192 23.27 -7.98 34.92
C ALA H 192 24.37 -8.56 35.80
N GLN H 193 25.15 -9.49 35.24
CA GLN H 193 26.29 -10.08 35.93
C GLN H 193 27.42 -9.05 36.07
N SER H 194 27.59 -8.22 35.04
CA SER H 194 28.65 -7.22 35.01
C SER H 194 28.37 -6.03 35.94
N ILE H 195 27.09 -5.70 36.11
CA ILE H 195 26.69 -4.62 37.03
C ILE H 195 26.93 -5.03 38.48
N ALA H 196 26.63 -6.29 38.80
CA ALA H 196 26.89 -6.83 40.14
C ALA H 196 28.39 -7.07 40.38
N TYR H 197 29.15 -7.17 39.30
CA TYR H 197 30.59 -7.43 39.36
C TYR H 197 31.38 -6.22 39.84
N ASN H 198 31.13 -5.06 39.23
CA ASN H 198 31.91 -3.85 39.50
C ASN H 198 31.09 -2.58 39.79
N HIS H 199 29.78 -2.74 39.98
CA HIS H 199 28.93 -1.62 40.41
C HIS H 199 27.93 -2.08 41.50
N PRO H 200 28.44 -2.40 42.70
CA PRO H 200 27.58 -2.87 43.79
C PRO H 200 26.80 -1.74 44.46
N ASP H 201 27.17 -0.50 44.17
CA ASP H 201 26.52 0.68 44.73
C ASP H 201 25.13 0.92 44.12
N CYS H 202 24.93 0.44 42.90
CA CYS H 202 23.68 0.65 42.17
C CYS H 202 22.66 -0.43 42.46
N VAL H 203 21.38 -0.05 42.44
CA VAL H 203 20.28 -1.00 42.60
C VAL H 203 19.90 -1.56 41.23
N LEU H 204 20.01 -2.88 41.10
CA LEU H 204 19.75 -3.55 39.83
C LEU H 204 18.38 -4.24 39.82
N MET H 205 17.57 -3.90 38.82
CA MET H 205 16.25 -4.50 38.65
C MET H 205 16.09 -4.99 37.21
N VAL H 206 15.75 -6.26 37.05
CA VAL H 206 15.57 -6.86 35.72
C VAL H 206 14.09 -7.20 35.49
N LEU H 207 13.40 -6.31 34.79
CA LEU H 207 11.97 -6.46 34.52
C LEU H 207 11.72 -7.18 33.19
N LEU H 208 10.84 -8.17 33.21
CA LEU H 208 10.48 -8.91 32.00
C LEU H 208 8.96 -8.94 31.84
N ILE H 209 8.48 -8.80 30.61
CA ILE H 209 7.03 -8.70 30.36
C ILE H 209 6.42 -10.03 29.90
N ASP H 210 6.22 -10.20 28.59
CA ASP H 210 5.56 -11.41 28.05
C ASP H 210 6.53 -12.59 27.96
N GLU H 211 7.17 -12.91 29.09
CA GLU H 211 8.24 -13.90 29.13
C GLU H 211 7.73 -15.33 29.30
N ARG H 212 8.54 -16.29 28.85
CA ARG H 212 8.26 -17.71 29.04
C ARG H 212 8.67 -18.15 30.45
N PRO H 213 7.83 -18.97 31.10
CA PRO H 213 8.05 -19.40 32.49
C PRO H 213 9.45 -19.93 32.79
N GLU H 214 10.00 -20.76 31.91
CA GLU H 214 11.32 -21.36 32.11
C GLU H 214 12.45 -20.34 32.06
N GLU H 215 12.24 -19.25 31.32
CA GLU H 215 13.23 -18.18 31.17
C GLU H 215 13.25 -17.26 32.39
N VAL H 216 12.14 -17.22 33.12
CA VAL H 216 12.00 -16.38 34.31
C VAL H 216 12.85 -16.92 35.47
N THR H 217 12.63 -18.18 35.83
CA THR H 217 13.34 -18.82 36.95
C THR H 217 14.84 -18.96 36.66
N GLU H 218 15.17 -19.14 35.38
CA GLU H 218 16.56 -19.14 34.91
C GLU H 218 17.23 -17.79 35.15
N MET H 219 16.50 -16.72 34.91
CA MET H 219 16.98 -15.35 35.12
C MET H 219 17.07 -15.02 36.61
N GLN H 220 16.14 -15.57 37.39
CA GLN H 220 16.06 -15.31 38.83
C GLN H 220 17.24 -15.86 39.62
N ARG H 221 18.04 -16.73 38.99
CA ARG H 221 19.19 -17.35 39.65
C ARG H 221 20.51 -16.77 39.18
N LEU H 222 20.64 -16.54 37.88
CA LEU H 222 21.89 -16.04 37.28
C LEU H 222 22.11 -14.55 37.51
N VAL H 223 21.04 -13.84 37.87
CA VAL H 223 21.11 -12.40 38.11
C VAL H 223 21.13 -12.08 39.61
N LYS H 224 22.00 -11.15 39.99
CA LYS H 224 22.07 -10.67 41.38
C LYS H 224 21.47 -9.27 41.48
N GLY H 225 20.28 -9.19 42.07
CA GLY H 225 19.58 -7.91 42.23
C GLY H 225 18.12 -8.09 42.57
N GLU H 226 17.24 -7.67 41.65
CA GLU H 226 15.80 -7.82 41.84
C GLU H 226 15.13 -8.18 40.51
N VAL H 227 14.79 -9.46 40.36
CA VAL H 227 14.16 -9.94 39.12
C VAL H 227 12.64 -10.03 39.28
N VAL H 228 11.95 -9.09 38.65
CA VAL H 228 10.48 -9.05 38.66
C VAL H 228 9.99 -9.29 37.24
N ALA H 229 9.08 -10.25 37.08
CA ALA H 229 8.63 -10.65 35.75
C ALA H 229 7.19 -11.13 35.68
N SER H 230 6.65 -11.16 34.47
CA SER H 230 5.34 -11.76 34.20
C SER H 230 5.48 -12.81 33.10
N THR H 231 4.38 -13.49 32.80
CA THR H 231 4.36 -14.52 31.74
C THR H 231 3.17 -14.30 30.81
N PHE H 232 3.20 -14.95 29.65
CA PHE H 232 2.07 -14.92 28.72
C PHE H 232 0.87 -15.70 29.26
N ASP H 233 1.06 -16.38 30.39
CA ASP H 233 -0.01 -17.03 31.13
C ASP H 233 -0.88 -15.98 31.84
N GLU H 234 -0.22 -14.92 32.29
CA GLU H 234 -0.88 -13.82 33.00
C GLU H 234 -1.56 -12.85 32.03
N PRO H 235 -2.65 -12.21 32.47
CA PRO H 235 -3.39 -11.27 31.62
C PRO H 235 -2.54 -10.08 31.18
N ALA H 236 -3.05 -9.34 30.17
CA ALA H 236 -2.39 -8.14 29.68
C ALA H 236 -2.43 -7.01 30.70
N SER H 237 -3.46 -7.00 31.54
CA SER H 237 -3.60 -6.03 32.62
C SER H 237 -2.58 -6.26 33.73
N ARG H 238 -2.10 -7.49 33.84
CA ARG H 238 -1.05 -7.86 34.80
C ARG H 238 0.29 -7.26 34.40
N HIS H 239 0.65 -7.41 33.11
CA HIS H 239 1.90 -6.87 32.57
C HIS H 239 2.07 -5.39 32.94
N VAL H 240 0.97 -4.65 32.92
CA VAL H 240 0.94 -3.24 33.31
C VAL H 240 1.26 -3.07 34.79
N GLN H 241 0.57 -3.83 35.65
CA GLN H 241 0.74 -3.77 37.10
C GLN H 241 2.18 -4.02 37.54
N VAL H 242 2.80 -5.03 36.92
CA VAL H 242 4.19 -5.39 37.22
C VAL H 242 5.15 -4.25 36.87
N ALA H 243 4.92 -3.61 35.74
CA ALA H 243 5.74 -2.49 35.29
C ALA H 243 5.56 -1.24 36.15
N GLU H 244 4.30 -0.91 36.46
CA GLU H 244 3.98 0.22 37.33
C GLU H 244 4.62 0.12 38.71
N MET H 245 4.69 -1.10 39.22
CA MET H 245 5.28 -1.35 40.54
C MET H 245 6.80 -1.20 40.51
N VAL H 246 7.41 -1.68 39.43
CA VAL H 246 8.86 -1.59 39.23
C VAL H 246 9.32 -0.14 39.03
N ILE H 247 8.60 0.58 38.17
CA ILE H 247 8.97 1.97 37.85
C ILE H 247 8.80 2.92 39.04
N GLU H 248 7.69 2.77 39.77
CA GLU H 248 7.41 3.64 40.91
C GLU H 248 8.39 3.44 42.07
N LYS H 249 8.82 2.19 42.25
CA LYS H 249 9.84 1.87 43.26
C LYS H 249 11.19 2.44 42.85
N ALA H 250 11.46 2.45 41.55
CA ALA H 250 12.68 3.06 40.99
C ALA H 250 12.63 4.58 41.13
N LYS H 251 11.47 5.17 40.82
CA LYS H 251 11.23 6.59 41.03
C LYS H 251 11.44 6.96 42.50
N ARG H 252 11.12 6.02 43.38
CA ARG H 252 11.13 6.24 44.83
C ARG H 252 12.53 6.18 45.43
N LEU H 253 13.42 5.42 44.80
CA LEU H 253 14.78 5.23 45.31
C LEU H 253 15.76 6.30 44.83
N VAL H 254 15.49 6.86 43.64
CA VAL H 254 16.33 7.92 43.08
C VAL H 254 16.17 9.23 43.85
N GLU H 255 15.03 9.39 44.52
CA GLU H 255 14.77 10.54 45.39
C GLU H 255 15.72 10.53 46.58
N HIS H 256 15.98 9.35 47.11
CA HIS H 256 16.94 9.15 48.20
C HIS H 256 18.38 9.14 47.68
N LYS H 257 18.55 9.62 46.45
CA LYS H 257 19.87 9.81 45.80
C LYS H 257 20.61 8.51 45.52
N LYS H 258 19.85 7.44 45.26
CA LYS H 258 20.42 6.16 44.85
C LYS H 258 20.41 6.02 43.33
N ASP H 259 21.49 5.46 42.78
CA ASP H 259 21.55 5.14 41.36
C ASP H 259 20.83 3.81 41.10
N VAL H 260 19.79 3.86 40.27
CA VAL H 260 18.97 2.67 39.99
C VAL H 260 18.98 2.32 38.50
N ILE H 261 19.26 1.04 38.21
CA ILE H 261 19.31 0.54 36.84
C ILE H 261 18.16 -0.44 36.59
N ILE H 262 17.43 -0.21 35.49
CA ILE H 262 16.36 -1.12 35.07
C ILE H 262 16.72 -1.82 33.76
N LEU H 263 16.69 -3.15 33.78
CA LEU H 263 16.90 -3.95 32.58
C LEU H 263 15.59 -4.59 32.15
N LEU H 264 14.93 -3.97 31.17
CA LEU H 264 13.64 -4.45 30.69
C LEU H 264 13.78 -5.28 29.41
N ASP H 265 13.12 -6.43 29.39
CA ASP H 265 13.01 -7.22 28.17
C ASP H 265 11.67 -6.94 27.50
N SER H 266 11.74 -6.47 26.25
CA SER H 266 10.58 -6.09 25.46
C SER H 266 9.79 -4.91 26.04
N ILE H 267 10.20 -3.70 25.67
CA ILE H 267 9.40 -2.49 25.90
C ILE H 267 8.19 -2.52 24.97
N THR H 268 8.34 -3.22 23.84
CA THR H 268 7.27 -3.40 22.87
C THR H 268 6.15 -4.30 23.37
N ARG H 269 6.51 -5.36 24.09
CA ARG H 269 5.52 -6.25 24.70
C ARG H 269 4.87 -5.59 25.92
N LEU H 270 5.58 -4.63 26.50
CA LEU H 270 5.00 -3.76 27.52
C LEU H 270 4.08 -2.74 26.85
N ALA H 271 4.50 -2.25 25.68
CA ALA H 271 3.69 -1.31 24.89
C ALA H 271 2.44 -1.98 24.33
N ARG H 272 2.56 -3.27 24.05
CA ARG H 272 1.42 -4.09 23.61
C ARG H 272 0.42 -4.28 24.75
N ALA H 273 0.94 -4.37 25.97
CA ALA H 273 0.12 -4.65 27.16
C ALA H 273 -0.82 -3.49 27.50
N TYR H 274 -0.34 -2.26 27.32
CA TYR H 274 -1.16 -1.07 27.55
C TYR H 274 -2.26 -0.95 26.51
N ASN H 275 -1.88 -1.10 25.23
CA ASN H 275 -2.82 -1.02 24.10
C ASN H 275 -4.09 -1.86 24.29
N THR H 276 -3.94 -3.04 24.87
CA THR H 276 -5.05 -3.96 25.10
C THR H 276 -5.94 -3.52 26.26
N VAL H 277 -5.35 -2.85 27.25
CA VAL H 277 -6.07 -2.45 28.46
C VAL H 277 -6.49 -0.97 28.44
N VAL H 278 -5.93 -0.20 27.50
CA VAL H 278 -6.24 1.24 27.38
C VAL H 278 -7.64 1.45 26.77
N PRO H 279 -8.49 2.20 27.47
CA PRO H 279 -9.82 2.54 26.98
C PRO H 279 -9.77 3.58 25.86
N ALA H 280 -10.02 3.11 24.62
CA ALA H 280 -10.01 3.96 23.43
C ALA H 280 -8.77 4.86 23.32
N VAL H 284 -9.53 6.82 15.40
CA VAL H 284 -8.61 6.69 16.55
C VAL H 284 -7.58 5.59 16.30
N LEU H 285 -8.03 4.47 15.73
CA LEU H 285 -7.18 3.31 15.49
C LEU H 285 -6.43 3.37 14.16
N THR H 286 -5.17 2.93 14.20
CA THR H 286 -4.34 2.83 12.99
C THR H 286 -3.22 1.79 13.18
N GLY H 287 -3.14 0.84 12.25
CA GLY H 287 -2.10 -0.19 12.26
C GLY H 287 -2.17 -1.18 13.41
N GLY H 288 -3.28 -1.15 14.16
CA GLY H 288 -3.47 -2.04 15.31
C GLY H 288 -3.32 -1.33 16.64
N VAL H 289 -2.58 -0.23 16.65
CA VAL H 289 -2.32 0.54 17.89
C VAL H 289 -3.29 1.71 18.04
N ASP H 290 -3.45 2.17 19.28
CA ASP H 290 -4.28 3.33 19.58
C ASP H 290 -3.41 4.57 19.81
N ALA H 291 -3.99 5.74 19.57
CA ALA H 291 -3.29 7.02 19.68
C ALA H 291 -2.73 7.28 21.09
N ASN H 292 -3.48 6.89 22.10
CA ASN H 292 -3.10 7.12 23.50
C ASN H 292 -2.44 5.91 24.15
N ALA H 293 -2.37 4.80 23.42
CA ALA H 293 -1.82 3.54 23.93
C ALA H 293 -0.32 3.64 24.20
N LEU H 294 0.39 4.36 23.33
CA LEU H 294 1.84 4.49 23.42
C LEU H 294 2.30 5.51 24.47
N HIS H 295 1.36 6.34 24.93
CA HIS H 295 1.64 7.39 25.91
C HIS H 295 2.19 6.83 27.24
N ARG H 296 1.62 5.74 27.70
CA ARG H 296 2.01 5.12 28.98
C ARG H 296 3.39 4.44 28.96
N PRO H 297 3.69 3.62 27.95
CA PRO H 297 5.03 3.05 27.77
C PRO H 297 6.11 4.12 27.60
N LYS H 298 5.80 5.19 26.87
CA LYS H 298 6.71 6.32 26.70
C LYS H 298 6.99 7.00 28.03
N ARG H 299 5.98 7.06 28.87
CA ARG H 299 6.10 7.63 30.21
C ARG H 299 6.96 6.75 31.11
N PHE H 300 6.87 5.43 30.90
CA PHE H 300 7.70 4.45 31.60
C PHE H 300 9.16 4.57 31.16
N PHE H 301 9.37 4.63 29.85
CA PHE H 301 10.71 4.68 29.27
C PHE H 301 11.37 6.04 29.51
N GLY H 302 10.58 7.10 29.40
CA GLY H 302 11.07 8.47 29.59
C GLY H 302 11.43 8.82 31.02
N ALA H 303 11.12 7.92 31.95
CA ALA H 303 11.46 8.10 33.35
C ALA H 303 12.96 8.01 33.61
N ALA H 304 13.67 7.33 32.71
CA ALA H 304 15.13 7.22 32.79
C ALA H 304 15.80 8.58 32.62
N ARG H 305 16.53 9.00 33.64
CA ARG H 305 17.16 10.33 33.66
C ARG H 305 18.29 10.42 34.68
N ASN H 306 19.28 11.24 34.36
CA ASN H 306 20.30 11.61 35.33
C ASN H 306 19.80 12.81 36.13
N VAL H 307 19.65 12.62 37.43
CA VAL H 307 19.07 13.64 38.30
C VAL H 307 20.16 14.54 38.89
N GLU H 308 19.99 15.86 38.71
CA GLU H 308 20.94 16.85 39.22
C GLU H 308 20.95 16.89 40.75
N GLU H 309 19.76 16.78 41.33
CA GLU H 309 19.57 16.84 42.78
C GLU H 309 20.36 15.72 43.49
N GLY H 310 20.48 14.58 42.82
CA GLY H 310 21.19 13.43 43.35
C GLY H 310 20.59 12.12 42.88
N GLY H 311 21.44 11.13 42.66
CA GLY H 311 21.00 9.83 42.15
C GLY H 311 20.69 9.86 40.67
N SER H 312 20.30 8.71 40.12
CA SER H 312 19.97 8.60 38.70
C SER H 312 19.20 7.33 38.38
N LEU H 313 18.21 7.46 37.50
CA LEU H 313 17.50 6.30 36.96
C LEU H 313 17.96 6.02 35.53
N THR H 314 18.37 4.78 35.28
CA THR H 314 18.82 4.37 33.95
C THR H 314 18.11 3.09 33.48
N ILE H 315 17.32 3.22 32.42
CA ILE H 315 16.55 2.11 31.87
C ILE H 315 17.13 1.63 30.55
N ILE H 316 17.40 0.32 30.48
CA ILE H 316 17.85 -0.33 29.25
C ILE H 316 16.81 -1.37 28.84
N ALA H 317 16.15 -1.13 27.72
CA ALA H 317 15.04 -1.98 27.28
C ALA H 317 15.19 -2.45 25.83
N THR H 318 14.76 -3.68 25.56
CA THR H 318 14.83 -4.23 24.22
C THR H 318 13.59 -3.90 23.40
N ALA H 319 13.81 -3.41 22.18
CA ALA H 319 12.73 -3.20 21.22
C ALA H 319 12.80 -4.27 20.14
N LEU H 320 11.78 -5.12 20.10
CA LEU H 320 11.77 -6.28 19.19
C LEU H 320 11.65 -5.86 17.72
N ILE H 321 12.43 -6.53 16.88
CA ILE H 321 12.45 -6.27 15.44
C ILE H 321 12.25 -7.59 14.69
N ASP H 322 11.65 -7.51 13.51
CA ASP H 322 11.35 -8.68 12.67
C ASP H 322 10.40 -9.66 13.37
N THR H 323 9.11 -9.29 13.38
CA THR H 323 8.08 -10.10 14.01
C THR H 323 6.92 -10.35 13.04
N GLY H 324 6.93 -9.63 11.92
CA GLY H 324 5.87 -9.73 10.92
C GLY H 324 4.54 -9.19 11.42
N SER H 325 4.59 -8.48 12.55
CA SER H 325 3.40 -7.88 13.15
C SER H 325 3.47 -6.37 13.03
N LYS H 326 2.49 -5.80 12.33
CA LYS H 326 2.43 -4.36 12.10
C LYS H 326 2.42 -3.56 13.40
N MET H 327 2.06 -4.21 14.50
CA MET H 327 2.10 -3.60 15.82
C MET H 327 3.55 -3.39 16.27
N ASP H 328 4.33 -4.47 16.30
CA ASP H 328 5.73 -4.42 16.75
C ASP H 328 6.62 -3.57 15.85
N GLU H 329 6.28 -3.52 14.56
CA GLU H 329 7.00 -2.69 13.60
C GLU H 329 6.70 -1.21 13.84
N VAL H 330 5.51 -0.93 14.38
CA VAL H 330 5.08 0.44 14.66
C VAL H 330 5.59 0.96 16.01
N ILE H 331 5.59 0.11 17.03
CA ILE H 331 6.07 0.51 18.37
C ILE H 331 7.52 0.99 18.32
N TYR H 332 8.38 0.27 17.60
CA TYR H 332 9.76 0.71 17.39
C TYR H 332 9.79 2.03 16.61
N GLU H 333 8.95 2.12 15.59
CA GLU H 333 8.85 3.32 14.75
C GLU H 333 8.32 4.52 15.55
N GLU H 334 7.80 4.26 16.74
CA GLU H 334 7.35 5.32 17.65
C GLU H 334 8.39 5.62 18.73
N PHE H 335 9.20 4.61 19.06
CA PHE H 335 10.27 4.75 20.05
C PHE H 335 11.61 5.08 19.41
N LYS H 336 11.60 5.30 18.10
CA LYS H 336 12.81 5.69 17.36
C LYS H 336 13.31 7.06 17.83
N GLY H 337 14.51 7.07 18.38
CA GLY H 337 15.14 8.30 18.84
C GLY H 337 14.59 8.88 20.12
N THR H 338 13.89 8.07 20.90
CA THR H 338 13.43 8.49 22.21
C THR H 338 14.53 8.22 23.24
N GLY H 339 15.37 7.24 22.94
CA GLY H 339 16.50 6.89 23.80
C GLY H 339 17.81 7.51 23.35
N ASN H 340 18.60 7.94 24.32
CA ASN H 340 19.91 8.54 24.07
C ASN H 340 21.02 7.49 23.94
N MET H 341 20.61 6.24 23.79
CA MET H 341 21.52 5.11 23.57
C MET H 341 20.75 4.00 22.86
N GLU H 342 21.33 3.46 21.81
CA GLU H 342 20.74 2.29 21.14
C GLU H 342 21.79 1.31 20.62
N LEU H 343 21.72 0.08 21.13
CA LEU H 343 22.61 -1.00 20.72
C LEU H 343 21.86 -1.96 19.80
N HIS H 344 22.39 -2.13 18.59
CA HIS H 344 21.75 -2.95 17.57
C HIS H 344 22.32 -4.37 17.52
N LEU H 345 21.44 -5.36 17.74
CA LEU H 345 21.80 -6.76 17.50
C LEU H 345 21.38 -7.13 16.07
N SER H 346 22.35 -7.62 15.30
CA SER H 346 22.14 -7.92 13.89
C SER H 346 21.38 -9.23 13.69
N ARG H 347 20.48 -9.22 12.71
CA ARG H 347 19.65 -10.37 12.38
C ARG H 347 20.45 -11.47 11.68
N LYS H 348 21.48 -11.06 10.93
CA LYS H 348 22.26 -11.99 10.11
C LYS H 348 23.52 -12.52 10.81
N ILE H 349 24.13 -11.69 11.66
CA ILE H 349 25.37 -12.07 12.35
C ILE H 349 25.11 -13.11 13.46
N ALA H 350 23.85 -13.46 13.66
CA ALA H 350 23.47 -14.49 14.63
C ALA H 350 23.37 -15.87 13.97
N GLU H 351 23.73 -15.96 12.69
CA GLU H 351 23.67 -17.21 11.94
C GLU H 351 24.94 -18.05 12.09
N LYS H 352 26.08 -17.43 11.83
CA LYS H 352 27.38 -18.13 11.84
C LYS H 352 27.97 -18.26 13.24
N ARG H 353 27.11 -18.37 14.26
CA ARG H 353 27.51 -18.55 15.66
C ARG H 353 28.49 -17.50 16.16
N VAL H 354 28.35 -16.28 15.68
CA VAL H 354 29.18 -15.19 16.18
C VAL H 354 28.29 -14.36 17.08
N PHE H 355 28.36 -14.62 18.37
CA PHE H 355 27.57 -13.85 19.30
C PHE H 355 28.17 -12.46 19.46
N PRO H 356 27.91 -11.71 20.53
CA PRO H 356 27.63 -10.29 20.39
C PRO H 356 27.40 -9.85 18.94
N ALA H 357 26.16 -10.00 18.49
CA ALA H 357 25.73 -9.60 17.14
C ALA H 357 25.63 -8.08 17.05
N ILE H 358 26.46 -7.40 17.84
CA ILE H 358 26.50 -5.95 17.91
C ILE H 358 26.99 -5.37 16.58
N ASP H 359 26.07 -4.75 15.86
CA ASP H 359 26.42 -4.03 14.65
C ASP H 359 27.10 -2.73 15.05
N TYR H 360 28.44 -2.76 15.04
CA TYR H 360 29.25 -1.63 15.51
C TYR H 360 28.93 -0.33 14.76
N ASN H 361 28.54 -0.46 13.50
CA ASN H 361 28.22 0.70 12.66
C ASN H 361 26.75 1.11 12.71
N ARG H 362 26.03 0.58 13.70
CA ARG H 362 24.63 0.94 13.93
C ARG H 362 24.40 1.29 15.40
N SER H 363 25.22 0.71 16.27
CA SER H 363 25.11 0.92 17.72
C SER H 363 25.93 2.13 18.18
N GLY H 364 25.40 2.85 19.17
CA GLY H 364 26.08 4.02 19.71
C GLY H 364 25.23 4.80 20.71
N THR H 365 25.89 5.61 21.53
CA THR H 365 25.20 6.48 22.49
C THR H 365 25.38 7.95 22.14
N ARG H 366 24.32 8.72 22.34
CA ARG H 366 24.32 10.15 22.05
C ARG H 366 25.08 10.92 23.12
N LYS H 367 25.81 11.94 22.69
CA LYS H 367 26.67 12.75 23.57
C LYS H 367 27.58 11.89 24.45
N GLU H 368 28.30 10.97 23.81
CA GLU H 368 29.26 10.10 24.48
C GLU H 368 30.52 10.86 24.90
N GLU H 369 30.58 12.13 24.50
CA GLU H 369 31.68 13.03 24.86
C GLU H 369 31.83 13.24 26.38
N LEU H 370 30.92 12.64 27.14
CA LEU H 370 30.86 12.84 28.59
C LEU H 370 31.09 11.55 29.38
N LEU H 371 30.73 10.42 28.78
CA LEU H 371 30.93 9.11 29.40
C LEU H 371 32.32 8.54 29.12
N THR H 372 33.10 9.28 28.35
CA THR H 372 34.48 8.90 28.03
C THR H 372 35.42 10.09 28.31
N THR H 373 36.71 9.79 28.49
CA THR H 373 37.70 10.82 28.72
C THR H 373 38.08 11.52 27.41
N GLN H 374 38.86 12.61 27.52
CA GLN H 374 39.29 13.40 26.37
C GLN H 374 40.17 12.59 25.41
N GLU H 375 40.78 11.52 25.92
CA GLU H 375 41.70 10.69 25.15
C GLU H 375 41.06 9.38 24.69
N GLU H 376 40.25 8.78 25.56
CA GLU H 376 39.59 7.49 25.28
C GLU H 376 38.67 7.56 24.06
N LEU H 377 37.97 8.69 23.91
CA LEU H 377 37.07 8.92 22.80
C LEU H 377 37.84 9.04 21.48
N GLN H 378 39.03 9.61 21.53
CA GLN H 378 39.90 9.75 20.36
C GLN H 378 40.49 8.42 19.90
N LYS H 379 40.45 7.42 20.78
CA LYS H 379 40.86 6.06 20.43
C LYS H 379 39.72 5.31 19.77
N MET H 380 38.49 5.59 20.22
CA MET H 380 37.29 4.95 19.70
C MET H 380 36.98 5.35 18.26
N TRP H 381 37.31 6.59 17.91
CA TRP H 381 37.08 7.11 16.56
C TRP H 381 38.06 6.53 15.53
N ILE H 382 39.22 6.08 16.01
CA ILE H 382 40.19 5.39 15.15
C ILE H 382 39.67 4.00 14.79
N LEU H 383 39.09 3.31 15.77
CA LEU H 383 38.47 2.00 15.56
C LEU H 383 37.22 2.12 14.68
N ARG H 384 36.60 3.30 14.71
CA ARG H 384 35.45 3.60 13.86
C ARG H 384 35.84 3.70 12.38
N LYS H 385 36.89 4.47 12.11
CA LYS H 385 37.32 4.78 10.72
C LYS H 385 37.72 3.56 9.89
N ILE H 386 38.38 2.60 10.54
CA ILE H 386 38.83 1.38 9.88
C ILE H 386 37.71 0.31 9.86
N ILE H 387 36.57 0.64 10.45
CA ILE H 387 35.40 -0.24 10.49
C ILE H 387 34.18 0.33 9.74
N HIS H 388 34.22 1.64 9.44
CA HIS H 388 33.12 2.33 8.75
C HIS H 388 32.59 1.59 7.50
N PRO H 389 33.45 1.28 6.53
CA PRO H 389 33.03 0.60 5.32
C PRO H 389 33.26 -0.92 5.36
N MET H 390 33.21 -1.50 6.56
CA MET H 390 33.38 -2.95 6.71
C MET H 390 32.05 -3.69 6.64
N GLY H 391 32.09 -4.88 6.05
CA GLY H 391 30.90 -5.73 5.91
C GLY H 391 30.34 -6.18 7.24
N GLU H 392 29.01 -6.27 7.31
CA GLU H 392 28.28 -6.54 8.57
C GLU H 392 28.96 -7.59 9.45
N ILE H 393 29.03 -8.82 8.95
CA ILE H 393 29.58 -9.95 9.69
C ILE H 393 31.09 -9.79 9.91
N ASP H 394 31.79 -9.36 8.86
CA ASP H 394 33.25 -9.16 8.91
C ASP H 394 33.65 -8.10 9.94
N ALA H 395 32.84 -7.05 10.06
CA ALA H 395 33.08 -5.98 11.02
C ALA H 395 33.02 -6.47 12.47
N MET H 396 32.28 -7.55 12.68
CA MET H 396 32.18 -8.18 13.99
C MET H 396 33.16 -9.33 14.14
N GLU H 397 33.43 -10.05 13.04
CA GLU H 397 34.39 -11.16 13.04
C GLU H 397 35.82 -10.67 13.29
N PHE H 398 36.22 -9.64 12.55
CA PHE H 398 37.53 -9.01 12.71
C PHE H 398 37.65 -8.32 14.08
N LEU H 399 36.50 -7.92 14.64
CA LEU H 399 36.46 -7.26 15.94
C LEU H 399 36.79 -8.21 17.09
N ILE H 400 36.10 -9.34 17.15
CA ILE H 400 36.26 -10.29 18.25
C ILE H 400 37.60 -11.04 18.23
N ASN H 401 38.09 -11.37 17.04
CA ASN H 401 39.31 -12.15 16.88
C ASN H 401 40.59 -11.37 17.21
N LYS H 402 40.63 -10.11 16.80
CA LYS H 402 41.76 -9.23 17.11
C LYS H 402 41.68 -8.72 18.55
N LEU H 403 40.50 -8.83 19.15
CA LEU H 403 40.30 -8.51 20.56
C LEU H 403 40.54 -9.74 21.44
N ALA H 404 40.42 -10.93 20.85
CA ALA H 404 40.63 -12.18 21.57
C ALA H 404 42.07 -12.36 22.03
N MET H 405 43.00 -11.69 21.34
CA MET H 405 44.41 -11.71 21.70
C MET H 405 44.66 -11.02 23.04
N THR H 406 43.86 -10.00 23.34
CA THR H 406 44.00 -9.22 24.57
C THR H 406 42.63 -8.87 25.18
N LYS H 407 42.51 -7.63 25.67
CA LYS H 407 41.25 -7.09 26.18
C LYS H 407 41.10 -5.66 25.65
N THR H 408 40.09 -4.94 26.11
CA THR H 408 39.88 -3.54 25.69
C THR H 408 40.90 -2.59 26.33
N ASN H 409 41.53 -3.04 27.42
CA ASN H 409 42.54 -2.26 28.12
C ASN H 409 43.88 -2.19 27.37
N ASP H 410 44.24 -3.29 26.70
CA ASP H 410 45.50 -3.38 25.97
C ASP H 410 45.39 -2.81 24.55
N ASP H 411 44.17 -2.45 24.15
CA ASP H 411 43.91 -1.87 22.82
C ASP H 411 44.61 -0.53 22.61
N PHE H 412 45.07 0.09 23.70
CA PHE H 412 45.76 1.38 23.65
C PHE H 412 47.15 1.30 23.00
N PHE H 413 48.13 0.85 23.78
CA PHE H 413 49.53 0.87 23.36
C PHE H 413 49.86 -0.18 22.29
N GLU H 414 49.31 -1.38 22.46
CA GLU H 414 49.60 -2.51 21.57
C GLU H 414 49.10 -2.31 20.13
N MET H 415 47.79 -2.12 19.99
CA MET H 415 47.18 -1.98 18.67
C MET H 415 47.41 -0.58 18.09
N MET H 416 48.56 -0.43 17.44
CA MET H 416 48.93 0.84 16.80
C MET H 416 49.84 0.58 15.62
N LYS H 417 49.38 0.99 14.43
CA LYS H 417 50.14 0.82 13.19
C LYS H 417 49.96 2.02 12.27
N MET I 1 3.44 36.31 48.10
CA MET I 1 4.25 37.41 47.48
C MET I 1 4.01 37.51 45.96
N ASN I 2 5.10 37.60 45.20
CA ASN I 2 5.03 37.62 43.75
C ASN I 2 4.87 36.20 43.20
N LEU I 3 3.73 35.95 42.55
CA LEU I 3 3.38 34.61 42.05
C LEU I 3 4.38 34.11 41.02
N THR I 4 4.80 34.99 40.10
CA THR I 4 5.72 34.62 39.03
C THR I 4 7.16 34.40 39.51
N GLU I 5 7.48 34.93 40.68
CA GLU I 5 8.80 34.74 41.28
C GLU I 5 8.88 33.36 41.97
N LEU I 6 7.79 32.98 42.62
CA LEU I 6 7.69 31.67 43.27
C LEU I 6 7.69 30.54 42.26
N LYS I 7 7.08 30.79 41.10
CA LYS I 7 7.03 29.82 40.00
C LYS I 7 8.42 29.50 39.45
N ASN I 8 9.28 30.51 39.37
CA ASN I 8 10.65 30.33 38.90
C ASN I 8 11.67 30.18 40.02
N THR I 9 11.18 30.01 41.25
CA THR I 9 12.02 29.66 42.39
C THR I 9 12.25 28.16 42.39
N PRO I 10 13.52 27.72 42.57
CA PRO I 10 13.85 26.31 42.62
C PRO I 10 13.08 25.54 43.70
N VAL I 11 12.78 24.28 43.42
CA VAL I 11 11.99 23.43 44.33
C VAL I 11 12.71 23.20 45.66
N SER I 12 14.04 23.17 45.62
CA SER I 12 14.87 23.00 46.81
C SER I 12 14.75 24.18 47.79
N GLU I 13 14.07 25.24 47.36
CA GLU I 13 13.87 26.44 48.19
C GLU I 13 12.39 26.67 48.54
N LEU I 14 11.49 26.21 47.66
CA LEU I 14 10.05 26.36 47.87
C LEU I 14 9.55 25.54 49.06
N ILE I 15 10.25 24.47 49.38
CA ILE I 15 9.93 23.63 50.53
C ILE I 15 10.22 24.38 51.83
N THR I 16 11.39 25.01 51.91
CA THR I 16 11.84 25.75 53.09
C THR I 16 11.02 27.02 53.34
N LEU I 17 10.53 27.62 52.26
CA LEU I 17 9.70 28.82 52.35
C LEU I 17 8.33 28.50 52.97
N GLY I 18 7.83 27.31 52.69
CA GLY I 18 6.57 26.84 53.27
C GLY I 18 6.70 26.42 54.72
N GLU I 19 7.81 25.77 55.05
CA GLU I 19 8.12 25.39 56.43
C GLU I 19 8.20 26.61 57.35
N ASN I 20 8.60 27.74 56.78
CA ASN I 20 8.61 29.02 57.49
C ASN I 20 7.21 29.52 57.81
N MET I 21 6.28 29.28 56.89
CA MET I 21 4.89 29.70 57.03
C MET I 21 4.06 28.69 57.84
N GLY I 22 4.73 27.67 58.39
CA GLY I 22 4.10 26.65 59.21
C GLY I 22 3.30 25.64 58.40
N LEU I 23 3.89 25.18 57.30
CA LEU I 23 3.25 24.21 56.42
C LEU I 23 3.94 22.86 56.47
N GLU I 24 3.15 21.82 56.78
CA GLU I 24 3.65 20.46 56.91
C GLU I 24 3.31 19.65 55.67
N ASN I 25 4.16 18.65 55.38
CA ASN I 25 3.96 17.73 54.24
C ASN I 25 4.06 18.37 52.85
N LEU I 26 4.91 19.39 52.73
CA LEU I 26 5.18 20.03 51.43
C LEU I 26 6.23 19.25 50.64
N ALA I 27 7.06 18.50 51.37
CA ALA I 27 8.24 17.84 50.81
C ALA I 27 7.96 16.94 49.60
N ARG I 28 6.77 16.35 49.57
CA ARG I 28 6.43 15.35 48.54
C ARG I 28 5.60 15.90 47.37
N MET I 29 4.92 17.02 47.59
CA MET I 29 3.94 17.55 46.63
C MET I 29 4.58 18.04 45.32
N ARG I 30 3.77 18.08 44.26
CA ARG I 30 4.17 18.69 42.99
C ARG I 30 4.45 20.18 43.16
N LYS I 31 5.31 20.73 42.31
CA LYS I 31 5.70 22.14 42.38
C LYS I 31 4.47 23.05 42.42
N GLN I 32 3.51 22.77 41.55
CA GLN I 32 2.26 23.53 41.46
C GLN I 32 1.46 23.46 42.77
N ASP I 33 1.46 22.30 43.40
CA ASP I 33 0.76 22.10 44.67
C ASP I 33 1.41 22.88 45.81
N ILE I 34 2.74 22.97 45.78
CA ILE I 34 3.50 23.75 46.78
C ILE I 34 3.21 25.24 46.62
N ILE I 35 3.20 25.71 45.37
CA ILE I 35 2.88 27.10 45.06
C ILE I 35 1.49 27.48 45.58
N PHE I 36 0.50 26.64 45.28
CA PHE I 36 -0.88 26.86 45.71
C PHE I 36 -1.03 26.78 47.24
N ALA I 37 -0.23 25.93 47.87
CA ALA I 37 -0.24 25.77 49.33
C ALA I 37 0.37 26.98 50.05
N ILE I 38 1.38 27.59 49.44
CA ILE I 38 2.02 28.78 50.00
C ILE I 38 1.35 30.08 49.53
N LEU I 39 0.50 29.97 48.50
CA LEU I 39 -0.32 31.09 48.05
C LEU I 39 -1.55 31.25 48.95
N LYS I 40 -2.22 30.14 49.23
CA LYS I 40 -3.42 30.12 50.07
C LYS I 40 -3.09 30.51 51.51
N GLN I 41 -1.94 30.05 52.01
CA GLN I 41 -1.48 30.41 53.36
C GLN I 41 -1.02 31.86 53.46
N HIS I 42 -0.75 32.48 52.31
CA HIS I 42 -0.36 33.89 52.27
C HIS I 42 -1.58 34.83 52.32
N ALA I 43 -2.73 34.28 52.66
CA ALA I 43 -3.94 35.07 52.88
C ALA I 43 -3.89 35.82 54.22
N LYS I 44 -2.71 35.86 54.81
CA LYS I 44 -2.46 36.60 56.05
C LYS I 44 -2.49 38.10 55.78
N SER I 45 -1.76 38.53 54.75
CA SER I 45 -1.75 39.92 54.32
C SER I 45 -3.04 40.28 53.58
N GLY I 46 -3.56 41.47 53.85
CA GLY I 46 -4.74 41.98 53.16
C GLY I 46 -4.45 42.38 51.72
N GLU I 47 -3.17 42.37 51.36
CA GLU I 47 -2.72 42.70 50.01
C GLU I 47 -1.51 41.84 49.60
N ASP I 48 -0.67 42.42 48.72
CA ASP I 48 0.53 41.75 48.18
C ASP I 48 0.21 40.41 47.52
N ILE I 49 -0.56 40.47 46.44
CA ILE I 49 -0.92 39.31 45.63
C ILE I 49 -0.92 39.66 44.14
N PHE I 50 0.24 39.48 43.51
CA PHE I 50 0.42 39.87 42.11
C PHE I 50 0.93 38.70 41.29
N GLY I 51 0.35 38.51 40.10
CA GLY I 51 0.73 37.41 39.22
C GLY I 51 0.39 37.64 37.76
N ASP I 52 0.98 36.84 36.89
CA ASP I 52 0.74 36.93 35.45
C ASP I 52 0.50 35.55 34.81
N GLY I 53 0.41 35.52 33.49
CA GLY I 53 0.22 34.28 32.75
C GLY I 53 -0.47 34.50 31.41
N VAL I 54 -0.26 33.55 30.49
CA VAL I 54 -0.89 33.61 29.17
C VAL I 54 -2.29 33.01 29.25
N LEU I 55 -3.25 33.73 28.67
CA LEU I 55 -4.66 33.35 28.74
C LEU I 55 -5.01 32.19 27.82
N GLU I 56 -5.78 31.25 28.35
CA GLU I 56 -6.37 30.16 27.56
C GLU I 56 -7.88 30.12 27.82
N ILE I 57 -8.65 30.66 26.88
CA ILE I 57 -10.10 30.62 26.97
C ILE I 57 -10.61 29.24 26.56
N LEU I 58 -11.16 28.51 27.52
CA LEU I 58 -11.67 27.16 27.27
C LEU I 58 -13.04 27.20 26.57
N GLN I 59 -13.53 26.04 26.16
CA GLN I 59 -14.72 25.95 25.31
C GLN I 59 -16.05 26.24 26.04
N ASP I 60 -15.97 26.52 27.34
CA ASP I 60 -17.17 26.86 28.11
C ASP I 60 -17.26 28.34 28.50
N GLY I 61 -16.30 29.13 28.03
CA GLY I 61 -16.32 30.58 28.25
C GLY I 61 -15.22 31.08 29.16
N PHE I 62 -15.11 30.49 30.34
CA PHE I 62 -14.13 30.90 31.34
C PHE I 62 -12.69 30.58 30.90
N GLY I 63 -11.76 31.42 31.33
CA GLY I 63 -10.36 31.28 30.93
C GLY I 63 -9.41 31.05 32.08
N PHE I 64 -8.15 30.79 31.74
CA PHE I 64 -7.09 30.56 32.74
C PHE I 64 -5.78 31.21 32.33
N LEU I 65 -5.01 31.64 33.31
CA LEU I 65 -3.67 32.18 33.07
C LEU I 65 -2.61 31.10 33.33
N ARG I 66 -2.07 30.56 32.25
CA ARG I 66 -1.07 29.49 32.33
C ARG I 66 0.34 30.08 32.31
N SER I 67 1.22 29.52 33.13
CA SER I 67 2.60 30.01 33.24
C SER I 67 3.53 29.33 32.25
N ALA I 68 4.43 30.12 31.67
CA ALA I 68 5.43 29.61 30.72
C ALA I 68 6.52 28.79 31.40
N ASP I 69 6.67 28.99 32.72
CA ASP I 69 7.62 28.25 33.54
C ASP I 69 7.39 26.73 33.44
N SER I 70 6.12 26.33 33.49
CA SER I 70 5.74 24.93 33.38
C SER I 70 5.22 24.60 31.96
N SER I 71 5.63 25.42 30.98
CA SER I 71 5.25 25.25 29.58
C SER I 71 3.73 25.17 29.37
N TYR I 72 3.00 26.06 30.07
CA TYR I 72 1.54 26.18 29.96
C TYR I 72 0.77 24.90 30.30
N LEU I 73 1.28 24.14 31.27
CA LEU I 73 0.59 22.97 31.79
C LEU I 73 -0.45 23.39 32.82
N ALA I 74 -1.63 22.79 32.74
CA ALA I 74 -2.71 23.09 33.68
C ALA I 74 -2.34 22.67 35.10
N GLY I 75 -2.75 23.48 36.07
CA GLY I 75 -2.44 23.22 37.48
C GLY I 75 -3.27 24.04 38.44
N PRO I 76 -3.19 23.71 39.74
CA PRO I 76 -3.96 24.40 40.78
C PRO I 76 -3.47 25.83 41.05
N ASP I 77 -2.21 26.10 40.68
CA ASP I 77 -1.61 27.43 40.90
C ASP I 77 -1.94 28.42 39.77
N ASP I 78 -2.71 27.97 38.79
CA ASP I 78 -3.15 28.81 37.68
C ASP I 78 -4.20 29.83 38.14
N ILE I 79 -4.23 30.98 37.47
CA ILE I 79 -5.14 32.06 37.81
C ILE I 79 -6.41 31.98 36.95
N TYR I 80 -7.57 31.94 37.62
CA TYR I 80 -8.86 31.87 36.95
C TYR I 80 -9.31 33.23 36.41
N VAL I 81 -9.84 33.22 35.19
CA VAL I 81 -10.41 34.43 34.58
C VAL I 81 -11.89 34.22 34.28
N SER I 82 -12.73 35.10 34.81
CA SER I 82 -14.18 35.04 34.64
C SER I 82 -14.59 35.37 33.21
N PRO I 83 -15.65 34.71 32.72
CA PRO I 83 -16.24 35.04 31.41
C PRO I 83 -16.69 36.51 31.33
N SER I 84 -17.02 37.09 32.48
CA SER I 84 -17.38 38.49 32.59
C SER I 84 -16.16 39.40 32.36
N GLN I 85 -15.01 38.95 32.85
CA GLN I 85 -13.75 39.67 32.70
C GLN I 85 -13.24 39.61 31.26
N ILE I 86 -13.45 38.47 30.61
CA ILE I 86 -13.03 38.26 29.23
C ILE I 86 -13.84 39.12 28.26
N ARG I 87 -15.15 39.18 28.49
CA ARG I 87 -16.08 39.96 27.67
C ARG I 87 -15.81 41.47 27.79
N ARG I 88 -15.42 41.90 28.99
CA ARG I 88 -15.28 43.33 29.30
C ARG I 88 -13.99 43.94 28.74
N PHE I 89 -12.85 43.32 29.05
CA PHE I 89 -11.55 43.80 28.58
C PHE I 89 -11.25 43.32 27.15
N ASN I 90 -12.22 42.63 26.55
CA ASN I 90 -12.10 42.06 25.20
C ASN I 90 -10.85 41.20 25.03
N LEU I 91 -10.72 40.20 25.90
CA LEU I 91 -9.52 39.36 25.95
C LEU I 91 -9.62 38.16 25.03
N ARG I 92 -8.48 37.73 24.50
CA ARG I 92 -8.39 36.57 23.63
C ARG I 92 -7.34 35.58 24.13
N THR I 93 -7.50 34.31 23.74
CA THR I 93 -6.53 33.27 24.11
C THR I 93 -5.16 33.52 23.48
N GLY I 94 -4.16 33.69 24.34
CA GLY I 94 -2.81 34.04 23.90
C GLY I 94 -2.31 35.30 24.58
N ASP I 95 -3.23 36.12 25.09
CA ASP I 95 -2.91 37.38 25.75
C ASP I 95 -2.08 37.18 27.01
N THR I 96 -1.16 38.12 27.26
CA THR I 96 -0.37 38.12 28.48
C THR I 96 -1.00 39.08 29.50
N ILE I 97 -1.59 38.52 30.54
CA ILE I 97 -2.31 39.31 31.54
C ILE I 97 -1.56 39.33 32.87
N SER I 98 -1.10 40.52 33.26
CA SER I 98 -0.44 40.71 34.54
C SER I 98 -1.24 41.70 35.39
N GLY I 99 -1.53 41.31 36.63
CA GLY I 99 -2.30 42.15 37.54
C GLY I 99 -2.39 41.64 38.96
N LYS I 100 -3.45 42.04 39.65
CA LYS I 100 -3.69 41.65 41.04
C LYS I 100 -4.63 40.45 41.12
N ILE I 101 -4.39 39.56 42.07
CA ILE I 101 -5.17 38.33 42.22
C ILE I 101 -5.77 38.19 43.62
N ARG I 102 -6.75 37.29 43.74
CA ARG I 102 -7.40 37.03 45.03
C ARG I 102 -7.52 35.52 45.32
N PRO I 103 -7.44 35.15 46.61
CA PRO I 103 -7.67 33.77 47.03
C PRO I 103 -9.10 33.31 46.76
N PRO I 104 -9.31 32.00 46.56
CA PRO I 104 -10.62 31.45 46.26
C PRO I 104 -11.62 31.63 47.41
N LYS I 105 -12.84 32.03 47.08
CA LYS I 105 -13.91 32.17 48.06
C LYS I 105 -14.46 30.79 48.43
N GLU I 106 -14.49 30.51 49.73
CA GLU I 106 -14.89 29.20 50.29
C GLU I 106 -15.70 28.31 49.34
N GLY I 107 -15.08 27.21 48.90
CA GLY I 107 -15.72 26.27 47.98
C GLY I 107 -15.10 26.27 46.60
N GLU I 108 -14.41 27.36 46.27
CA GLU I 108 -13.72 27.50 44.99
C GLU I 108 -12.46 26.65 44.92
N ARG I 109 -11.93 26.47 43.72
CA ARG I 109 -10.79 25.59 43.49
C ARG I 109 -9.52 26.37 43.16
N TYR I 110 -9.67 27.46 42.43
CA TYR I 110 -8.52 28.23 41.93
C TYR I 110 -8.52 29.68 42.39
N PHE I 111 -7.34 30.30 42.35
CA PHE I 111 -7.18 31.74 42.54
C PHE I 111 -7.77 32.47 41.33
N ALA I 112 -8.34 33.65 41.57
CA ALA I 112 -8.99 34.42 40.52
C ALA I 112 -8.35 35.79 40.29
N LEU I 113 -8.55 36.32 39.09
CA LEU I 113 -8.02 37.63 38.72
C LEU I 113 -8.86 38.74 39.34
N LEU I 114 -8.23 39.56 40.18
CA LEU I 114 -8.91 40.64 40.89
C LEU I 114 -8.95 41.93 40.06
N LYS I 115 -7.79 42.43 39.70
CA LYS I 115 -7.68 43.67 38.93
C LYS I 115 -6.67 43.54 37.80
N VAL I 116 -7.10 43.91 36.60
CA VAL I 116 -6.25 43.85 35.41
C VAL I 116 -5.36 45.08 35.35
N ASN I 117 -4.05 44.87 35.52
CA ASN I 117 -3.08 45.96 35.47
C ASN I 117 -2.53 46.22 34.08
N GLU I 118 -2.24 45.14 33.35
CA GLU I 118 -1.61 45.26 32.03
C GLU I 118 -1.98 44.10 31.10
N VAL I 119 -2.36 44.44 29.86
CA VAL I 119 -2.67 43.45 28.82
C VAL I 119 -1.66 43.56 27.69
N ASN I 120 -0.89 42.49 27.48
CA ASN I 120 0.19 42.46 26.48
C ASN I 120 1.21 43.59 26.63
N PHE I 121 1.54 43.90 27.89
CA PHE I 121 2.48 44.98 28.24
C PHE I 121 1.97 46.38 27.91
N ASP I 122 0.73 46.46 27.44
CA ASP I 122 0.08 47.74 27.14
C ASP I 122 -1.11 47.93 28.07
N LYS I 123 -1.66 49.14 28.09
CA LYS I 123 -2.83 49.46 28.94
C LYS I 123 -4.02 48.55 28.61
N PRO I 124 -4.74 48.11 29.66
CA PRO I 124 -5.91 47.23 29.49
C PRO I 124 -7.00 47.79 28.58
N GLU I 125 -6.98 49.10 28.35
CA GLU I 125 -7.90 49.75 27.42
C GLU I 125 -7.43 49.68 25.95
N ASN I 126 -6.30 49.01 25.74
CA ASN I 126 -5.74 48.86 24.40
C ASN I 126 -5.50 47.40 24.03
N ASN I 129 -6.41 46.96 19.07
CA ASN I 129 -5.40 46.38 18.19
C ASN I 129 -6.03 45.48 17.12
N LYS I 130 -5.68 45.73 15.85
CA LYS I 130 -6.15 44.92 14.74
C LYS I 130 -5.57 43.51 14.81
N ILE I 131 -6.43 42.51 14.68
CA ILE I 131 -6.04 41.10 14.81
C ILE I 131 -5.11 40.64 13.68
N LEU I 132 -4.21 39.71 14.00
CA LEU I 132 -3.20 39.22 13.05
C LEU I 132 -3.81 38.60 11.79
N PHE I 133 -4.93 37.91 11.96
CA PHE I 133 -5.62 37.21 10.88
C PHE I 133 -5.98 38.13 9.70
N GLU I 134 -6.21 39.41 10.00
CA GLU I 134 -6.62 40.37 8.98
C GLU I 134 -5.53 41.40 8.61
N ASN I 135 -4.35 41.25 9.20
CA ASN I 135 -3.20 42.09 8.85
C ASN I 135 -2.71 41.80 7.44
N LEU I 136 -2.28 42.85 6.73
CA LEU I 136 -1.79 42.71 5.36
C LEU I 136 -0.43 42.01 5.33
N THR I 137 -0.20 41.21 4.31
CA THR I 137 1.00 40.38 4.24
C THR I 137 1.75 40.39 2.89
N PRO I 138 2.44 41.50 2.58
CA PRO I 138 3.32 41.58 1.41
C PRO I 138 4.50 40.62 1.47
N LEU I 139 5.33 40.59 0.42
CA LEU I 139 6.48 39.68 0.38
C LEU I 139 7.54 40.09 1.41
N HIS I 140 7.31 39.64 2.63
CA HIS I 140 8.06 40.08 3.81
C HIS I 140 9.54 39.72 3.76
N ALA I 141 10.38 40.75 3.78
CA ALA I 141 11.84 40.59 3.78
C ALA I 141 12.57 41.93 3.97
N ASN I 142 11.80 42.98 4.25
CA ASN I 142 12.34 44.35 4.39
C ASN I 142 13.54 44.45 5.34
N SER I 143 13.29 44.25 6.63
CA SER I 143 14.33 44.29 7.65
C SER I 143 15.02 42.94 7.77
N ARG I 144 16.30 42.96 8.14
CA ARG I 144 17.10 41.74 8.25
C ARG I 144 17.48 41.43 9.70
N LEU I 145 17.66 40.15 9.99
CA LEU I 145 18.13 39.69 11.30
C LEU I 145 19.52 39.08 11.18
N ARG I 146 20.49 39.88 10.72
CA ARG I 146 21.86 39.42 10.49
C ARG I 146 22.40 38.56 11.62
N MET I 147 22.78 37.34 11.28
CA MET I 147 23.22 36.35 12.25
C MET I 147 24.73 36.42 12.46
N GLY I 152 35.29 36.64 17.47
CA GLY I 152 35.65 35.79 16.34
C GLY I 152 35.90 34.35 16.75
N SER I 153 34.93 33.76 17.46
CA SER I 153 35.04 32.38 17.93
C SER I 153 34.68 31.38 16.84
N THR I 154 34.88 30.10 17.14
CA THR I 154 34.53 29.01 16.21
C THR I 154 33.01 28.74 16.19
N GLU I 155 32.31 29.22 17.22
CA GLU I 155 30.86 29.17 17.28
C GLU I 155 30.26 30.15 16.27
N ASP I 156 30.95 31.27 16.06
CA ASP I 156 30.52 32.31 15.15
C ASP I 156 30.53 31.84 13.69
N LEU I 157 31.40 30.87 13.39
CA LEU I 157 31.50 30.29 12.04
C LEU I 157 30.17 29.78 11.51
N THR I 158 29.39 29.15 12.39
CA THR I 158 28.06 28.64 12.04
C THR I 158 27.08 29.76 11.68
N ALA I 159 27.17 30.86 12.43
CA ALA I 159 26.25 31.99 12.27
C ALA I 159 26.40 32.73 10.93
N ARG I 160 27.64 32.82 10.45
CA ARG I 160 27.93 33.55 9.21
C ARG I 160 27.81 32.72 7.94
N VAL I 161 28.11 31.42 8.04
CA VAL I 161 27.85 30.49 6.93
C VAL I 161 26.35 30.47 6.65
N LEU I 162 25.56 30.58 7.72
CA LEU I 162 24.11 30.73 7.63
C LEU I 162 23.74 32.03 6.91
N ASP I 163 24.44 33.12 7.24
CA ASP I 163 24.24 34.42 6.59
C ASP I 163 24.60 34.38 5.10
N LEU I 164 25.63 33.60 4.77
CA LEU I 164 26.08 33.47 3.38
C LEU I 164 25.18 32.57 2.55
N ALA I 165 24.70 31.49 3.16
CA ALA I 165 23.83 30.54 2.47
C ALA I 165 22.39 31.04 2.42
N SER I 166 21.78 31.24 3.59
CA SER I 166 20.38 31.65 3.67
C SER I 166 20.13 32.65 4.82
N PRO I 167 20.29 33.94 4.54
CA PRO I 167 20.02 34.99 5.51
C PRO I 167 18.59 34.97 6.07
N ILE I 168 18.47 35.22 7.37
CA ILE I 168 17.17 35.32 8.03
C ILE I 168 16.83 36.79 8.30
N GLY I 169 15.60 37.18 7.99
CA GLY I 169 15.10 38.52 8.29
C GLY I 169 13.72 38.47 8.94
N ARG I 170 13.35 39.57 9.60
CA ARG I 170 12.07 39.64 10.32
C ARG I 170 10.92 39.16 9.45
N GLY I 171 10.22 38.13 9.93
CA GLY I 171 9.08 37.56 9.22
C GLY I 171 9.41 36.39 8.32
N GLN I 172 10.55 35.74 8.59
CA GLN I 172 10.99 34.59 7.80
C GLN I 172 10.21 33.33 8.13
N ARG I 173 9.90 32.56 7.09
CA ARG I 173 9.34 31.23 7.26
C ARG I 173 10.42 30.20 6.94
N GLY I 174 11.36 30.06 7.87
CA GLY I 174 12.52 29.19 7.67
C GLY I 174 12.21 27.72 7.86
N LEU I 175 12.95 26.88 7.14
CA LEU I 175 12.75 25.44 7.19
C LEU I 175 14.08 24.69 7.17
N ILE I 176 14.63 24.44 8.37
CA ILE I 176 15.89 23.70 8.49
C ILE I 176 15.65 22.22 8.23
N VAL I 177 16.01 21.79 7.02
CA VAL I 177 15.84 20.39 6.61
C VAL I 177 17.05 19.58 7.06
N ALA I 178 16.83 18.68 8.02
CA ALA I 178 17.94 17.96 8.65
C ALA I 178 17.60 16.51 8.98
N PRO I 179 18.52 15.59 8.68
CA PRO I 179 18.42 14.22 9.15
C PRO I 179 18.86 14.10 10.61
N PRO I 180 18.48 13.01 11.29
CA PRO I 180 18.87 12.80 12.69
C PRO I 180 20.40 12.77 12.87
N LYS I 181 20.86 13.30 14.01
CA LYS I 181 22.28 13.37 14.36
C LYS I 181 23.13 14.09 13.30
N ALA I 182 22.83 15.37 13.09
CA ALA I 182 23.52 16.17 12.08
C ALA I 182 23.60 17.66 12.42
N GLY I 183 23.86 17.96 13.69
CA GLY I 183 24.04 19.35 14.14
C GLY I 183 22.78 20.20 14.09
N LYS I 184 21.64 19.54 14.21
CA LYS I 184 20.33 20.18 14.07
C LYS I 184 19.95 20.97 15.33
N THR I 185 19.86 20.26 16.46
CA THR I 185 19.56 20.89 17.75
C THR I 185 20.85 21.35 18.42
N MET I 186 21.79 21.83 17.60
CA MET I 186 23.04 22.39 18.09
C MET I 186 23.22 23.78 17.48
N LEU I 187 22.91 23.90 16.19
CA LEU I 187 22.88 25.20 15.52
C LEU I 187 21.59 25.94 15.83
N LEU I 188 20.55 25.18 16.20
CA LEU I 188 19.27 25.74 16.63
C LEU I 188 19.49 26.63 17.85
N GLN I 189 20.45 26.24 18.68
CA GLN I 189 20.87 27.03 19.84
C GLN I 189 21.70 28.24 19.42
N ASN I 190 22.47 28.08 18.33
CA ASN I 190 23.28 29.16 17.78
C ASN I 190 22.44 30.30 17.25
N ILE I 191 21.30 29.97 16.63
CA ILE I 191 20.34 30.98 16.16
C ILE I 191 19.88 31.84 17.33
N ALA I 192 19.41 31.18 18.40
CA ALA I 192 18.95 31.85 19.61
C ALA I 192 20.06 32.63 20.31
N GLN I 193 21.26 32.05 20.34
CA GLN I 193 22.44 32.70 20.91
C GLN I 193 22.86 33.91 20.09
N SER I 194 22.69 33.83 18.77
CA SER I 194 22.98 34.94 17.86
C SER I 194 21.79 35.89 17.72
N ILE I 195 20.71 35.63 18.46
CA ILE I 195 19.58 36.56 18.54
C ILE I 195 19.58 37.28 19.90
N ALA I 196 19.78 36.52 20.97
CA ALA I 196 19.76 37.07 22.33
C ALA I 196 20.74 38.23 22.54
N TYR I 197 21.93 38.10 21.96
CA TYR I 197 22.97 39.13 22.10
C TYR I 197 22.90 40.20 21.02
N ASN I 198 22.67 39.77 19.77
CA ASN I 198 22.66 40.69 18.62
C ASN I 198 21.33 41.40 18.39
N HIS I 199 20.22 40.70 18.66
CA HIS I 199 18.88 41.26 18.45
C HIS I 199 18.03 41.17 19.73
N PRO I 200 18.29 42.06 20.70
CA PRO I 200 17.56 42.04 21.97
C PRO I 200 16.20 42.74 21.88
N ASP I 201 15.93 43.38 20.74
CA ASP I 201 14.70 44.14 20.54
C ASP I 201 13.48 43.25 20.29
N CYS I 202 13.72 42.02 19.84
CA CYS I 202 12.64 41.11 19.46
C CYS I 202 12.44 39.95 20.44
N VAL I 203 11.20 39.51 20.56
CA VAL I 203 10.82 38.41 21.46
C VAL I 203 11.26 37.07 20.86
N LEU I 204 11.96 36.27 21.66
CA LEU I 204 12.45 34.97 21.22
C LEU I 204 11.78 33.83 21.99
N MET I 205 11.21 32.90 21.25
CA MET I 205 10.56 31.73 21.84
C MET I 205 11.01 30.45 21.15
N VAL I 206 11.80 29.64 21.86
CA VAL I 206 12.26 28.36 21.34
C VAL I 206 11.27 27.26 21.73
N LEU I 207 10.65 26.65 20.74
CA LEU I 207 9.64 25.60 20.96
C LEU I 207 10.18 24.22 20.61
N LEU I 208 9.94 23.26 21.51
CA LEU I 208 10.38 21.89 21.31
C LEU I 208 9.20 20.92 21.43
N ILE I 209 9.05 20.05 20.43
CA ILE I 209 7.98 19.04 20.42
C ILE I 209 8.55 17.63 20.36
N ASP I 210 8.05 16.76 21.24
CA ASP I 210 8.55 15.38 21.39
C ASP I 210 10.03 15.30 21.77
N GLU I 211 10.52 16.36 22.41
CA GLU I 211 11.91 16.46 22.85
C GLU I 211 12.17 15.58 24.07
N ARG I 212 13.42 15.20 24.27
CA ARG I 212 13.83 14.42 25.43
C ARG I 212 14.02 15.32 26.66
N PRO I 213 13.64 14.83 27.84
CA PRO I 213 13.70 15.63 29.08
C PRO I 213 15.06 16.27 29.35
N GLU I 214 16.14 15.55 29.05
CA GLU I 214 17.50 16.06 29.27
C GLU I 214 17.90 17.11 28.23
N GLU I 215 17.24 17.09 27.08
CA GLU I 215 17.50 18.05 26.01
C GLU I 215 16.69 19.32 26.20
N VAL I 216 15.65 19.25 27.02
CA VAL I 216 14.80 20.39 27.36
C VAL I 216 15.53 21.34 28.30
N THR I 217 16.10 20.78 29.38
CA THR I 217 16.79 21.57 30.40
C THR I 217 18.04 22.26 29.85
N GLU I 218 18.71 21.61 28.91
CA GLU I 218 19.87 22.21 28.24
C GLU I 218 19.45 23.45 27.46
N MET I 219 18.31 23.36 26.78
CA MET I 219 17.73 24.49 26.06
C MET I 219 17.30 25.60 27.01
N GLN I 220 16.81 25.21 28.20
CA GLN I 220 16.36 26.15 29.22
C GLN I 220 17.52 26.90 29.88
N ARG I 221 18.72 26.32 29.84
CA ARG I 221 19.89 26.92 30.49
C ARG I 221 20.75 27.79 29.56
N LEU I 222 20.59 27.60 28.25
CA LEU I 222 21.42 28.30 27.27
C LEU I 222 20.69 29.47 26.58
N VAL I 223 19.45 29.22 26.14
CA VAL I 223 18.67 30.22 25.44
C VAL I 223 18.20 31.34 26.37
N LYS I 224 18.56 32.57 26.02
CA LYS I 224 18.15 33.75 26.78
C LYS I 224 16.85 34.32 26.20
N GLY I 225 15.75 33.62 26.47
CA GLY I 225 14.43 34.03 26.00
C GLY I 225 13.32 33.28 26.71
N GLU I 226 12.43 32.69 25.93
CA GLU I 226 11.31 31.92 26.48
C GLU I 226 11.28 30.51 25.90
N VAL I 227 11.79 29.55 26.66
CA VAL I 227 11.84 28.16 26.22
C VAL I 227 10.60 27.38 26.66
N VAL I 228 9.84 26.91 25.68
CA VAL I 228 8.66 26.07 25.92
C VAL I 228 8.90 24.71 25.27
N ALA I 229 8.58 23.64 25.99
CA ALA I 229 8.84 22.29 25.49
C ALA I 229 7.82 21.25 25.95
N SER I 230 7.70 20.18 25.17
CA SER I 230 6.86 19.03 25.50
C SER I 230 7.62 17.74 25.27
N THR I 231 7.85 16.99 26.34
CA THR I 231 8.63 15.74 26.27
C THR I 231 7.88 14.64 25.52
N PHE I 232 8.63 13.66 25.03
CA PHE I 232 8.05 12.55 24.26
C PHE I 232 7.17 11.63 25.11
N ASP I 233 7.32 11.73 26.44
CA ASP I 233 6.50 10.95 27.37
C ASP I 233 5.17 11.62 27.68
N GLU I 234 4.84 12.67 26.92
CA GLU I 234 3.58 13.38 27.06
C GLU I 234 2.64 13.07 25.88
N PRO I 235 1.33 13.11 26.12
CA PRO I 235 0.34 12.77 25.09
C PRO I 235 0.31 13.77 23.92
N ALA I 236 -0.35 13.38 22.83
CA ALA I 236 -0.43 14.20 21.63
C ALA I 236 -1.22 15.49 21.85
N SER I 237 -2.26 15.42 22.68
CA SER I 237 -3.06 16.59 23.02
C SER I 237 -2.23 17.66 23.72
N ARG I 238 -1.27 17.21 24.53
CA ARG I 238 -0.34 18.09 25.23
C ARG I 238 0.61 18.81 24.26
N HIS I 239 1.10 18.09 23.26
CA HIS I 239 1.93 18.67 22.21
C HIS I 239 1.17 19.75 21.46
N VAL I 240 -0.06 19.41 21.07
CA VAL I 240 -0.95 20.31 20.32
C VAL I 240 -1.33 21.53 21.15
N GLN I 241 -1.61 21.31 22.44
CA GLN I 241 -2.00 22.38 23.37
C GLN I 241 -0.87 23.38 23.62
N VAL I 242 0.36 22.88 23.57
CA VAL I 242 1.55 23.73 23.79
C VAL I 242 1.85 24.62 22.59
N ALA I 243 1.87 24.03 21.39
CA ALA I 243 2.17 24.78 20.17
C ALA I 243 1.05 25.76 19.81
N GLU I 244 -0.18 25.41 20.18
CA GLU I 244 -1.33 26.27 19.95
C GLU I 244 -1.33 27.43 20.94
N MET I 245 -0.64 27.26 22.07
CA MET I 245 -0.49 28.32 23.06
C MET I 245 0.63 29.28 22.65
N VAL I 246 1.68 28.74 22.04
CA VAL I 246 2.83 29.54 21.62
C VAL I 246 2.49 30.42 20.41
N ILE I 247 1.81 29.84 19.43
CA ILE I 247 1.44 30.58 18.22
C ILE I 247 0.42 31.69 18.51
N GLU I 248 -0.61 31.37 19.29
CA GLU I 248 -1.65 32.34 19.65
C GLU I 248 -1.10 33.48 20.51
N LYS I 249 -0.08 33.19 21.30
CA LYS I 249 0.61 34.20 22.09
C LYS I 249 1.41 35.15 21.19
N ALA I 250 2.17 34.56 20.27
CA ALA I 250 2.98 35.31 19.31
C ALA I 250 2.13 36.24 18.46
N LYS I 251 0.93 35.79 18.12
CA LYS I 251 -0.02 36.58 17.33
C LYS I 251 -0.50 37.82 18.09
N ARG I 252 -0.69 37.69 19.40
CA ARG I 252 -1.12 38.80 20.24
C ARG I 252 -0.02 39.86 20.39
N LEU I 253 1.24 39.40 20.42
CA LEU I 253 2.39 40.30 20.57
C LEU I 253 2.72 41.03 19.27
N VAL I 254 2.61 40.32 18.15
CA VAL I 254 2.82 40.93 16.82
C VAL I 254 1.76 42.01 16.54
N GLU I 255 0.57 41.83 17.12
CA GLU I 255 -0.49 42.83 17.06
C GLU I 255 -0.09 44.15 17.73
N HIS I 256 0.92 44.10 18.58
CA HIS I 256 1.47 45.30 19.22
C HIS I 256 2.76 45.79 18.55
N LYS I 257 2.83 45.59 17.23
CA LYS I 257 3.97 46.02 16.41
C LYS I 257 5.32 45.52 16.95
N LYS I 258 5.31 44.31 17.51
CA LYS I 258 6.51 43.67 18.03
C LYS I 258 6.96 42.53 17.13
N ASP I 259 8.28 42.36 17.01
CA ASP I 259 8.85 41.27 16.24
C ASP I 259 9.05 40.04 17.12
N VAL I 260 8.51 38.90 16.68
CA VAL I 260 8.57 37.66 17.44
C VAL I 260 9.22 36.55 16.62
N ILE I 261 10.26 35.95 17.18
CA ILE I 261 10.95 34.83 16.53
C ILE I 261 10.63 33.51 17.24
N ILE I 262 10.06 32.56 16.50
CA ILE I 262 9.79 31.23 17.02
C ILE I 262 10.76 30.21 16.43
N LEU I 263 11.49 29.52 17.30
CA LEU I 263 12.40 28.45 16.88
C LEU I 263 11.81 27.09 17.23
N LEU I 264 11.15 26.48 16.25
CA LEU I 264 10.49 25.19 16.45
C LEU I 264 11.39 24.02 16.06
N ASP I 265 11.53 23.07 16.98
CA ASP I 265 12.22 21.82 16.68
C ASP I 265 11.19 20.78 16.22
N SER I 266 11.40 20.30 15.00
CA SER I 266 10.51 19.33 14.33
C SER I 266 9.06 19.80 14.14
N ILE I 267 8.75 20.23 12.92
CA ILE I 267 7.38 20.49 12.49
C ILE I 267 6.67 19.16 12.23
N THR I 268 7.45 18.13 11.89
CA THR I 268 6.94 16.79 11.64
C THR I 268 6.33 16.18 12.91
N ARG I 269 7.07 16.26 14.02
CA ARG I 269 6.59 15.76 15.30
C ARG I 269 5.37 16.53 15.79
N LEU I 270 5.29 17.80 15.40
CA LEU I 270 4.12 18.62 15.65
C LEU I 270 2.96 18.19 14.76
N ALA I 271 3.28 17.83 13.52
CA ALA I 271 2.28 17.38 12.56
C ALA I 271 1.70 16.01 12.92
N ARG I 272 2.55 15.14 13.45
CA ARG I 272 2.11 13.81 13.92
C ARG I 272 1.24 13.93 15.16
N ALA I 273 1.52 14.94 15.97
CA ALA I 273 0.73 15.23 17.16
C ALA I 273 -0.68 15.67 16.78
N TYR I 274 -0.79 16.56 15.80
CA TYR I 274 -2.08 16.97 15.26
C TYR I 274 -2.78 15.82 14.55
N ASN I 275 -1.99 14.99 13.85
CA ASN I 275 -2.50 13.85 13.09
C ASN I 275 -3.37 12.89 13.92
N THR I 276 -2.89 12.53 15.11
CA THR I 276 -3.61 11.61 15.99
C THR I 276 -4.76 12.28 16.73
N VAL I 277 -4.61 13.57 17.03
CA VAL I 277 -5.62 14.35 17.74
C VAL I 277 -6.85 14.63 16.84
N VAL I 278 -6.59 14.93 15.57
CA VAL I 278 -7.64 15.20 14.58
C VAL I 278 -8.61 14.00 14.46
N PRO I 279 -9.91 14.27 14.60
CA PRO I 279 -10.94 13.22 14.52
C PRO I 279 -10.99 12.58 13.12
N ALA I 280 -11.35 11.29 13.09
CA ALA I 280 -11.42 10.54 11.85
C ALA I 280 -12.59 10.98 10.97
N VAL I 284 -9.49 7.74 4.61
CA VAL I 284 -8.63 8.71 3.91
C VAL I 284 -7.22 8.76 4.51
N LEU I 285 -6.31 7.97 3.93
CA LEU I 285 -4.93 7.88 4.42
C LEU I 285 -3.88 7.77 3.31
N THR I 286 -2.80 8.53 3.48
CA THR I 286 -1.63 8.47 2.60
C THR I 286 -0.37 8.23 3.43
N GLY I 287 -0.07 6.96 3.68
CA GLY I 287 1.10 6.57 4.46
C GLY I 287 1.08 7.06 5.90
N GLY I 288 -0.01 6.77 6.61
CA GLY I 288 -0.07 7.01 8.05
C GLY I 288 -0.54 8.38 8.52
N VAL I 289 -0.95 9.23 7.59
CA VAL I 289 -1.49 10.56 7.93
C VAL I 289 -2.84 10.78 7.27
N ASP I 290 -3.79 11.34 8.03
CA ASP I 290 -5.10 11.71 7.49
C ASP I 290 -4.97 12.86 6.50
N ALA I 291 -5.88 12.91 5.54
CA ALA I 291 -5.85 13.93 4.48
C ALA I 291 -6.05 15.35 5.02
N ASN I 292 -7.03 15.51 5.91
CA ASN I 292 -7.34 16.82 6.48
C ASN I 292 -6.62 17.11 7.81
N ALA I 293 -5.67 16.24 8.16
CA ALA I 293 -4.94 16.36 9.41
C ALA I 293 -3.83 17.41 9.36
N LEU I 294 -3.09 17.43 8.24
CA LEU I 294 -1.96 18.35 8.07
C LEU I 294 -2.37 19.82 7.99
N HIS I 295 -3.67 20.07 7.95
CA HIS I 295 -4.21 21.43 7.88
C HIS I 295 -3.67 22.37 8.96
N ARG I 296 -3.85 21.98 10.22
CA ARG I 296 -3.48 22.84 11.36
C ARG I 296 -1.97 23.05 11.55
N PRO I 297 -1.15 22.01 11.39
CA PRO I 297 0.31 22.17 11.34
C PRO I 297 0.75 23.17 10.26
N LYS I 298 0.09 23.14 9.11
CA LYS I 298 0.36 24.08 8.02
C LYS I 298 -0.02 25.50 8.40
N ARG I 299 -1.13 25.63 9.13
CA ARG I 299 -1.63 26.94 9.58
C ARG I 299 -0.71 27.54 10.65
N PHE I 300 -0.15 26.69 11.49
CA PHE I 300 0.84 27.10 12.49
C PHE I 300 2.09 27.67 11.81
N PHE I 301 2.62 26.92 10.84
CA PHE I 301 3.82 27.31 10.11
C PHE I 301 3.54 28.52 9.21
N GLY I 302 2.46 28.47 8.45
CA GLY I 302 2.10 29.52 7.50
C GLY I 302 1.73 30.86 8.12
N ALA I 303 1.65 30.90 9.45
CA ALA I 303 1.35 32.13 10.17
C ALA I 303 2.50 33.13 10.10
N ALA I 304 3.72 32.61 9.96
CA ALA I 304 4.93 33.43 9.93
C ALA I 304 4.90 34.48 8.82
N ARG I 305 5.05 35.75 9.22
CA ARG I 305 5.04 36.88 8.30
C ARG I 305 5.52 38.18 8.96
N ASN I 306 6.08 39.08 8.15
CA ASN I 306 6.49 40.41 8.61
C ASN I 306 5.41 41.46 8.32
N VAL I 307 4.33 41.40 9.10
CA VAL I 307 3.16 42.27 8.95
C VAL I 307 3.50 43.69 8.45
N GLU I 308 2.83 44.10 7.37
CA GLU I 308 3.05 45.41 6.75
C GLU I 308 2.94 46.57 7.74
N GLU I 309 1.90 46.53 8.57
CA GLU I 309 1.65 47.59 9.55
C GLU I 309 2.39 47.36 10.88
N GLY I 310 3.69 47.07 10.78
CA GLY I 310 4.54 46.87 11.95
C GLY I 310 4.44 45.47 12.53
N GLY I 311 5.52 45.04 13.18
CA GLY I 311 5.58 43.73 13.80
C GLY I 311 5.83 42.61 12.81
N SER I 312 6.39 41.50 13.30
CA SER I 312 6.71 40.36 12.45
C SER I 312 6.71 39.05 13.23
N LEU I 313 6.22 38.00 12.59
CA LEU I 313 6.33 36.65 13.11
C LEU I 313 7.29 35.85 12.25
N THR I 314 8.43 35.50 12.83
CA THR I 314 9.44 34.71 12.13
C THR I 314 9.59 33.32 12.75
N ILE I 315 9.12 32.31 12.03
CA ILE I 315 9.20 30.93 12.48
C ILE I 315 10.26 30.19 11.68
N ILE I 316 11.25 29.67 12.39
CA ILE I 316 12.26 28.79 11.80
C ILE I 316 12.05 27.38 12.33
N ALA I 317 11.36 26.55 11.55
CA ALA I 317 10.98 25.21 11.97
C ALA I 317 11.86 24.14 11.35
N THR I 318 12.21 23.13 12.15
CA THR I 318 12.98 21.98 11.67
C THR I 318 12.05 21.00 10.94
N ALA I 319 12.45 20.63 9.72
CA ALA I 319 11.73 19.61 8.96
C ALA I 319 12.50 18.29 8.98
N LEU I 320 11.99 17.31 9.72
CA LEU I 320 12.67 16.02 9.86
C LEU I 320 12.58 15.17 8.61
N ILE I 321 13.75 14.82 8.07
CA ILE I 321 13.87 13.95 6.91
C ILE I 321 14.80 12.79 7.26
N ASP I 322 14.73 11.70 6.48
CA ASP I 322 15.61 10.54 6.61
C ASP I 322 15.44 9.83 7.96
N THR I 323 14.19 9.52 8.29
CA THR I 323 13.84 8.87 9.56
C THR I 323 13.54 7.38 9.34
N GLY I 324 13.31 7.00 8.09
CA GLY I 324 12.90 5.64 7.76
C GLY I 324 11.42 5.45 8.07
N SER I 325 10.66 6.54 7.98
CA SER I 325 9.24 6.54 8.30
C SER I 325 8.46 7.21 7.18
N LYS I 326 7.29 6.64 6.86
CA LYS I 326 6.43 7.19 5.81
C LYS I 326 5.79 8.50 6.26
N MET I 327 5.38 8.56 7.53
CA MET I 327 4.84 9.79 8.12
C MET I 327 5.88 10.92 8.08
N ASP I 328 7.08 10.61 8.57
CA ASP I 328 8.18 11.58 8.60
C ASP I 328 8.74 11.89 7.21
N GLU I 329 7.98 11.51 6.18
CA GLU I 329 8.36 11.79 4.80
C GLU I 329 7.20 12.36 3.98
N VAL I 330 5.98 12.01 4.37
CA VAL I 330 4.77 12.59 3.77
C VAL I 330 4.60 14.04 4.24
N ILE I 331 4.89 14.28 5.52
CA ILE I 331 4.81 15.62 6.10
C ILE I 331 5.80 16.57 5.42
N TYR I 332 7.05 16.12 5.25
CA TYR I 332 8.07 16.91 4.57
C TYR I 332 7.69 17.23 3.14
N GLU I 333 7.09 16.24 2.46
CA GLU I 333 6.66 16.38 1.06
C GLU I 333 5.57 17.43 0.90
N GLU I 334 4.72 17.55 1.92
CA GLU I 334 3.65 18.55 1.92
C GLU I 334 4.17 19.93 2.33
N PHE I 335 5.20 19.94 3.18
CA PHE I 335 5.77 21.18 3.72
C PHE I 335 6.91 21.76 2.88
N LYS I 336 7.44 20.97 1.95
CA LYS I 336 8.54 21.39 1.10
C LYS I 336 8.10 22.54 0.18
N GLY I 337 8.71 23.70 0.37
CA GLY I 337 8.46 24.86 -0.47
C GLY I 337 7.56 25.92 0.13
N THR I 338 6.75 25.53 1.09
CA THR I 338 5.82 26.46 1.76
C THR I 338 6.54 27.62 2.43
N GLY I 339 7.78 27.39 2.87
CA GLY I 339 8.60 28.42 3.48
C GLY I 339 9.47 29.15 2.48
N ASN I 340 9.80 30.40 2.78
CA ASN I 340 10.65 31.24 1.93
C ASN I 340 12.12 31.19 2.31
N MET I 341 12.49 30.16 3.07
CA MET I 341 13.88 29.94 3.51
C MET I 341 14.08 28.45 3.81
N GLU I 342 15.23 27.92 3.40
CA GLU I 342 15.59 26.54 3.70
C GLU I 342 17.09 26.39 3.96
N LEU I 343 17.43 25.71 5.06
CA LEU I 343 18.82 25.42 5.37
C LEU I 343 19.02 23.91 5.54
N HIS I 344 19.59 23.30 4.51
CA HIS I 344 19.78 21.86 4.47
C HIS I 344 21.04 21.42 5.20
N LEU I 345 20.87 20.47 6.12
CA LEU I 345 22.00 19.80 6.75
C LEU I 345 22.13 18.40 6.16
N SER I 346 23.37 17.93 6.02
CA SER I 346 23.62 16.63 5.41
C SER I 346 24.34 15.67 6.35
N ARG I 347 23.86 14.42 6.37
CA ARG I 347 24.47 13.34 7.15
C ARG I 347 25.83 12.98 6.57
N LYS I 348 25.99 13.19 5.26
CA LYS I 348 27.24 12.93 4.56
C LYS I 348 28.37 13.82 5.08
N ILE I 349 28.04 15.10 5.33
CA ILE I 349 28.99 16.04 5.89
C ILE I 349 29.09 15.89 7.41
N ALA I 350 28.05 15.31 8.01
CA ALA I 350 27.98 15.11 9.46
C ALA I 350 28.75 13.87 9.92
N GLU I 351 28.78 12.83 9.09
CA GLU I 351 29.52 11.60 9.40
C GLU I 351 31.03 11.79 9.30
N LYS I 352 31.44 12.84 8.58
CA LYS I 352 32.82 13.30 8.57
C LYS I 352 33.13 14.10 9.83
N ARG I 353 32.07 14.53 10.53
CA ARG I 353 32.16 15.39 11.71
C ARG I 353 33.00 16.64 11.46
N VAL I 354 32.58 17.44 10.48
CA VAL I 354 33.26 18.67 10.15
C VAL I 354 32.36 19.90 10.33
N PHE I 355 32.39 20.46 11.54
CA PHE I 355 31.81 21.77 11.84
C PHE I 355 30.31 21.85 11.49
N PRO I 356 29.74 23.05 11.28
CA PRO I 356 28.37 23.16 10.78
C PRO I 356 28.18 22.46 9.43
N ALA I 357 27.60 21.27 9.47
CA ALA I 357 27.43 20.43 8.28
C ALA I 357 26.27 20.90 7.40
N ILE I 358 26.43 22.09 6.81
CA ILE I 358 25.37 22.69 5.99
C ILE I 358 25.59 22.44 4.51
N ASP I 359 24.57 21.88 3.86
CA ASP I 359 24.56 21.71 2.41
C ASP I 359 24.33 23.07 1.74
N TYR I 360 25.44 23.74 1.43
CA TYR I 360 25.42 25.12 0.92
C TYR I 360 24.64 25.27 -0.39
N ASN I 361 24.72 24.27 -1.25
CA ASN I 361 24.06 24.31 -2.56
C ASN I 361 22.54 24.26 -2.52
N ARG I 362 22.00 23.42 -1.63
CA ARG I 362 20.55 23.32 -1.46
C ARG I 362 19.99 24.40 -0.55
N SER I 363 20.84 24.98 0.29
CA SER I 363 20.46 26.07 1.17
C SER I 363 20.25 27.36 0.39
N GLY I 364 19.45 28.27 0.95
CA GLY I 364 19.17 29.55 0.31
C GLY I 364 17.76 30.04 0.54
N THR I 365 17.63 31.32 0.85
CA THR I 365 16.33 31.95 1.01
C THR I 365 15.87 32.61 -0.30
N ARG I 366 14.57 32.52 -0.57
CA ARG I 366 14.00 33.14 -1.76
C ARG I 366 13.65 34.59 -1.50
N LYS I 367 13.83 35.42 -2.53
CA LYS I 367 13.87 36.89 -2.39
C LYS I 367 15.03 37.32 -1.49
N GLU I 368 16.21 36.77 -1.79
CA GLU I 368 17.45 37.06 -1.08
C GLU I 368 17.84 38.54 -1.22
N GLU I 369 17.36 39.16 -2.29
CA GLU I 369 17.73 40.55 -2.64
C GLU I 369 17.22 41.60 -1.66
N LEU I 370 16.09 41.33 -1.01
CA LEU I 370 15.48 42.29 -0.09
C LEU I 370 16.12 42.26 1.30
N LEU I 371 16.87 41.20 1.57
CA LEU I 371 17.52 41.01 2.86
C LEU I 371 19.00 41.39 2.81
N THR I 372 19.48 41.76 1.63
CA THR I 372 20.90 42.10 1.43
C THR I 372 21.08 43.40 0.65
N THR I 373 22.16 44.11 0.96
CA THR I 373 22.54 45.31 0.19
C THR I 373 23.16 44.92 -1.14
N GLN I 374 23.19 45.88 -2.07
CA GLN I 374 23.68 45.64 -3.44
C GLN I 374 25.09 45.05 -3.49
N GLU I 375 26.01 45.60 -2.69
CA GLU I 375 27.39 45.13 -2.64
C GLU I 375 27.48 43.74 -2.01
N GLU I 376 26.70 43.53 -0.96
CA GLU I 376 26.67 42.25 -0.24
C GLU I 376 26.11 41.12 -1.10
N LEU I 377 25.04 41.43 -1.84
CA LEU I 377 24.40 40.46 -2.74
C LEU I 377 25.37 39.97 -3.80
N GLN I 378 26.08 40.91 -4.43
CA GLN I 378 27.11 40.59 -5.41
C GLN I 378 28.16 39.65 -4.83
N LYS I 379 28.69 40.02 -3.67
CA LYS I 379 29.67 39.21 -2.93
C LYS I 379 29.21 37.77 -2.76
N MET I 380 27.97 37.61 -2.33
CA MET I 380 27.38 36.29 -2.07
C MET I 380 27.24 35.45 -3.34
N TRP I 381 26.81 36.09 -4.43
CA TRP I 381 26.65 35.40 -5.71
C TRP I 381 27.97 35.09 -6.40
N ILE I 382 29.01 35.85 -6.07
CA ILE I 382 30.38 35.53 -6.49
C ILE I 382 30.83 34.24 -5.80
N LEU I 383 30.57 34.15 -4.49
CA LEU I 383 30.90 32.98 -3.69
C LEU I 383 30.04 31.78 -4.10
N ARG I 384 28.80 32.05 -4.47
CA ARG I 384 27.85 31.02 -4.90
C ARG I 384 28.35 30.27 -6.13
N LYS I 385 28.98 30.99 -7.05
CA LYS I 385 29.54 30.40 -8.27
C LYS I 385 30.77 29.55 -7.98
N ILE I 386 31.51 29.90 -6.92
CA ILE I 386 32.70 29.15 -6.51
C ILE I 386 32.32 27.78 -5.93
N ILE I 387 31.33 27.78 -5.04
CA ILE I 387 30.90 26.59 -4.33
C ILE I 387 30.02 25.66 -5.17
N HIS I 388 29.16 26.25 -6.00
CA HIS I 388 28.19 25.52 -6.82
C HIS I 388 28.67 24.16 -7.37
N PRO I 389 29.76 24.14 -8.16
CA PRO I 389 30.22 22.90 -8.79
C PRO I 389 30.78 21.89 -7.80
N MET I 390 31.37 22.38 -6.71
CA MET I 390 32.01 21.52 -5.71
C MET I 390 31.02 20.59 -5.01
N GLY I 391 31.53 19.46 -4.52
CA GLY I 391 30.74 18.52 -3.73
C GLY I 391 30.41 19.09 -2.36
N GLU I 392 29.30 18.62 -1.78
CA GLU I 392 28.79 19.18 -0.53
C GLU I 392 29.75 19.05 0.66
N ILE I 393 30.52 17.97 0.70
CA ILE I 393 31.52 17.75 1.75
C ILE I 393 32.74 18.65 1.54
N ASP I 394 33.14 18.81 0.28
CA ASP I 394 34.30 19.63 -0.08
C ASP I 394 34.01 21.12 0.07
N ALA I 395 32.80 21.53 -0.33
CA ALA I 395 32.40 22.93 -0.31
C ALA I 395 32.35 23.52 1.10
N MET I 396 31.78 22.77 2.03
CA MET I 396 31.68 23.19 3.43
C MET I 396 33.06 23.22 4.09
N GLU I 397 33.87 22.21 3.79
CA GLU I 397 35.24 22.13 4.32
C GLU I 397 36.11 23.26 3.76
N PHE I 398 35.88 23.60 2.50
CA PHE I 398 36.58 24.72 1.85
C PHE I 398 36.16 26.06 2.44
N LEU I 399 34.86 26.20 2.72
CA LEU I 399 34.32 27.45 3.26
C LEU I 399 34.80 27.72 4.68
N ILE I 400 34.97 26.66 5.47
CA ILE I 400 35.49 26.77 6.82
C ILE I 400 36.92 27.34 6.84
N ASN I 401 37.77 26.83 5.96
CA ASN I 401 39.17 27.26 5.87
C ASN I 401 39.33 28.77 5.70
N LYS I 402 38.56 29.34 4.78
CA LYS I 402 38.65 30.77 4.47
C LYS I 402 37.92 31.63 5.50
N LEU I 403 36.85 31.09 6.07
CA LEU I 403 36.08 31.81 7.09
C LEU I 403 36.77 31.79 8.46
N ALA I 404 37.48 30.71 8.76
CA ALA I 404 38.21 30.58 10.02
C ALA I 404 39.49 31.42 10.04
N MET I 405 39.52 32.44 9.18
CA MET I 405 40.65 33.36 9.10
C MET I 405 40.21 34.79 9.41
N THR I 406 39.14 35.22 8.76
CA THR I 406 38.67 36.61 8.84
C THR I 406 37.25 36.72 9.37
N LYS I 407 36.83 37.95 9.67
CA LYS I 407 35.44 38.23 10.05
C LYS I 407 34.55 38.30 8.81
N THR I 408 33.24 38.46 9.02
CA THR I 408 32.24 38.42 7.94
C THR I 408 32.56 39.35 6.77
N ASN I 409 32.91 40.60 7.09
CA ASN I 409 33.21 41.62 6.08
C ASN I 409 34.59 41.44 5.45
N ASP I 410 35.55 41.01 6.26
CA ASP I 410 36.94 40.83 5.82
C ASP I 410 37.11 39.61 4.91
N ASP I 411 36.08 38.76 4.85
CA ASP I 411 36.10 37.55 4.04
C ASP I 411 36.01 37.88 2.53
N PHE I 412 35.28 38.95 2.21
CA PHE I 412 35.13 39.41 0.82
C PHE I 412 36.45 39.90 0.24
N PHE I 413 37.19 40.68 1.02
CA PHE I 413 38.49 41.21 0.60
C PHE I 413 39.58 40.15 0.57
N GLU I 414 39.46 39.15 1.46
CA GLU I 414 40.43 38.07 1.55
C GLU I 414 40.52 37.25 0.26
N MET I 415 39.37 37.06 -0.40
CA MET I 415 39.29 36.24 -1.61
C MET I 415 39.58 37.01 -2.89
N MET I 416 39.61 38.34 -2.81
CA MET I 416 39.76 39.19 -3.98
C MET I 416 41.23 39.46 -4.36
N LYS I 417 42.14 38.57 -3.95
CA LYS I 417 43.58 38.79 -4.15
C LYS I 417 44.32 37.56 -4.65
N MET J 1 -23.60 52.75 3.10
CA MET J 1 -22.97 52.82 1.76
C MET J 1 -23.03 51.48 1.02
N ASN J 2 -22.35 51.41 -0.12
CA ASN J 2 -22.22 50.16 -0.89
C ASN J 2 -21.38 49.12 -0.14
N LEU J 3 -21.85 47.87 -0.17
CA LEU J 3 -21.21 46.77 0.54
C LEU J 3 -19.77 46.51 0.09
N THR J 4 -19.55 46.49 -1.22
CA THR J 4 -18.21 46.27 -1.78
C THR J 4 -17.31 47.50 -1.65
N GLU J 5 -17.92 48.67 -1.60
CA GLU J 5 -17.20 49.93 -1.36
C GLU J 5 -16.65 49.97 0.06
N LEU J 6 -17.38 49.35 0.98
CA LEU J 6 -16.96 49.22 2.37
C LEU J 6 -15.96 48.08 2.56
N LYS J 7 -16.08 47.04 1.73
CA LYS J 7 -15.21 45.87 1.79
C LYS J 7 -13.78 46.17 1.33
N ASN J 8 -13.61 47.19 0.50
CA ASN J 8 -12.30 47.54 -0.05
C ASN J 8 -11.58 48.65 0.73
N THR J 9 -12.13 49.03 1.88
CA THR J 9 -11.47 49.99 2.77
C THR J 9 -10.59 49.26 3.79
N PRO J 10 -9.42 49.82 4.08
CA PRO J 10 -8.54 49.28 5.13
C PRO J 10 -9.28 49.14 6.45
N VAL J 11 -9.03 48.04 7.15
CA VAL J 11 -9.75 47.71 8.39
C VAL J 11 -9.58 48.77 9.48
N SER J 12 -8.43 49.45 9.46
CA SER J 12 -8.12 50.50 10.43
C SER J 12 -9.17 51.62 10.45
N GLU J 13 -9.53 52.09 9.26
CA GLU J 13 -10.56 53.13 9.10
C GLU J 13 -11.96 52.54 9.20
N LEU J 14 -12.05 51.24 8.93
CA LEU J 14 -13.32 50.52 8.96
C LEU J 14 -13.85 50.41 10.38
N ILE J 15 -12.93 50.26 11.34
CA ILE J 15 -13.28 50.28 12.77
C ILE J 15 -13.67 51.69 13.20
N THR J 16 -12.95 52.69 12.67
CA THR J 16 -13.23 54.11 12.94
C THR J 16 -14.59 54.52 12.39
N LEU J 17 -14.95 53.97 11.23
CA LEU J 17 -16.27 54.21 10.62
C LEU J 17 -17.37 53.59 11.49
N GLY J 18 -17.07 52.43 12.09
CA GLY J 18 -17.99 51.77 13.01
C GLY J 18 -18.08 52.47 14.35
N GLU J 19 -17.00 53.14 14.74
CA GLU J 19 -16.94 53.92 15.99
C GLU J 19 -17.85 55.14 15.92
N ASN J 20 -17.90 55.77 14.75
CA ASN J 20 -18.72 56.97 14.53
C ASN J 20 -20.22 56.67 14.53
N MET J 21 -20.56 55.41 14.28
CA MET J 21 -21.96 54.98 14.25
C MET J 21 -22.50 54.63 15.64
N GLY J 22 -21.58 54.33 16.56
CA GLY J 22 -21.95 54.02 17.94
C GLY J 22 -21.82 52.55 18.30
N LEU J 23 -20.85 51.87 17.69
CA LEU J 23 -20.58 50.46 17.99
C LEU J 23 -19.36 50.34 18.90
N GLU J 24 -19.47 49.44 19.89
CA GLU J 24 -18.48 49.34 20.97
C GLU J 24 -17.13 48.75 20.52
N ASN J 25 -16.98 47.43 20.65
CA ASN J 25 -15.71 46.77 20.36
C ASN J 25 -15.72 45.99 19.05
N LEU J 26 -14.86 46.40 18.13
CA LEU J 26 -14.78 45.79 16.79
C LEU J 26 -13.33 45.54 16.39
N ALA J 27 -12.39 46.12 17.14
CA ALA J 27 -10.97 46.12 16.79
C ALA J 27 -10.33 44.73 16.71
N ARG J 28 -10.84 43.79 17.50
CA ARG J 28 -10.29 42.43 17.54
C ARG J 28 -11.11 41.43 16.74
N MET J 29 -12.18 41.90 16.11
CA MET J 29 -13.04 41.04 15.28
C MET J 29 -12.44 40.83 13.90
N ARG J 30 -12.91 39.79 13.21
CA ARG J 30 -12.54 39.54 11.82
C ARG J 30 -13.13 40.60 10.91
N LYS J 31 -12.43 40.91 9.81
CA LYS J 31 -12.89 41.91 8.85
C LYS J 31 -14.31 41.61 8.38
N GLN J 32 -14.57 40.35 8.06
CA GLN J 32 -15.88 39.89 7.60
C GLN J 32 -16.97 40.06 8.66
N ASP J 33 -16.57 39.94 9.93
CA ASP J 33 -17.48 40.12 11.06
C ASP J 33 -17.79 41.59 11.34
N ILE J 34 -16.79 42.45 11.17
CA ILE J 34 -16.94 43.89 11.39
C ILE J 34 -17.94 44.51 10.41
N ILE J 35 -17.84 44.11 9.14
CA ILE J 35 -18.76 44.57 8.08
C ILE J 35 -20.22 44.35 8.49
N PHE J 36 -20.53 43.12 8.90
CA PHE J 36 -21.89 42.75 9.30
C PHE J 36 -22.41 43.58 10.46
N ALA J 37 -21.54 43.84 11.43
CA ALA J 37 -21.88 44.65 12.61
C ALA J 37 -22.20 46.11 12.23
N ILE J 38 -21.49 46.60 11.21
CA ILE J 38 -21.70 47.96 10.72
C ILE J 38 -22.95 48.06 9.85
N LEU J 39 -23.14 47.07 8.98
CA LEU J 39 -24.33 47.00 8.12
C LEU J 39 -25.62 46.90 8.93
N LYS J 40 -25.55 46.21 10.07
CA LYS J 40 -26.69 46.07 10.98
C LYS J 40 -27.06 47.37 11.70
N GLN J 41 -26.05 48.19 11.97
CA GLN J 41 -26.28 49.52 12.54
C GLN J 41 -26.85 50.46 11.48
N HIS J 42 -26.53 50.18 10.22
CA HIS J 42 -27.08 50.93 9.09
C HIS J 42 -28.37 50.28 8.58
N ALA J 43 -29.24 49.88 9.51
CA ALA J 43 -30.53 49.30 9.20
C ALA J 43 -31.66 50.32 9.35
N LYS J 44 -31.32 51.48 9.92
CA LYS J 44 -32.28 52.57 10.11
C LYS J 44 -32.43 53.44 8.86
N SER J 45 -31.90 52.96 7.74
CA SER J 45 -32.01 53.64 6.45
C SER J 45 -31.95 52.63 5.30
N GLY J 46 -33.11 52.35 4.70
CA GLY J 46 -33.20 51.41 3.59
C GLY J 46 -32.84 52.03 2.25
N GLU J 47 -32.82 51.20 1.21
CA GLU J 47 -32.49 51.62 -0.16
C GLU J 47 -31.17 52.41 -0.24
N ASP J 48 -30.18 51.96 0.54
CA ASP J 48 -28.86 52.59 0.59
C ASP J 48 -27.77 51.56 0.38
N ILE J 49 -27.91 50.41 1.04
CA ILE J 49 -26.96 49.31 0.92
C ILE J 49 -27.23 48.47 -0.34
N PHE J 50 -26.35 48.60 -1.33
CA PHE J 50 -26.47 47.85 -2.58
C PHE J 50 -25.45 46.72 -2.62
N GLY J 51 -25.76 45.62 -1.93
CA GLY J 51 -24.87 44.47 -1.84
C GLY J 51 -24.73 43.72 -3.16
N ASP J 52 -23.57 43.09 -3.35
CA ASP J 52 -23.29 42.32 -4.56
C ASP J 52 -22.32 41.16 -4.31
N GLY J 53 -22.10 40.35 -5.34
CA GLY J 53 -21.19 39.20 -5.25
C GLY J 53 -21.56 38.10 -6.22
N VAL J 54 -20.64 37.14 -6.39
CA VAL J 54 -20.85 36.02 -7.29
C VAL J 54 -21.59 34.88 -6.57
N LEU J 55 -22.67 34.41 -7.19
CA LEU J 55 -23.56 33.42 -6.58
C LEU J 55 -22.96 32.01 -6.50
N GLU J 56 -23.26 31.32 -5.41
CA GLU J 56 -22.91 29.91 -5.25
C GLU J 56 -24.09 29.14 -4.65
N ILE J 57 -24.73 28.32 -5.47
CA ILE J 57 -25.84 27.47 -5.02
C ILE J 57 -25.29 26.26 -4.27
N LEU J 58 -25.92 25.93 -3.14
CA LEU J 58 -25.49 24.82 -2.30
C LEU J 58 -26.29 23.54 -2.55
N GLN J 59 -26.01 22.51 -1.77
CA GLN J 59 -26.58 21.18 -1.93
C GLN J 59 -28.11 21.15 -1.86
N ASP J 60 -28.67 21.87 -0.88
CA ASP J 60 -30.11 21.83 -0.61
C ASP J 60 -30.93 22.65 -1.61
N GLY J 61 -30.27 23.57 -2.32
CA GLY J 61 -30.93 24.39 -3.33
C GLY J 61 -30.93 25.88 -3.03
N PHE J 62 -30.30 26.26 -1.92
CA PHE J 62 -30.20 27.67 -1.54
C PHE J 62 -28.86 28.26 -1.95
N GLY J 63 -28.85 29.55 -2.26
CA GLY J 63 -27.66 30.23 -2.78
C GLY J 63 -27.06 31.29 -1.87
N PHE J 64 -25.84 31.71 -2.20
CA PHE J 64 -25.12 32.74 -1.46
C PHE J 64 -24.26 33.59 -2.38
N LEU J 65 -24.28 34.91 -2.15
CA LEU J 65 -23.42 35.82 -2.91
C LEU J 65 -22.04 35.95 -2.24
N ARG J 66 -21.00 35.60 -2.99
CA ARG J 66 -19.63 35.58 -2.46
C ARG J 66 -18.82 36.77 -2.97
N SER J 67 -18.08 37.40 -2.06
CA SER J 67 -17.25 38.55 -2.40
C SER J 67 -15.86 38.12 -2.87
N ALA J 68 -15.42 38.72 -3.97
CA ALA J 68 -14.15 38.35 -4.60
C ALA J 68 -12.92 38.93 -3.89
N ASP J 69 -13.13 39.95 -3.07
CA ASP J 69 -12.04 40.59 -2.32
C ASP J 69 -11.48 39.67 -1.23
N SER J 70 -12.34 38.77 -0.74
CA SER J 70 -11.94 37.76 0.24
C SER J 70 -11.77 36.40 -0.44
N SER J 71 -11.73 36.41 -1.77
CA SER J 71 -11.59 35.21 -2.60
C SER J 71 -12.71 34.19 -2.40
N TYR J 72 -13.95 34.69 -2.38
CA TYR J 72 -15.16 33.85 -2.25
C TYR J 72 -15.24 33.05 -0.95
N LEU J 73 -14.65 33.58 0.11
CA LEU J 73 -14.67 32.93 1.43
C LEU J 73 -16.02 33.15 2.12
N ALA J 74 -16.52 32.09 2.76
CA ALA J 74 -17.77 32.16 3.51
C ALA J 74 -17.62 32.98 4.79
N GLY J 75 -18.65 33.75 5.12
CA GLY J 75 -18.66 34.57 6.32
C GLY J 75 -20.03 35.12 6.66
N PRO J 76 -20.08 36.17 7.48
CA PRO J 76 -21.34 36.82 7.84
C PRO J 76 -21.89 37.72 6.74
N ASP J 77 -21.00 38.51 6.13
CA ASP J 77 -21.40 39.48 5.09
C ASP J 77 -21.61 38.82 3.72
N ASP J 78 -22.41 37.76 3.70
CA ASP J 78 -22.77 37.07 2.47
C ASP J 78 -24.28 37.12 2.28
N ILE J 79 -24.70 37.58 1.11
CA ILE J 79 -26.12 37.78 0.83
C ILE J 79 -26.81 36.46 0.46
N TYR J 80 -27.80 36.08 1.26
CA TYR J 80 -28.57 34.87 1.04
C TYR J 80 -29.50 35.02 -0.16
N VAL J 81 -29.53 33.98 -1.00
CA VAL J 81 -30.44 33.94 -2.15
C VAL J 81 -31.37 32.73 -2.03
N SER J 82 -32.67 33.02 -1.96
CA SER J 82 -33.70 31.98 -1.80
C SER J 82 -33.85 31.13 -3.06
N PRO J 83 -34.23 29.86 -2.89
CA PRO J 83 -34.51 28.97 -4.03
C PRO J 83 -35.64 29.48 -4.92
N SER J 84 -36.44 30.42 -4.40
CA SER J 84 -37.53 31.03 -5.15
C SER J 84 -37.00 31.98 -6.22
N GLN J 85 -36.05 32.84 -5.84
CA GLN J 85 -35.43 33.79 -6.78
C GLN J 85 -34.62 33.09 -7.87
N ILE J 86 -34.02 31.95 -7.52
CA ILE J 86 -33.28 31.11 -8.47
C ILE J 86 -34.22 30.60 -9.57
N ARG J 87 -35.42 30.19 -9.17
CA ARG J 87 -36.41 29.66 -10.11
C ARG J 87 -37.07 30.75 -10.96
N ARG J 88 -37.01 31.99 -10.49
CA ARG J 88 -37.62 33.13 -11.18
C ARG J 88 -36.91 33.41 -12.51
N PHE J 89 -35.68 33.94 -12.44
CA PHE J 89 -34.87 34.16 -13.62
C PHE J 89 -33.58 33.36 -13.50
N ASN J 90 -33.69 32.06 -13.82
CA ASN J 90 -32.61 31.08 -13.67
C ASN J 90 -31.22 31.64 -13.34
N LEU J 91 -30.89 31.64 -12.06
CA LEU J 91 -29.57 32.09 -11.60
C LEU J 91 -28.70 30.89 -11.24
N ARG J 92 -27.79 30.54 -12.15
CA ARG J 92 -26.88 29.43 -11.95
C ARG J 92 -25.66 29.85 -11.13
N THR J 93 -24.88 28.89 -10.66
CA THR J 93 -23.67 29.18 -9.91
C THR J 93 -22.60 29.82 -10.80
N GLY J 94 -21.95 30.86 -10.29
CA GLY J 94 -21.00 31.64 -11.06
C GLY J 94 -21.60 32.88 -11.68
N ASP J 95 -22.75 33.29 -11.14
CA ASP J 95 -23.46 34.48 -11.61
C ASP J 95 -23.18 35.69 -10.72
N THR J 96 -22.81 36.81 -11.35
CA THR J 96 -22.59 38.06 -10.63
C THR J 96 -23.92 38.81 -10.51
N ILE J 97 -24.29 39.15 -9.28
CA ILE J 97 -25.58 39.80 -9.00
C ILE J 97 -25.40 41.06 -8.14
N SER J 98 -26.06 42.15 -8.55
CA SER J 98 -26.11 43.37 -7.75
C SER J 98 -27.54 43.63 -7.28
N GLY J 99 -27.70 44.50 -6.29
CA GLY J 99 -29.03 44.86 -5.80
C GLY J 99 -29.09 45.27 -4.34
N LYS J 100 -30.24 45.84 -3.95
CA LYS J 100 -30.46 46.30 -2.58
C LYS J 100 -30.66 45.11 -1.63
N ILE J 101 -29.99 45.15 -0.48
CA ILE J 101 -30.08 44.08 0.51
C ILE J 101 -30.83 44.54 1.76
N ARG J 102 -31.61 43.63 2.35
CA ARG J 102 -32.40 43.93 3.54
C ARG J 102 -31.89 43.20 4.78
N PRO J 103 -32.00 43.85 5.95
CA PRO J 103 -31.60 43.26 7.23
C PRO J 103 -32.30 41.92 7.50
N PRO J 104 -31.61 40.99 8.15
CA PRO J 104 -32.17 39.68 8.46
C PRO J 104 -33.39 39.75 9.37
N LYS J 105 -34.43 38.99 9.03
CA LYS J 105 -35.62 38.86 9.87
C LYS J 105 -35.27 38.10 11.15
N GLU J 106 -36.07 38.29 12.19
CA GLU J 106 -35.82 37.69 13.51
C GLU J 106 -35.59 36.19 13.43
N GLY J 107 -34.48 35.73 14.01
CA GLY J 107 -34.14 34.31 14.02
C GLY J 107 -33.26 33.88 12.84
N GLU J 108 -32.72 34.86 12.13
CA GLU J 108 -31.84 34.59 10.98
C GLU J 108 -30.41 35.04 11.24
N ARG J 109 -29.51 34.80 10.29
CA ARG J 109 -28.07 34.98 10.53
C ARG J 109 -27.36 35.97 9.60
N TYR J 110 -27.85 36.11 8.37
CA TYR J 110 -27.19 36.98 7.38
C TYR J 110 -28.18 37.70 6.46
N PHE J 111 -27.68 38.76 5.80
CA PHE J 111 -28.48 39.58 4.89
C PHE J 111 -29.05 38.79 3.72
N ALA J 112 -30.20 39.25 3.22
CA ALA J 112 -30.90 38.58 2.12
C ALA J 112 -31.15 39.52 0.94
N LEU J 113 -31.33 38.92 -0.24
CA LEU J 113 -31.61 39.66 -1.46
C LEU J 113 -33.07 40.15 -1.49
N LEU J 114 -33.25 41.42 -1.87
CA LEU J 114 -34.58 42.00 -1.98
C LEU J 114 -34.98 42.15 -3.46
N LYS J 115 -34.25 43.01 -4.17
CA LYS J 115 -34.49 43.22 -5.60
C LYS J 115 -33.20 43.13 -6.40
N VAL J 116 -33.27 42.48 -7.56
CA VAL J 116 -32.10 42.27 -8.42
C VAL J 116 -31.84 43.46 -9.34
N ASN J 117 -30.57 43.82 -9.48
CA ASN J 117 -30.15 44.92 -10.33
C ASN J 117 -29.61 44.43 -11.67
N GLU J 118 -28.38 43.91 -11.66
CA GLU J 118 -27.74 43.38 -12.87
C GLU J 118 -27.29 41.94 -12.68
N VAL J 119 -27.55 41.10 -13.69
CA VAL J 119 -27.08 39.72 -13.72
C VAL J 119 -25.95 39.61 -14.74
N ASN J 120 -24.75 39.26 -14.25
CA ASN J 120 -23.53 39.25 -15.06
C ASN J 120 -23.26 40.59 -15.75
N PHE J 121 -23.49 41.67 -15.01
CA PHE J 121 -23.38 43.05 -15.51
C PHE J 121 -24.35 43.34 -16.66
N ASP J 122 -25.48 42.63 -16.67
CA ASP J 122 -26.49 42.77 -17.72
C ASP J 122 -27.90 42.69 -17.11
N LYS J 123 -28.86 43.32 -17.78
CA LYS J 123 -30.26 43.27 -17.35
C LYS J 123 -30.84 41.86 -17.49
N PRO J 124 -31.65 41.44 -16.51
CA PRO J 124 -32.26 40.10 -16.52
C PRO J 124 -32.92 39.73 -17.85
N GLU J 125 -32.17 39.01 -18.68
CA GLU J 125 -32.64 38.56 -20.00
C GLU J 125 -31.84 37.33 -20.44
N ASN J 126 -31.83 36.30 -19.58
CA ASN J 126 -31.09 35.07 -19.84
C ASN J 126 -32.02 33.86 -19.96
N ASN J 129 -28.83 33.40 -21.99
CA ASN J 129 -28.08 33.04 -23.17
C ASN J 129 -27.76 31.54 -23.20
N LYS J 130 -27.05 31.12 -24.25
CA LYS J 130 -26.60 29.73 -24.39
C LYS J 130 -25.50 29.46 -23.36
N ILE J 131 -25.63 28.35 -22.64
CA ILE J 131 -24.62 27.93 -21.68
C ILE J 131 -23.31 27.54 -22.39
N LEU J 132 -22.18 27.82 -21.74
CA LEU J 132 -20.86 27.54 -22.33
C LEU J 132 -20.68 26.05 -22.64
N PHE J 133 -21.27 25.21 -21.81
CA PHE J 133 -21.15 23.75 -21.92
C PHE J 133 -21.63 23.18 -23.26
N GLU J 134 -22.32 24.00 -24.06
CA GLU J 134 -22.80 23.59 -25.37
C GLU J 134 -22.31 24.48 -26.52
N ASN J 135 -21.35 25.35 -26.23
CA ASN J 135 -20.74 26.21 -27.24
C ASN J 135 -19.74 25.48 -28.12
N LEU J 136 -19.51 26.01 -29.32
CA LEU J 136 -18.64 25.38 -30.32
C LEU J 136 -17.17 25.71 -30.05
N THR J 137 -16.28 24.80 -30.43
CA THR J 137 -14.85 24.93 -30.13
C THR J 137 -13.92 24.81 -31.36
N PRO J 138 -13.72 25.92 -32.08
CA PRO J 138 -12.63 25.99 -33.06
C PRO J 138 -11.24 25.85 -32.41
N LEU J 139 -10.24 25.54 -33.24
CA LEU J 139 -8.88 25.25 -32.78
C LEU J 139 -8.08 26.48 -32.34
N HIS J 140 -8.77 27.50 -31.82
CA HIS J 140 -8.19 28.82 -31.50
C HIS J 140 -7.38 29.43 -32.67
N ALA J 141 -8.02 30.31 -33.42
CA ALA J 141 -7.43 30.89 -34.61
C ALA J 141 -7.79 32.36 -34.80
N ASN J 142 -7.05 33.02 -35.69
CA ASN J 142 -7.33 34.41 -36.11
C ASN J 142 -6.95 35.50 -35.10
N SER J 143 -7.02 35.16 -33.81
CA SER J 143 -6.70 36.12 -32.76
C SER J 143 -5.33 35.87 -32.14
N ARG J 144 -4.63 36.97 -31.86
CA ARG J 144 -3.29 36.93 -31.29
C ARG J 144 -3.20 37.85 -30.07
N LEU J 145 -2.83 37.28 -28.93
CA LEU J 145 -2.70 38.04 -27.68
C LEU J 145 -1.34 38.74 -27.56
N ARG J 146 -0.59 38.75 -28.66
CA ARG J 146 0.75 39.35 -28.77
C ARG J 146 1.24 40.15 -27.56
N MET J 147 2.34 39.67 -26.97
CA MET J 147 2.93 40.30 -25.79
C MET J 147 3.71 41.55 -26.17
N GLY J 152 9.94 49.05 -24.94
CA GLY J 152 10.74 47.85 -25.13
C GLY J 152 11.84 47.72 -24.09
N SER J 153 11.44 47.56 -22.83
CA SER J 153 12.37 47.42 -21.71
C SER J 153 12.49 45.96 -21.27
N THR J 154 13.23 45.72 -20.19
CA THR J 154 13.50 44.36 -19.69
C THR J 154 12.23 43.61 -19.24
N GLU J 155 11.25 44.35 -18.76
CA GLU J 155 9.96 43.76 -18.36
C GLU J 155 9.09 43.41 -19.58
N ASP J 156 9.67 43.58 -20.76
CA ASP J 156 9.02 43.22 -22.03
C ASP J 156 9.92 42.28 -22.82
N LEU J 157 11.20 42.24 -22.44
CA LEU J 157 12.21 41.42 -23.11
C LEU J 157 11.81 39.94 -23.16
N THR J 158 11.55 39.36 -21.99
CA THR J 158 11.15 37.94 -21.90
C THR J 158 9.72 37.71 -22.42
N ALA J 159 8.90 38.76 -22.41
CA ALA J 159 7.53 38.70 -22.94
C ALA J 159 7.54 38.55 -24.46
N ARG J 160 8.48 39.22 -25.12
CA ARG J 160 8.63 39.11 -26.57
C ARG J 160 9.30 37.80 -26.99
N VAL J 161 10.03 37.20 -26.05
CA VAL J 161 10.62 35.86 -26.25
C VAL J 161 9.50 34.81 -26.34
N LEU J 162 8.46 35.00 -25.53
CA LEU J 162 7.26 34.15 -25.57
C LEU J 162 6.65 34.09 -26.97
N ASP J 163 6.59 35.24 -27.65
CA ASP J 163 6.03 35.33 -28.99
C ASP J 163 6.81 34.49 -30.01
N LEU J 164 8.13 34.40 -29.82
CA LEU J 164 9.00 33.63 -30.69
C LEU J 164 8.95 32.13 -30.34
N ALA J 165 8.85 31.83 -29.06
CA ALA J 165 8.86 30.45 -28.58
C ALA J 165 7.48 29.79 -28.68
N SER J 166 6.47 30.42 -28.08
CA SER J 166 5.11 29.88 -28.05
C SER J 166 4.05 30.99 -27.98
N PRO J 167 3.46 31.34 -29.13
CA PRO J 167 2.45 32.39 -29.18
C PRO J 167 1.11 31.98 -28.57
N ILE J 168 0.57 32.84 -27.70
CA ILE J 168 -0.70 32.59 -27.05
C ILE J 168 -1.85 33.17 -27.89
N GLY J 169 -2.84 32.34 -28.18
CA GLY J 169 -4.03 32.77 -28.92
C GLY J 169 -5.20 33.03 -27.99
N ARG J 170 -6.37 33.27 -28.58
CA ARG J 170 -7.57 33.55 -27.81
C ARG J 170 -8.35 32.26 -27.59
N GLY J 171 -8.47 31.86 -26.33
CA GLY J 171 -9.15 30.61 -25.97
C GLY J 171 -8.22 29.41 -26.00
N GLN J 172 -6.93 29.65 -25.78
CA GLN J 172 -5.92 28.61 -25.85
C GLN J 172 -5.68 27.93 -24.50
N ARG J 173 -5.44 26.62 -24.54
CA ARG J 173 -5.13 25.84 -23.35
C ARG J 173 -3.63 25.85 -23.11
N GLY J 174 -3.18 26.79 -22.28
CA GLY J 174 -1.76 26.95 -21.99
C GLY J 174 -1.30 26.11 -20.81
N LEU J 175 -0.12 25.51 -20.96
CA LEU J 175 0.45 24.69 -19.89
C LEU J 175 1.94 25.00 -19.72
N ILE J 176 2.26 25.83 -18.73
CA ILE J 176 3.65 26.13 -18.40
C ILE J 176 4.27 24.98 -17.60
N VAL J 177 5.34 24.40 -18.14
CA VAL J 177 6.06 23.33 -17.49
C VAL J 177 7.27 23.93 -16.76
N ALA J 178 7.25 23.87 -15.42
CA ALA J 178 8.26 24.56 -14.61
C ALA J 178 8.60 23.88 -13.29
N PRO J 179 9.89 23.80 -12.97
CA PRO J 179 10.35 23.36 -11.65
C PRO J 179 10.34 24.51 -10.63
N PRO J 180 10.63 24.23 -9.35
CA PRO J 180 10.71 25.28 -8.33
C PRO J 180 11.90 26.22 -8.55
N LYS J 181 11.74 27.46 -8.10
CA LYS J 181 12.77 28.51 -8.23
C LYS J 181 13.22 28.74 -9.67
N ALA J 182 12.29 28.65 -10.62
CA ALA J 182 12.62 28.77 -12.04
C ALA J 182 11.92 29.94 -12.74
N GLY J 183 11.46 30.91 -11.94
CA GLY J 183 10.87 32.13 -12.46
C GLY J 183 9.50 31.98 -13.08
N LYS J 184 8.74 30.99 -12.61
CA LYS J 184 7.38 30.74 -13.11
C LYS J 184 6.36 31.75 -12.60
N THR J 185 6.44 32.09 -11.32
CA THR J 185 5.52 33.05 -10.71
C THR J 185 5.75 34.46 -11.27
N MET J 186 7.00 34.76 -11.62
CA MET J 186 7.35 36.04 -12.24
C MET J 186 6.94 36.07 -13.72
N LEU J 187 7.02 34.92 -14.38
CA LEU J 187 6.59 34.80 -15.78
C LEU J 187 5.08 35.01 -15.89
N LEU J 188 4.33 34.45 -14.94
CA LEU J 188 2.88 34.64 -14.86
C LEU J 188 2.51 36.10 -14.61
N GLN J 189 3.32 36.78 -13.80
CA GLN J 189 3.13 38.21 -13.52
C GLN J 189 3.33 39.06 -14.77
N ASN J 190 4.31 38.69 -15.59
CA ASN J 190 4.60 39.42 -16.83
C ASN J 190 3.50 39.27 -17.87
N ILE J 191 2.90 38.09 -17.96
CA ILE J 191 1.76 37.85 -18.84
C ILE J 191 0.54 38.64 -18.37
N ALA J 192 0.36 38.68 -17.04
CA ALA J 192 -0.72 39.43 -16.43
C ALA J 192 -0.56 40.94 -16.66
N GLN J 193 0.67 41.37 -16.89
CA GLN J 193 0.97 42.76 -17.26
C GLN J 193 0.70 42.99 -18.74
N SER J 194 1.20 42.09 -19.59
CA SER J 194 1.10 42.22 -21.04
C SER J 194 -0.35 42.16 -21.53
N ILE J 195 -1.16 41.31 -20.90
CA ILE J 195 -2.59 41.19 -21.22
C ILE J 195 -3.34 42.45 -20.82
N ALA J 196 -3.08 42.95 -19.61
CA ALA J 196 -3.74 44.15 -19.10
C ALA J 196 -3.35 45.40 -19.88
N TYR J 197 -2.11 45.42 -20.37
CA TYR J 197 -1.59 46.56 -21.13
C TYR J 197 -2.13 46.58 -22.56
N ASN J 198 -1.99 45.48 -23.28
CA ASN J 198 -2.36 45.39 -24.68
C ASN J 198 -3.84 45.10 -24.93
N HIS J 199 -4.47 44.35 -24.03
CA HIS J 199 -5.86 43.92 -24.22
C HIS J 199 -6.74 44.21 -23.02
N PRO J 200 -7.24 45.45 -22.91
CA PRO J 200 -8.15 45.83 -21.82
C PRO J 200 -9.56 45.25 -22.01
N ASP J 201 -9.86 44.79 -23.22
CA ASP J 201 -11.15 44.18 -23.54
C ASP J 201 -11.30 42.80 -22.90
N CYS J 202 -10.17 42.16 -22.61
CA CYS J 202 -10.16 40.83 -22.00
C CYS J 202 -10.43 40.89 -20.50
N VAL J 203 -11.19 39.90 -20.01
CA VAL J 203 -11.44 39.77 -18.58
C VAL J 203 -10.36 38.86 -17.98
N LEU J 204 -9.37 39.48 -17.34
CA LEU J 204 -8.23 38.76 -16.78
C LEU J 204 -8.51 38.32 -15.34
N MET J 205 -8.28 37.03 -15.09
CA MET J 205 -8.46 36.46 -13.75
C MET J 205 -7.24 35.61 -13.40
N VAL J 206 -6.54 35.99 -12.34
CA VAL J 206 -5.38 35.23 -11.87
C VAL J 206 -5.78 34.36 -10.68
N LEU J 207 -5.52 33.06 -10.79
CA LEU J 207 -5.92 32.09 -9.77
C LEU J 207 -4.72 31.40 -9.12
N LEU J 208 -4.64 31.49 -7.80
CA LEU J 208 -3.60 30.81 -7.02
C LEU J 208 -4.24 29.75 -6.13
N ILE J 209 -3.60 28.59 -6.01
CA ILE J 209 -4.20 27.45 -5.32
C ILE J 209 -3.53 27.07 -4.00
N ASP J 210 -2.20 27.02 -3.98
CA ASP J 210 -1.46 26.68 -2.76
C ASP J 210 -0.36 27.68 -2.43
N GLU J 211 -0.57 28.94 -2.83
CA GLU J 211 0.44 29.99 -2.66
C GLU J 211 0.68 30.41 -1.22
N ARG J 212 1.82 31.04 -0.99
CA ARG J 212 2.16 31.57 0.32
C ARG J 212 1.37 32.85 0.60
N PRO J 213 1.04 33.10 1.87
CA PRO J 213 0.38 34.34 2.27
C PRO J 213 1.11 35.60 1.77
N GLU J 214 2.43 35.59 1.82
CA GLU J 214 3.23 36.74 1.40
C GLU J 214 3.35 36.87 -0.13
N GLU J 215 2.93 35.82 -0.83
CA GLU J 215 3.01 35.80 -2.30
C GLU J 215 1.69 36.22 -2.95
N VAL J 216 0.59 36.05 -2.21
CA VAL J 216 -0.75 36.40 -2.70
C VAL J 216 -0.90 37.92 -2.86
N THR J 217 -0.54 38.66 -1.81
CA THR J 217 -0.68 40.12 -1.78
C THR J 217 0.10 40.81 -2.90
N GLU J 218 1.29 40.30 -3.21
CA GLU J 218 2.10 40.83 -4.30
C GLU J 218 1.37 40.69 -5.63
N MET J 219 0.83 39.50 -5.89
CA MET J 219 0.04 39.25 -7.10
C MET J 219 -1.19 40.16 -7.14
N GLN J 220 -1.80 40.40 -5.98
CA GLN J 220 -2.93 41.31 -5.86
C GLN J 220 -2.53 42.76 -6.13
N ARG J 221 -1.34 43.13 -5.68
CA ARG J 221 -0.84 44.50 -5.81
C ARG J 221 0.20 44.64 -6.94
N LEU J 222 -0.08 43.98 -8.07
CA LEU J 222 0.82 44.03 -9.23
C LEU J 222 0.06 43.74 -10.53
N VAL J 223 -1.13 43.16 -10.40
CA VAL J 223 -1.93 42.76 -11.55
C VAL J 223 -3.18 43.63 -11.69
N LYS J 224 -3.31 44.27 -12.85
CA LYS J 224 -4.52 45.02 -13.19
C LYS J 224 -5.64 44.04 -13.56
N GLY J 225 -6.40 43.63 -12.56
CA GLY J 225 -7.49 42.67 -12.76
C GLY J 225 -7.99 42.06 -11.45
N GLU J 226 -8.43 40.81 -11.54
CA GLU J 226 -8.99 40.11 -10.39
C GLU J 226 -8.11 38.94 -9.97
N VAL J 227 -7.48 39.07 -8.80
CA VAL J 227 -6.65 38.01 -8.26
C VAL J 227 -7.40 37.23 -7.18
N VAL J 228 -7.76 35.99 -7.51
CA VAL J 228 -8.45 35.10 -6.58
C VAL J 228 -7.47 34.02 -6.13
N ALA J 229 -7.27 33.91 -4.83
CA ALA J 229 -6.23 33.05 -4.29
C ALA J 229 -6.63 32.27 -3.04
N SER J 230 -6.07 31.08 -2.91
CA SER J 230 -6.15 30.30 -1.66
C SER J 230 -4.74 29.93 -1.23
N THR J 231 -4.46 30.10 0.06
CA THR J 231 -3.14 29.80 0.61
C THR J 231 -3.05 28.34 1.08
N PHE J 232 -1.84 27.92 1.45
CA PHE J 232 -1.63 26.56 1.96
C PHE J 232 -2.10 26.38 3.41
N ASP J 233 -2.72 27.44 3.95
CA ASP J 233 -3.29 27.41 5.29
C ASP J 233 -4.70 26.82 5.30
N GLU J 234 -5.37 26.88 4.15
CA GLU J 234 -6.76 26.48 4.02
C GLU J 234 -6.93 25.01 3.63
N PRO J 235 -8.11 24.44 3.88
CA PRO J 235 -8.38 23.02 3.58
C PRO J 235 -8.34 22.71 2.09
N ALA J 236 -8.29 21.42 1.76
CA ALA J 236 -8.29 20.97 0.36
C ALA J 236 -9.60 21.28 -0.34
N SER J 237 -10.68 21.32 0.45
CA SER J 237 -12.02 21.66 -0.06
C SER J 237 -12.15 23.14 -0.41
N ARG J 238 -11.26 23.95 0.16
CA ARG J 238 -11.23 25.39 -0.10
C ARG J 238 -10.62 25.70 -1.47
N HIS J 239 -9.53 24.99 -1.82
CA HIS J 239 -8.87 25.15 -3.12
C HIS J 239 -9.83 24.79 -4.25
N VAL J 240 -10.63 23.76 -4.03
CA VAL J 240 -11.65 23.33 -4.98
C VAL J 240 -12.73 24.42 -5.13
N GLN J 241 -13.12 25.03 -4.02
CA GLN J 241 -14.16 26.05 -3.99
C GLN J 241 -13.81 27.27 -4.86
N VAL J 242 -12.62 27.81 -4.66
CA VAL J 242 -12.16 28.99 -5.41
C VAL J 242 -11.96 28.70 -6.89
N ALA J 243 -11.54 27.48 -7.20
CA ALA J 243 -11.35 27.04 -8.58
C ALA J 243 -12.70 26.83 -9.27
N GLU J 244 -13.69 26.38 -8.50
CA GLU J 244 -15.05 26.18 -9.01
C GLU J 244 -15.74 27.51 -9.25
N MET J 245 -15.50 28.47 -8.35
CA MET J 245 -16.09 29.81 -8.44
C MET J 245 -15.52 30.60 -9.61
N VAL J 246 -14.22 30.52 -9.81
CA VAL J 246 -13.54 31.22 -10.90
C VAL J 246 -13.97 30.69 -12.27
N ILE J 247 -13.99 29.37 -12.42
CA ILE J 247 -14.32 28.74 -13.71
C ILE J 247 -15.79 28.95 -14.11
N GLU J 248 -16.70 28.86 -13.14
CA GLU J 248 -18.13 29.04 -13.41
C GLU J 248 -18.47 30.50 -13.69
N LYS J 249 -17.71 31.41 -13.09
CA LYS J 249 -17.84 32.84 -13.39
C LYS J 249 -17.27 33.14 -14.77
N ALA J 250 -16.09 32.58 -15.06
CA ALA J 250 -15.43 32.74 -16.35
C ALA J 250 -16.25 32.12 -17.49
N LYS J 251 -16.92 31.02 -17.19
CA LYS J 251 -17.85 30.39 -18.13
C LYS J 251 -19.04 31.30 -18.41
N ARG J 252 -19.52 31.97 -17.38
CA ARG J 252 -20.72 32.80 -17.46
C ARG J 252 -20.48 34.10 -18.23
N LEU J 253 -19.24 34.58 -18.24
CA LEU J 253 -18.88 35.80 -18.94
C LEU J 253 -18.62 35.55 -20.43
N VAL J 254 -18.13 34.35 -20.76
CA VAL J 254 -17.93 33.93 -22.15
C VAL J 254 -19.28 33.78 -22.85
N GLU J 255 -20.31 33.44 -22.07
CA GLU J 255 -21.69 33.38 -22.55
C GLU J 255 -22.16 34.75 -23.07
N HIS J 256 -21.44 35.80 -22.69
CA HIS J 256 -21.70 37.15 -23.17
C HIS J 256 -20.66 37.60 -24.21
N LYS J 257 -20.08 36.62 -24.91
CA LYS J 257 -19.10 36.85 -25.99
C LYS J 257 -17.82 37.56 -25.53
N LYS J 258 -17.57 37.54 -24.23
CA LYS J 258 -16.36 38.16 -23.66
C LYS J 258 -15.18 37.19 -23.72
N ASP J 259 -14.02 37.72 -24.08
CA ASP J 259 -12.80 36.92 -24.16
C ASP J 259 -12.08 36.88 -22.81
N VAL J 260 -12.48 35.92 -21.98
CA VAL J 260 -11.97 35.80 -20.61
C VAL J 260 -10.65 35.03 -20.58
N ILE J 261 -9.74 35.46 -19.70
CA ILE J 261 -8.45 34.80 -19.53
C ILE J 261 -8.23 34.38 -18.08
N ILE J 262 -7.86 33.12 -17.87
CA ILE J 262 -7.51 32.60 -16.55
C ILE J 262 -6.01 32.30 -16.48
N LEU J 263 -5.36 32.80 -15.42
CA LEU J 263 -3.97 32.47 -15.15
C LEU J 263 -3.85 31.65 -13.87
N LEU J 264 -3.96 30.33 -14.01
CA LEU J 264 -3.90 29.40 -12.88
C LEU J 264 -2.46 29.10 -12.48
N ASP J 265 -2.18 29.26 -11.19
CA ASP J 265 -0.89 28.86 -10.63
C ASP J 265 -1.01 27.45 -10.07
N SER J 266 -0.29 26.53 -10.68
CA SER J 266 -0.30 25.10 -10.34
C SER J 266 -1.65 24.41 -10.56
N ILE J 267 -1.79 23.81 -11.74
CA ILE J 267 -2.87 22.85 -12.00
C ILE J 267 -2.58 21.56 -11.25
N THR J 268 -1.28 21.31 -11.02
CA THR J 268 -0.81 20.14 -10.29
C THR J 268 -1.23 20.16 -8.82
N ARG J 269 -1.10 21.33 -8.18
CA ARG J 269 -1.53 21.48 -6.79
C ARG J 269 -3.05 21.62 -6.67
N LEU J 270 -3.70 22.01 -7.77
CA LEU J 270 -5.15 22.03 -7.85
C LEU J 270 -5.71 20.62 -7.94
N ALA J 271 -5.10 19.81 -8.80
CA ALA J 271 -5.47 18.40 -8.95
C ALA J 271 -5.15 17.60 -7.69
N ARG J 272 -4.20 18.10 -6.91
CA ARG J 272 -3.81 17.50 -5.64
C ARG J 272 -4.92 17.64 -4.61
N ALA J 273 -5.59 18.79 -4.62
CA ALA J 273 -6.70 19.07 -3.70
C ALA J 273 -7.96 18.28 -4.07
N TYR J 274 -8.22 18.16 -5.37
CA TYR J 274 -9.32 17.36 -5.88
C TYR J 274 -9.14 15.88 -5.54
N ASN J 275 -7.88 15.45 -5.52
CA ASN J 275 -7.51 14.08 -5.17
C ASN J 275 -7.83 13.72 -3.71
N THR J 276 -7.78 14.72 -2.83
CA THR J 276 -8.01 14.51 -1.41
C THR J 276 -9.37 15.07 -0.94
N VAL J 277 -10.34 15.13 -1.85
CA VAL J 277 -11.67 15.64 -1.53
C VAL J 277 -12.79 14.80 -2.17
N VAL J 278 -12.44 14.08 -3.23
CA VAL J 278 -13.38 13.21 -3.94
C VAL J 278 -13.43 11.82 -3.29
N PRO J 279 -14.65 11.35 -2.99
CA PRO J 279 -14.83 10.01 -2.41
C PRO J 279 -14.18 8.91 -3.25
N ALA J 280 -13.51 7.98 -2.57
CA ALA J 280 -12.76 6.91 -3.23
C ALA J 280 -13.68 5.88 -3.89
N VAL J 284 -6.46 0.63 -7.41
CA VAL J 284 -7.03 1.79 -8.09
C VAL J 284 -6.22 3.06 -7.88
N LEU J 285 -5.55 3.16 -6.73
CA LEU J 285 -4.70 4.31 -6.41
C LEU J 285 -3.25 4.07 -6.84
N THR J 286 -2.77 4.91 -7.74
CA THR J 286 -1.39 4.81 -8.23
C THR J 286 -0.57 6.08 -7.95
N GLY J 287 0.50 5.93 -7.18
CA GLY J 287 1.37 7.05 -6.82
C GLY J 287 0.75 8.00 -5.80
N GLY J 288 -0.38 7.60 -5.24
CA GLY J 288 -1.09 8.41 -4.23
C GLY J 288 -2.42 8.96 -4.72
N VAL J 289 -2.57 9.08 -6.05
CA VAL J 289 -3.77 9.67 -6.63
C VAL J 289 -4.86 8.63 -6.93
N ASP J 290 -6.11 8.99 -6.60
CA ASP J 290 -7.27 8.18 -6.92
C ASP J 290 -7.54 8.21 -8.42
N ALA J 291 -8.16 7.14 -8.93
CA ALA J 291 -8.45 7.03 -10.37
C ALA J 291 -9.39 8.12 -10.86
N ASN J 292 -10.49 8.33 -10.13
CA ASN J 292 -11.50 9.34 -10.49
C ASN J 292 -11.08 10.77 -10.17
N ALA J 293 -10.09 10.92 -9.28
CA ALA J 293 -9.67 12.21 -8.75
C ALA J 293 -9.39 13.27 -9.82
N LEU J 294 -8.72 12.86 -10.90
CA LEU J 294 -8.24 13.79 -11.93
C LEU J 294 -9.30 14.20 -12.95
N HIS J 295 -10.50 13.63 -12.84
CA HIS J 295 -11.59 13.92 -13.78
C HIS J 295 -12.05 15.39 -13.71
N ARG J 296 -12.15 15.92 -12.50
CA ARG J 296 -12.65 17.29 -12.27
C ARG J 296 -11.67 18.39 -12.73
N PRO J 297 -10.39 18.29 -12.36
CA PRO J 297 -9.38 19.24 -12.82
C PRO J 297 -9.22 19.24 -14.34
N LYS J 298 -9.45 18.08 -14.97
CA LYS J 298 -9.45 17.96 -16.41
C LYS J 298 -10.66 18.64 -17.04
N ARG J 299 -11.77 18.68 -16.31
CA ARG J 299 -12.96 19.42 -16.73
C ARG J 299 -12.72 20.93 -16.62
N PHE J 300 -11.97 21.32 -15.59
CA PHE J 300 -11.57 22.72 -15.39
C PHE J 300 -10.64 23.18 -16.50
N PHE J 301 -9.58 22.40 -16.74
CA PHE J 301 -8.58 22.72 -17.76
C PHE J 301 -9.15 22.57 -19.17
N GLY J 302 -10.11 21.65 -19.33
CA GLY J 302 -10.76 21.40 -20.60
C GLY J 302 -11.79 22.45 -20.99
N ALA J 303 -12.14 23.31 -20.03
CA ALA J 303 -13.11 24.38 -20.25
C ALA J 303 -12.53 25.49 -21.14
N ALA J 304 -11.21 25.52 -21.26
CA ALA J 304 -10.52 26.47 -22.12
C ALA J 304 -10.80 26.19 -23.59
N ARG J 305 -11.34 27.20 -24.28
CA ARG J 305 -11.76 27.05 -25.67
C ARG J 305 -11.94 28.38 -26.38
N ASN J 306 -11.58 28.42 -27.66
CA ASN J 306 -11.99 29.48 -28.55
C ASN J 306 -13.41 29.18 -28.99
N VAL J 307 -14.33 30.11 -28.74
CA VAL J 307 -15.75 29.89 -29.06
C VAL J 307 -16.09 30.46 -30.43
N GLU J 308 -16.76 29.65 -31.25
CA GLU J 308 -17.18 30.05 -32.59
C GLU J 308 -18.26 31.13 -32.54
N GLU J 309 -19.27 30.93 -31.69
CA GLU J 309 -20.34 31.89 -31.51
C GLU J 309 -19.94 33.07 -30.61
N GLY J 310 -18.71 33.56 -30.81
CA GLY J 310 -18.21 34.73 -30.09
C GLY J 310 -17.70 34.43 -28.70
N GLY J 311 -16.59 35.07 -28.34
CA GLY J 311 -15.99 34.90 -27.01
C GLY J 311 -14.96 33.79 -26.98
N SER J 312 -14.26 33.68 -25.84
CA SER J 312 -13.25 32.64 -25.64
C SER J 312 -12.79 32.57 -24.19
N LEU J 313 -12.48 31.36 -23.74
CA LEU J 313 -11.88 31.16 -22.42
C LEU J 313 -10.49 30.55 -22.59
N THR J 314 -9.47 31.27 -22.14
CA THR J 314 -8.09 30.79 -22.23
C THR J 314 -7.45 30.62 -20.84
N ILE J 315 -6.97 29.40 -20.59
CA ILE J 315 -6.34 29.07 -19.31
C ILE J 315 -4.88 28.70 -19.51
N ILE J 316 -4.00 29.50 -18.91
CA ILE J 316 -2.57 29.19 -18.90
C ILE J 316 -2.18 28.75 -17.49
N ALA J 317 -2.01 27.44 -17.33
CA ALA J 317 -1.76 26.85 -16.02
C ALA J 317 -0.35 26.28 -15.91
N THR J 318 0.27 26.45 -14.75
CA THR J 318 1.60 25.91 -14.49
C THR J 318 1.52 24.48 -13.96
N ALA J 319 2.42 23.63 -14.45
CA ALA J 319 2.56 22.27 -13.95
C ALA J 319 3.95 22.10 -13.34
N LEU J 320 3.99 21.63 -12.09
CA LEU J 320 5.25 21.53 -11.34
C LEU J 320 6.07 20.29 -11.71
N ILE J 321 7.37 20.51 -11.84
CA ILE J 321 8.34 19.46 -12.18
C ILE J 321 9.47 19.50 -11.16
N ASP J 322 10.14 18.36 -10.97
CA ASP J 322 11.26 18.24 -10.03
C ASP J 322 10.88 18.62 -8.59
N THR J 323 9.90 17.88 -8.05
CA THR J 323 9.45 18.09 -6.68
C THR J 323 9.88 16.92 -5.79
N GLY J 324 10.19 15.79 -6.42
CA GLY J 324 10.54 14.57 -5.69
C GLY J 324 9.29 13.95 -5.08
N SER J 325 8.21 13.92 -5.86
CA SER J 325 6.92 13.42 -5.40
C SER J 325 6.19 12.74 -6.56
N LYS J 326 5.91 11.44 -6.38
CA LYS J 326 5.15 10.67 -7.38
C LYS J 326 3.75 11.24 -7.57
N MET J 327 3.20 11.81 -6.50
CA MET J 327 1.90 12.47 -6.51
C MET J 327 1.87 13.57 -7.58
N ASP J 328 2.96 14.33 -7.68
CA ASP J 328 3.12 15.35 -8.72
C ASP J 328 3.47 14.75 -10.07
N GLU J 329 4.24 13.65 -10.04
CA GLU J 329 4.73 13.00 -11.26
C GLU J 329 3.60 12.36 -12.08
N VAL J 330 2.57 11.86 -11.40
CA VAL J 330 1.41 11.26 -12.06
C VAL J 330 0.51 12.34 -12.67
N ILE J 331 0.26 13.40 -11.91
CA ILE J 331 -0.58 14.52 -12.39
C ILE J 331 0.01 15.16 -13.65
N TYR J 332 1.33 15.28 -13.70
CA TYR J 332 2.01 15.79 -14.90
C TYR J 332 1.82 14.88 -16.10
N GLU J 333 2.07 13.59 -15.92
CA GLU J 333 1.93 12.59 -16.98
C GLU J 333 0.52 12.51 -17.54
N GLU J 334 -0.48 12.75 -16.68
CA GLU J 334 -1.88 12.75 -17.08
C GLU J 334 -2.27 14.02 -17.82
N PHE J 335 -1.79 15.17 -17.32
CA PHE J 335 -2.10 16.48 -17.91
C PHE J 335 -1.19 16.85 -19.09
N LYS J 336 -0.14 16.05 -19.30
CA LYS J 336 0.83 16.31 -20.36
C LYS J 336 0.22 16.16 -21.74
N GLY J 337 0.33 17.21 -22.54
CA GLY J 337 -0.10 17.19 -23.93
C GLY J 337 -1.55 17.59 -24.17
N THR J 338 -2.39 17.48 -23.14
CA THR J 338 -3.81 17.80 -23.24
C THR J 338 -4.05 19.19 -23.82
N GLY J 339 -3.17 20.13 -23.48
CA GLY J 339 -3.27 21.51 -23.97
C GLY J 339 -2.72 21.68 -25.37
N ASN J 340 -2.76 22.92 -25.86
CA ASN J 340 -2.26 23.27 -27.19
C ASN J 340 -1.17 24.35 -27.15
N MET J 341 -0.78 24.74 -25.94
CA MET J 341 0.32 25.67 -25.70
C MET J 341 1.14 25.14 -24.53
N GLU J 342 2.44 24.96 -24.76
CA GLU J 342 3.34 24.54 -23.67
C GLU J 342 4.68 25.27 -23.71
N LEU J 343 4.92 26.07 -22.68
CA LEU J 343 6.19 26.76 -22.50
C LEU J 343 6.97 26.12 -21.36
N HIS J 344 8.16 25.63 -21.67
CA HIS J 344 8.99 24.90 -20.69
C HIS J 344 10.02 25.81 -20.03
N LEU J 345 10.15 25.65 -18.71
CA LEU J 345 11.17 26.35 -17.94
C LEU J 345 12.18 25.34 -17.39
N SER J 346 13.43 25.78 -17.24
CA SER J 346 14.52 24.87 -16.90
C SER J 346 15.24 25.22 -15.59
N ARG J 347 15.82 24.19 -14.97
CA ARG J 347 16.62 24.35 -13.76
C ARG J 347 18.04 24.81 -14.12
N LYS J 348 18.66 24.13 -15.08
CA LYS J 348 20.03 24.44 -15.53
C LYS J 348 20.21 25.90 -15.93
N ILE J 349 19.23 26.45 -16.64
CA ILE J 349 19.27 27.84 -17.07
C ILE J 349 19.06 28.78 -15.88
N ALA J 350 18.05 28.48 -15.06
CA ALA J 350 17.73 29.31 -13.89
C ALA J 350 18.79 29.27 -12.80
N GLU J 351 19.48 28.15 -12.66
CA GLU J 351 20.52 27.97 -11.64
C GLU J 351 21.80 28.75 -11.95
N LYS J 352 22.03 29.01 -13.24
CA LYS J 352 23.20 29.76 -13.69
C LYS J 352 22.95 31.27 -13.64
N ARG J 353 21.91 31.66 -12.89
CA ARG J 353 21.45 33.04 -12.81
C ARG J 353 20.86 33.57 -14.12
N VAL J 354 20.66 32.70 -15.11
CA VAL J 354 19.97 33.10 -16.34
C VAL J 354 18.46 33.03 -16.12
N PHE J 355 17.88 34.19 -15.81
CA PHE J 355 16.47 34.31 -15.39
C PHE J 355 15.45 33.80 -16.41
N PRO J 356 15.49 34.33 -17.64
CA PRO J 356 14.51 33.93 -18.66
C PRO J 356 14.73 32.50 -19.16
N ALA J 357 14.56 31.55 -18.23
CA ALA J 357 14.83 30.14 -18.48
C ALA J 357 13.70 29.46 -19.25
N ILE J 358 13.42 29.97 -20.43
CA ILE J 358 12.48 29.35 -21.36
C ILE J 358 13.25 28.43 -22.28
N ASP J 359 12.85 27.16 -22.32
CA ASP J 359 13.49 26.19 -23.20
C ASP J 359 12.89 26.30 -24.61
N TYR J 360 13.63 26.95 -25.50
CA TYR J 360 13.18 27.15 -26.89
C TYR J 360 13.08 25.84 -27.65
N ASN J 361 13.94 24.89 -27.30
CA ASN J 361 13.95 23.56 -27.90
C ASN J 361 12.76 22.70 -27.46
N ARG J 362 12.11 23.11 -26.37
CA ARG J 362 11.02 22.34 -25.77
C ARG J 362 9.66 23.04 -25.86
N SER J 363 9.69 24.36 -25.99
CA SER J 363 8.46 25.16 -26.04
C SER J 363 7.88 25.26 -27.45
N GLY J 364 6.58 25.50 -27.54
CA GLY J 364 5.89 25.63 -28.83
C GLY J 364 4.40 25.37 -28.74
N THR J 365 3.65 25.92 -29.69
CA THR J 365 2.19 25.75 -29.72
C THR J 365 1.76 24.93 -30.94
N ARG J 366 0.72 24.13 -30.75
CA ARG J 366 0.10 23.39 -31.83
C ARG J 366 -0.74 24.33 -32.69
N LYS J 367 -0.73 24.09 -34.00
CA LYS J 367 -1.37 24.99 -34.97
C LYS J 367 -0.87 26.43 -34.81
N GLU J 368 0.46 26.56 -34.78
CA GLU J 368 1.13 27.85 -34.59
C GLU J 368 0.87 28.81 -35.75
N GLU J 369 0.58 28.25 -36.92
CA GLU J 369 0.36 29.02 -38.15
C GLU J 369 -0.89 29.89 -38.14
N LEU J 370 -1.93 29.43 -37.43
CA LEU J 370 -3.21 30.14 -37.39
C LEU J 370 -3.23 31.32 -36.41
N LEU J 371 -2.07 31.68 -35.88
CA LEU J 371 -1.94 32.81 -34.96
C LEU J 371 -0.93 33.83 -35.46
N THR J 372 -0.14 33.45 -36.48
CA THR J 372 0.87 34.32 -37.06
C THR J 372 0.59 34.58 -38.54
N THR J 373 0.96 35.78 -39.00
CA THR J 373 0.88 36.12 -40.42
C THR J 373 1.94 35.34 -41.19
N GLN J 374 1.62 35.00 -42.45
CA GLN J 374 2.46 34.11 -43.26
C GLN J 374 3.95 34.41 -43.23
N GLU J 375 4.29 35.70 -43.26
CA GLU J 375 5.68 36.15 -43.23
C GLU J 375 6.37 35.83 -41.90
N GLU J 376 5.62 36.03 -40.81
CA GLU J 376 6.13 35.79 -39.46
C GLU J 376 6.40 34.31 -39.19
N LEU J 377 5.58 33.43 -39.79
CA LEU J 377 5.74 31.99 -39.66
C LEU J 377 7.11 31.52 -40.16
N GLN J 378 7.45 31.93 -41.38
CA GLN J 378 8.76 31.62 -41.97
C GLN J 378 9.90 32.39 -41.30
N LYS J 379 9.59 33.58 -40.81
CA LYS J 379 10.54 34.37 -40.02
C LYS J 379 10.90 33.64 -38.72
N MET J 380 9.89 33.05 -38.09
CA MET J 380 10.05 32.30 -36.85
C MET J 380 10.72 30.94 -37.09
N TRP J 381 10.38 30.31 -38.21
CA TRP J 381 10.88 28.95 -38.52
C TRP J 381 12.39 28.90 -38.77
N ILE J 382 12.91 29.88 -39.51
CA ILE J 382 14.36 30.00 -39.71
C ILE J 382 15.04 30.45 -38.40
N LEU J 383 14.32 31.24 -37.62
CA LEU J 383 14.76 31.59 -36.26
C LEU J 383 14.76 30.36 -35.35
N ARG J 384 13.86 29.42 -35.63
CA ARG J 384 13.86 28.13 -34.93
C ARG J 384 15.01 27.25 -35.41
N LYS J 385 15.31 27.33 -36.71
CA LYS J 385 16.39 26.54 -37.32
C LYS J 385 17.77 27.04 -36.87
N ILE J 386 17.90 28.35 -36.71
CA ILE J 386 19.17 28.97 -36.31
C ILE J 386 19.46 28.80 -34.81
N ILE J 387 18.41 28.54 -34.03
CA ILE J 387 18.53 28.38 -32.58
C ILE J 387 18.65 26.90 -32.17
N HIS J 388 17.92 26.04 -32.86
CA HIS J 388 17.77 24.63 -32.47
C HIS J 388 19.04 23.87 -32.04
N PRO J 389 20.05 23.78 -32.92
CA PRO J 389 21.19 22.87 -32.70
C PRO J 389 21.98 23.10 -31.39
N MET J 390 22.06 24.35 -30.95
CA MET J 390 22.85 24.69 -29.75
C MET J 390 22.20 24.22 -28.45
N GLY J 391 22.99 24.19 -27.37
CA GLY J 391 22.55 23.66 -26.08
C GLY J 391 21.42 24.44 -25.42
N GLU J 392 20.88 23.87 -24.34
CA GLU J 392 19.73 24.44 -23.63
C GLU J 392 20.06 25.79 -22.99
N ILE J 393 21.18 25.85 -22.27
CA ILE J 393 21.62 27.07 -21.60
C ILE J 393 22.16 28.09 -22.61
N ASP J 394 22.82 27.58 -23.64
CA ASP J 394 23.40 28.43 -24.69
C ASP J 394 22.34 29.12 -25.55
N ALA J 395 21.21 28.43 -25.77
CA ALA J 395 20.14 28.95 -26.61
C ALA J 395 19.47 30.20 -26.03
N MET J 396 19.65 30.42 -24.74
CA MET J 396 19.06 31.57 -24.07
C MET J 396 20.02 32.75 -24.02
N GLU J 397 21.23 32.52 -23.52
CA GLU J 397 22.28 33.54 -23.44
C GLU J 397 22.54 34.22 -24.79
N PHE J 398 22.32 33.46 -25.86
CA PHE J 398 22.47 33.96 -27.22
C PHE J 398 21.22 34.72 -27.69
N LEU J 399 20.05 34.21 -27.33
CA LEU J 399 18.77 34.83 -27.73
C LEU J 399 18.53 36.16 -27.03
N ILE J 400 19.14 36.33 -25.86
CA ILE J 400 19.02 37.56 -25.07
C ILE J 400 19.74 38.74 -25.73
N ASN J 401 21.00 38.53 -26.08
CA ASN J 401 21.84 39.60 -26.66
C ASN J 401 21.35 40.12 -28.00
N LYS J 402 20.84 39.22 -28.83
CA LYS J 402 20.34 39.59 -30.17
C LYS J 402 18.97 40.26 -30.11
N LEU J 403 18.33 40.18 -28.95
CA LEU J 403 17.03 40.82 -28.73
C LEU J 403 17.21 42.14 -27.98
N ALA J 404 18.31 42.27 -27.25
CA ALA J 404 18.64 43.48 -26.51
C ALA J 404 19.18 44.59 -27.42
N MET J 405 19.61 44.20 -28.62
CA MET J 405 20.13 45.14 -29.61
C MET J 405 19.04 46.08 -30.15
N THR J 406 17.87 45.51 -30.44
CA THR J 406 16.76 46.26 -31.01
C THR J 406 15.43 45.93 -30.32
N LYS J 407 14.34 45.98 -31.08
CA LYS J 407 13.02 45.61 -30.59
C LYS J 407 12.85 44.08 -30.63
N THR J 408 11.91 43.62 -31.45
CA THR J 408 11.69 42.18 -31.69
C THR J 408 11.13 41.97 -33.09
N ASN J 409 10.41 42.96 -33.60
CA ASN J 409 10.02 43.00 -35.00
C ASN J 409 11.27 43.24 -35.86
N ASP J 410 12.26 43.87 -35.24
CA ASP J 410 13.55 44.14 -35.86
C ASP J 410 14.62 43.15 -35.37
N ASP J 411 14.17 42.03 -34.81
CA ASP J 411 15.07 41.00 -34.28
C ASP J 411 15.80 40.26 -35.39
N PHE J 412 15.05 39.61 -36.28
CA PHE J 412 15.64 38.85 -37.38
C PHE J 412 15.79 39.71 -38.64
N PHE J 413 15.12 40.87 -38.65
CA PHE J 413 15.26 41.84 -39.73
C PHE J 413 16.65 42.48 -39.70
N GLU J 414 17.13 42.75 -38.49
CA GLU J 414 18.48 43.29 -38.29
C GLU J 414 19.44 42.19 -37.81
N MET J 415 19.35 41.03 -38.45
CA MET J 415 20.20 39.88 -38.14
C MET J 415 20.78 39.30 -39.43
N MET J 416 20.09 39.54 -40.55
CA MET J 416 20.49 39.04 -41.86
C MET J 416 21.82 39.63 -42.31
N LYS J 417 22.74 38.76 -42.72
CA LYS J 417 24.07 39.17 -43.18
C LYS J 417 24.41 38.50 -44.51
N MET K 1 -41.49 16.83 -34.17
CA MET K 1 -41.26 16.22 -35.52
C MET K 1 -40.27 15.05 -35.47
N ASN K 2 -39.36 15.00 -36.44
CA ASN K 2 -38.33 13.97 -36.50
C ASN K 2 -37.22 14.23 -35.49
N LEU K 3 -36.91 13.21 -34.68
CA LEU K 3 -35.95 13.31 -33.59
C LEU K 3 -34.53 13.64 -34.07
N THR K 4 -33.99 12.80 -34.93
CA THR K 4 -32.62 12.98 -35.44
C THR K 4 -32.46 14.25 -36.27
N GLU K 5 -33.57 14.72 -36.84
CA GLU K 5 -33.59 15.98 -37.57
C GLU K 5 -33.60 17.15 -36.59
N LEU K 6 -34.26 16.95 -35.45
CA LEU K 6 -34.37 17.97 -34.41
C LEU K 6 -33.09 18.04 -33.58
N LYS K 7 -32.40 16.91 -33.45
CA LYS K 7 -31.18 16.81 -32.66
C LYS K 7 -29.95 17.30 -33.42
N ASN K 8 -30.06 17.39 -34.74
CA ASN K 8 -28.94 17.78 -35.59
C ASN K 8 -28.97 19.24 -36.03
N THR K 9 -30.12 19.89 -35.81
CA THR K 9 -30.27 21.32 -36.09
C THR K 9 -29.49 22.18 -35.09
N PRO K 10 -29.02 23.35 -35.52
CA PRO K 10 -28.31 24.28 -34.63
C PRO K 10 -29.12 24.63 -33.37
N VAL K 11 -28.44 24.75 -32.25
CA VAL K 11 -29.06 24.96 -30.94
C VAL K 11 -29.84 26.27 -30.87
N SER K 12 -29.32 27.30 -31.53
CA SER K 12 -29.97 28.62 -31.59
C SER K 12 -31.29 28.57 -32.37
N GLU K 13 -31.30 27.80 -33.45
CA GLU K 13 -32.51 27.60 -34.26
C GLU K 13 -33.44 26.56 -33.64
N LEU K 14 -33.16 26.20 -32.39
CA LEU K 14 -34.01 25.28 -31.62
C LEU K 14 -34.65 25.99 -30.43
N ILE K 15 -33.90 26.91 -29.83
CA ILE K 15 -34.41 27.74 -28.75
C ILE K 15 -35.47 28.71 -29.28
N THR K 16 -35.19 29.31 -30.43
CA THR K 16 -36.14 30.18 -31.13
C THR K 16 -37.34 29.39 -31.65
N LEU K 17 -37.08 28.15 -32.08
CA LEU K 17 -38.13 27.23 -32.53
C LEU K 17 -38.95 26.71 -31.34
N GLY K 18 -38.31 26.67 -30.17
CA GLY K 18 -38.96 26.20 -28.95
C GLY K 18 -39.76 27.28 -28.24
N GLU K 19 -39.41 28.54 -28.49
CA GLU K 19 -40.13 29.68 -27.93
C GLU K 19 -41.51 29.85 -28.54
N ASN K 20 -41.67 29.39 -29.78
CA ASN K 20 -42.95 29.40 -30.48
C ASN K 20 -43.85 28.21 -30.10
N MET K 21 -43.70 27.74 -28.87
CA MET K 21 -44.50 26.62 -28.34
C MET K 21 -45.11 26.94 -26.99
N GLY K 22 -44.48 27.86 -26.25
CA GLY K 22 -44.99 28.30 -24.96
C GLY K 22 -43.92 28.56 -23.92
N LEU K 23 -42.87 27.75 -23.93
CA LEU K 23 -41.79 27.83 -22.94
C LEU K 23 -40.91 29.06 -23.17
N GLU K 24 -40.78 29.88 -22.13
CA GLU K 24 -40.02 31.13 -22.21
C GLU K 24 -38.60 30.99 -21.63
N ASN K 25 -38.21 29.76 -21.33
CA ASN K 25 -36.90 29.49 -20.72
C ASN K 25 -36.28 28.17 -21.20
N LEU K 26 -35.38 28.27 -22.17
CA LEU K 26 -34.72 27.10 -22.75
C LEU K 26 -33.24 27.33 -23.02
N ALA K 27 -32.82 28.60 -22.99
CA ALA K 27 -31.45 28.98 -23.35
C ALA K 27 -30.38 28.51 -22.35
N ARG K 28 -30.73 28.51 -21.07
CA ARG K 28 -29.77 28.24 -20.00
C ARG K 28 -29.57 26.74 -19.71
N MET K 29 -30.45 25.91 -20.27
CA MET K 29 -30.34 24.45 -20.12
C MET K 29 -29.66 23.78 -21.32
N ARG K 30 -29.15 22.57 -21.10
CA ARG K 30 -28.41 21.81 -22.11
C ARG K 30 -29.26 21.45 -23.33
N LYS K 31 -28.59 21.30 -24.47
CA LYS K 31 -29.25 20.95 -25.74
C LYS K 31 -30.08 19.68 -25.64
N GLN K 32 -29.52 18.66 -24.97
CA GLN K 32 -30.22 17.40 -24.74
C GLN K 32 -31.49 17.58 -23.90
N ASP K 33 -31.42 18.47 -22.91
CA ASP K 33 -32.57 18.77 -22.05
C ASP K 33 -33.60 19.66 -22.75
N ILE K 34 -33.17 20.40 -23.76
CA ILE K 34 -34.08 21.24 -24.57
C ILE K 34 -34.98 20.36 -25.44
N ILE K 35 -34.35 19.45 -26.20
CA ILE K 35 -35.05 18.56 -27.14
C ILE K 35 -36.19 17.77 -26.49
N PHE K 36 -35.95 17.29 -25.27
CA PHE K 36 -36.97 16.57 -24.49
C PHE K 36 -38.25 17.40 -24.33
N ALA K 37 -38.08 18.69 -24.05
CA ALA K 37 -39.20 19.61 -23.89
C ALA K 37 -39.85 19.96 -25.24
N ILE K 38 -39.05 19.96 -26.30
CA ILE K 38 -39.54 20.23 -27.65
C ILE K 38 -40.42 19.08 -28.15
N LEU K 39 -40.19 17.89 -27.60
CA LEU K 39 -41.00 16.72 -27.91
C LEU K 39 -42.22 16.64 -26.99
N LYS K 40 -42.03 16.98 -25.72
CA LYS K 40 -43.08 16.91 -24.71
C LYS K 40 -44.17 17.95 -24.94
N GLN K 41 -43.76 19.18 -25.27
CA GLN K 41 -44.70 20.26 -25.59
C GLN K 41 -45.05 20.28 -27.09
N HIS K 42 -45.09 19.09 -27.68
CA HIS K 42 -45.46 18.90 -29.08
C HIS K 42 -46.07 17.51 -29.26
N ALA K 43 -46.29 16.83 -28.13
CA ALA K 43 -46.83 15.47 -28.12
C ALA K 43 -48.35 15.44 -28.20
N LYS K 44 -48.96 16.62 -28.26
CA LYS K 44 -50.42 16.75 -28.37
C LYS K 44 -50.88 16.61 -29.83
N SER K 45 -49.93 16.50 -30.74
CA SER K 45 -50.21 16.32 -32.17
C SER K 45 -50.41 14.85 -32.52
N GLY K 46 -50.48 14.55 -33.82
CA GLY K 46 -50.69 13.18 -34.30
C GLY K 46 -49.43 12.34 -34.30
N GLU K 47 -49.21 11.63 -35.41
CA GLU K 47 -48.05 10.73 -35.56
C GLU K 47 -46.85 11.42 -36.20
N ASP K 48 -46.68 12.71 -35.92
CA ASP K 48 -45.54 13.48 -36.44
C ASP K 48 -44.39 13.47 -35.43
N ILE K 49 -44.06 12.29 -34.90
CA ILE K 49 -42.98 12.12 -33.92
C ILE K 49 -42.23 10.80 -34.19
N PHE K 50 -41.13 10.90 -34.93
CA PHE K 50 -40.32 9.73 -35.31
C PHE K 50 -38.90 9.85 -34.72
N GLY K 51 -38.35 8.74 -34.26
CA GLY K 51 -37.03 8.74 -33.62
C GLY K 51 -36.14 7.56 -33.98
N ASP K 52 -34.84 7.71 -33.74
CA ASP K 52 -33.86 6.65 -34.02
C ASP K 52 -32.60 6.74 -33.16
N GLY K 53 -31.80 5.68 -33.19
CA GLY K 53 -30.55 5.60 -32.44
C GLY K 53 -30.03 4.19 -32.31
N VAL K 54 -28.77 4.06 -31.90
CA VAL K 54 -28.14 2.76 -31.71
C VAL K 54 -28.46 2.21 -30.32
N LEU K 55 -28.92 0.96 -30.26
CA LEU K 55 -29.38 0.33 -29.03
C LEU K 55 -28.24 -0.04 -28.08
N GLU K 56 -28.44 0.25 -26.79
CA GLU K 56 -27.52 -0.16 -25.74
C GLU K 56 -28.28 -0.90 -24.65
N ILE K 57 -28.16 -2.23 -24.66
CA ILE K 57 -28.83 -3.08 -23.68
C ILE K 57 -28.09 -3.07 -22.35
N LEU K 58 -28.81 -2.74 -21.28
CA LEU K 58 -28.24 -2.68 -19.93
C LEU K 58 -28.21 -4.05 -19.26
N GLN K 59 -27.92 -4.06 -17.95
CA GLN K 59 -27.72 -5.30 -17.22
C GLN K 59 -29.03 -6.00 -16.83
N ASP K 60 -30.16 -5.34 -17.06
CA ASP K 60 -31.46 -5.88 -16.68
C ASP K 60 -32.45 -6.00 -17.84
N GLY K 61 -31.92 -6.24 -19.04
CA GLY K 61 -32.76 -6.45 -20.23
C GLY K 61 -33.08 -5.20 -21.02
N PHE K 62 -33.78 -4.26 -20.38
CA PHE K 62 -34.21 -3.02 -21.02
C PHE K 62 -33.05 -2.20 -21.57
N GLY K 63 -33.27 -1.56 -22.72
CA GLY K 63 -32.22 -0.82 -23.42
C GLY K 63 -32.59 0.61 -23.78
N PHE K 64 -31.62 1.32 -24.36
CA PHE K 64 -31.81 2.71 -24.78
C PHE K 64 -31.24 2.96 -26.18
N LEU K 65 -31.94 3.79 -26.95
CA LEU K 65 -31.47 4.17 -28.28
C LEU K 65 -30.62 5.44 -28.20
N ARG K 66 -29.30 5.25 -28.25
CA ARG K 66 -28.35 6.35 -28.14
C ARG K 66 -28.03 6.95 -29.50
N SER K 67 -27.92 8.28 -29.54
CA SER K 67 -27.63 9.00 -30.78
C SER K 67 -26.13 9.18 -30.99
N ALA K 68 -25.68 8.99 -32.23
CA ALA K 68 -24.28 9.15 -32.59
C ALA K 68 -23.85 10.62 -32.63
N ASP K 69 -24.84 11.51 -32.62
CA ASP K 69 -24.61 12.96 -32.60
C ASP K 69 -23.82 13.40 -31.36
N SER K 70 -24.26 12.94 -30.19
CA SER K 70 -23.63 13.31 -28.93
C SER K 70 -22.61 12.27 -28.47
N SER K 71 -22.06 11.52 -29.42
CA SER K 71 -21.13 10.41 -29.14
C SER K 71 -21.75 9.38 -28.19
N TYR K 72 -22.98 9.00 -28.46
CA TYR K 72 -23.72 8.00 -27.67
C TYR K 72 -23.78 8.34 -26.16
N LEU K 73 -23.81 9.63 -25.86
CA LEU K 73 -23.88 10.09 -24.47
C LEU K 73 -25.27 9.88 -23.91
N ALA K 74 -25.34 9.31 -22.71
CA ALA K 74 -26.60 9.02 -22.04
C ALA K 74 -27.32 10.30 -21.62
N GLY K 75 -28.49 10.54 -22.22
CA GLY K 75 -29.30 11.72 -21.95
C GLY K 75 -30.78 11.41 -21.83
N PRO K 76 -31.59 12.45 -21.63
CA PRO K 76 -33.04 12.29 -21.47
C PRO K 76 -33.75 11.90 -22.77
N ASP K 77 -33.33 12.51 -23.88
CA ASP K 77 -33.93 12.30 -25.20
C ASP K 77 -33.72 10.89 -25.77
N ASP K 78 -32.88 10.10 -25.10
CA ASP K 78 -32.67 8.71 -25.48
C ASP K 78 -33.96 7.91 -25.37
N ILE K 79 -34.26 7.15 -26.43
CA ILE K 79 -35.50 6.38 -26.51
C ILE K 79 -35.39 5.09 -25.70
N TYR K 80 -36.31 4.93 -24.75
CA TYR K 80 -36.39 3.72 -23.94
C TYR K 80 -36.94 2.55 -24.76
N VAL K 81 -36.32 1.39 -24.62
CA VAL K 81 -36.80 0.16 -25.27
C VAL K 81 -37.06 -0.91 -24.22
N SER K 82 -38.28 -1.46 -24.25
CA SER K 82 -38.69 -2.50 -23.30
C SER K 82 -38.22 -3.88 -23.75
N PRO K 83 -37.92 -4.76 -22.78
CA PRO K 83 -37.56 -6.15 -23.06
C PRO K 83 -38.62 -6.91 -23.85
N SER K 84 -39.86 -6.40 -23.82
CA SER K 84 -40.95 -6.95 -24.62
C SER K 84 -40.68 -6.73 -26.12
N GLN K 85 -40.04 -5.62 -26.44
CA GLN K 85 -39.66 -5.30 -27.82
C GLN K 85 -38.32 -5.92 -28.19
N ILE K 86 -37.42 -6.01 -27.20
CA ILE K 86 -36.06 -6.51 -27.41
C ILE K 86 -36.04 -8.01 -27.75
N ARG K 87 -36.92 -8.77 -27.11
CA ARG K 87 -36.95 -10.23 -27.29
C ARG K 87 -37.84 -10.67 -28.46
N ARG K 88 -38.83 -9.85 -28.81
CA ARG K 88 -39.75 -10.18 -29.90
C ARG K 88 -39.23 -9.80 -31.29
N PHE K 89 -38.05 -9.18 -31.32
CA PHE K 89 -37.38 -8.82 -32.58
C PHE K 89 -35.94 -9.35 -32.64
N ASN K 90 -35.49 -9.93 -31.53
CA ASN K 90 -34.12 -10.43 -31.38
C ASN K 90 -33.06 -9.37 -31.68
N LEU K 91 -32.98 -8.38 -30.80
CA LEU K 91 -32.06 -7.26 -30.96
C LEU K 91 -30.88 -7.40 -30.02
N ARG K 92 -29.68 -7.14 -30.55
CA ARG K 92 -28.46 -7.16 -29.75
C ARG K 92 -27.87 -5.75 -29.64
N THR K 93 -27.19 -5.49 -28.52
CA THR K 93 -26.60 -4.17 -28.24
C THR K 93 -25.62 -3.74 -29.32
N GLY K 94 -26.04 -2.76 -30.13
CA GLY K 94 -25.26 -2.28 -31.25
C GLY K 94 -26.11 -2.08 -32.50
N ASP K 95 -27.33 -2.62 -32.48
CA ASP K 95 -28.26 -2.50 -33.61
C ASP K 95 -28.87 -1.11 -33.67
N THR K 96 -29.02 -0.60 -34.90
CA THR K 96 -29.68 0.68 -35.14
C THR K 96 -31.18 0.44 -35.34
N ILE K 97 -32.00 1.28 -34.72
CA ILE K 97 -33.45 1.13 -34.78
C ILE K 97 -34.14 2.43 -35.21
N SER K 98 -34.88 2.35 -36.32
CA SER K 98 -35.69 3.47 -36.81
C SER K 98 -37.17 3.14 -36.68
N GLY K 99 -37.95 4.08 -36.16
CA GLY K 99 -39.38 3.89 -35.99
C GLY K 99 -40.10 4.95 -35.17
N LYS K 100 -41.33 4.64 -34.78
CA LYS K 100 -42.17 5.57 -34.02
C LYS K 100 -41.76 5.65 -32.55
N ILE K 101 -41.93 6.83 -31.97
CA ILE K 101 -41.69 7.03 -30.54
C ILE K 101 -42.90 7.67 -29.85
N ARG K 102 -43.22 7.17 -28.66
CA ARG K 102 -44.41 7.61 -27.92
C ARG K 102 -44.06 8.43 -26.66
N PRO K 103 -44.95 9.33 -26.27
CA PRO K 103 -44.78 10.11 -25.04
C PRO K 103 -44.77 9.21 -23.79
N PRO K 104 -44.05 9.62 -22.75
CA PRO K 104 -43.95 8.83 -21.52
C PRO K 104 -45.26 8.84 -20.72
N LYS K 105 -45.73 7.64 -20.36
CA LYS K 105 -46.91 7.50 -19.50
C LYS K 105 -46.58 7.97 -18.09
N GLU K 106 -47.60 8.46 -17.37
CA GLU K 106 -47.41 9.07 -16.06
C GLU K 106 -46.60 8.18 -15.10
N GLY K 107 -45.47 8.70 -14.64
CA GLY K 107 -44.55 7.94 -13.80
C GLY K 107 -43.21 7.69 -14.49
N GLU K 108 -43.27 7.42 -15.78
CA GLU K 108 -42.07 7.14 -16.59
C GLU K 108 -41.26 8.40 -16.85
N ARG K 109 -39.95 8.23 -17.05
CA ARG K 109 -39.04 9.35 -17.24
C ARG K 109 -38.68 9.58 -18.72
N TYR K 110 -38.47 8.48 -19.45
CA TYR K 110 -37.99 8.56 -20.84
C TYR K 110 -39.07 8.26 -21.87
N PHE K 111 -38.87 8.77 -23.09
CA PHE K 111 -39.71 8.45 -24.23
C PHE K 111 -39.54 6.99 -24.64
N ALA K 112 -40.66 6.33 -24.95
CA ALA K 112 -40.62 4.89 -25.28
C ALA K 112 -40.81 4.63 -26.78
N LEU K 113 -40.36 3.47 -27.22
CA LEU K 113 -40.51 3.04 -28.60
C LEU K 113 -41.90 2.46 -28.84
N LEU K 114 -42.55 2.93 -29.91
CA LEU K 114 -43.92 2.49 -30.24
C LEU K 114 -43.91 1.33 -31.23
N LYS K 115 -43.43 1.58 -32.43
CA LYS K 115 -43.35 0.55 -33.47
C LYS K 115 -42.05 0.67 -34.26
N VAL K 116 -41.50 -0.48 -34.65
CA VAL K 116 -40.21 -0.53 -35.35
C VAL K 116 -40.40 -0.60 -36.86
N ASN K 117 -39.69 0.27 -37.57
CA ASN K 117 -39.73 0.30 -39.04
C ASN K 117 -38.48 -0.26 -39.69
N GLU K 118 -37.31 0.06 -39.13
CA GLU K 118 -36.02 -0.40 -39.66
C GLU K 118 -35.07 -0.87 -38.58
N VAL K 119 -34.48 -2.05 -38.80
CA VAL K 119 -33.42 -2.58 -37.94
C VAL K 119 -32.17 -2.79 -38.77
N ASN K 120 -31.10 -2.08 -38.42
CA ASN K 120 -29.85 -2.05 -39.20
C ASN K 120 -30.10 -1.79 -40.69
N PHE K 121 -31.04 -0.87 -40.96
CA PHE K 121 -31.48 -0.53 -42.32
C PHE K 121 -32.04 -1.73 -43.07
N ASP K 122 -33.03 -2.40 -42.45
CA ASP K 122 -33.68 -3.58 -43.01
C ASP K 122 -35.01 -3.83 -42.31
N LYS K 123 -35.84 -4.69 -42.89
CA LYS K 123 -37.10 -5.12 -42.28
C LYS K 123 -36.82 -5.75 -40.91
N PRO K 124 -37.55 -5.29 -39.88
CA PRO K 124 -37.31 -5.71 -38.49
C PRO K 124 -37.47 -7.22 -38.23
N GLU K 125 -37.70 -8.00 -39.29
CA GLU K 125 -37.80 -9.45 -39.18
C GLU K 125 -36.45 -10.12 -39.50
N ASN K 126 -35.37 -9.39 -39.24
CA ASN K 126 -34.01 -9.88 -39.49
C ASN K 126 -33.10 -9.67 -38.29
N ASN K 129 -29.81 -13.77 -39.58
CA ASN K 129 -28.60 -12.94 -39.71
C ASN K 129 -27.49 -13.44 -38.79
N LYS K 130 -26.43 -13.98 -39.39
CA LYS K 130 -25.31 -14.57 -38.65
C LYS K 130 -24.48 -13.53 -37.91
N ILE K 131 -24.16 -13.83 -36.65
CA ILE K 131 -23.38 -12.92 -35.80
C ILE K 131 -21.88 -12.97 -36.14
N LEU K 132 -21.19 -11.84 -35.97
CA LEU K 132 -19.76 -11.74 -36.24
C LEU K 132 -18.94 -12.67 -35.36
N PHE K 133 -19.47 -12.96 -34.17
CA PHE K 133 -18.85 -13.85 -33.19
C PHE K 133 -18.33 -15.15 -33.81
N GLU K 134 -18.99 -15.61 -34.87
CA GLU K 134 -18.67 -16.90 -35.49
C GLU K 134 -18.43 -16.81 -37.00
N ASN K 135 -18.04 -15.63 -37.49
CA ASN K 135 -17.68 -15.46 -38.89
C ASN K 135 -16.23 -15.86 -39.16
N LEU K 136 -16.02 -16.51 -40.30
CA LEU K 136 -14.69 -17.01 -40.68
C LEU K 136 -13.72 -15.88 -41.03
N THR K 137 -12.43 -16.11 -40.78
CA THR K 137 -11.43 -15.05 -40.85
C THR K 137 -10.24 -15.35 -41.78
N PRO K 138 -10.37 -15.02 -43.07
CA PRO K 138 -9.22 -14.98 -43.98
C PRO K 138 -8.26 -13.85 -43.65
N LEU K 139 -7.12 -13.79 -44.36
CA LEU K 139 -6.05 -12.84 -44.09
C LEU K 139 -6.30 -11.42 -44.63
N HIS K 140 -7.56 -11.07 -44.82
CA HIS K 140 -7.99 -9.72 -45.24
C HIS K 140 -7.15 -9.09 -46.35
N ALA K 141 -6.65 -9.92 -47.26
CA ALA K 141 -5.75 -9.46 -48.30
C ALA K 141 -6.35 -9.60 -49.70
N ASN K 142 -7.67 -9.41 -49.78
CA ASN K 142 -8.36 -9.34 -51.06
C ASN K 142 -9.07 -8.00 -51.18
N SER K 143 -8.97 -7.38 -52.35
CA SER K 143 -9.55 -6.06 -52.61
C SER K 143 -8.96 -4.98 -51.68
N ARG K 144 -7.76 -4.53 -52.00
CA ARG K 144 -7.06 -3.53 -51.19
C ARG K 144 -7.67 -2.13 -51.36
N LEU K 145 -7.53 -1.31 -50.32
CA LEU K 145 -8.01 0.07 -50.36
C LEU K 145 -6.89 0.99 -50.83
N ARG K 146 -7.08 1.58 -52.01
CA ARG K 146 -6.09 2.47 -52.60
C ARG K 146 -6.30 3.90 -52.13
N MET K 147 -5.19 4.59 -51.83
CA MET K 147 -5.24 5.94 -51.28
C MET K 147 -4.69 6.96 -52.28
N GLY K 152 -3.21 14.26 -58.68
CA GLY K 152 -1.93 14.25 -57.98
C GLY K 152 -1.59 15.61 -57.40
N SER K 153 -1.34 15.64 -56.08
CA SER K 153 -1.02 16.87 -55.37
C SER K 153 -0.14 16.59 -54.14
N THR K 154 0.16 17.65 -53.39
CA THR K 154 0.92 17.54 -52.14
C THR K 154 0.08 16.95 -51.01
N GLU K 155 -1.25 17.05 -51.14
CA GLU K 155 -2.19 16.43 -50.21
C GLU K 155 -2.38 14.94 -50.48
N ASP K 156 -1.69 14.44 -51.51
CA ASP K 156 -1.78 13.03 -51.89
C ASP K 156 -0.44 12.31 -51.70
N LEU K 157 0.63 13.09 -51.50
CA LEU K 157 1.98 12.54 -51.30
C LEU K 157 2.03 11.59 -50.09
N THR K 158 1.38 11.98 -49.01
CA THR K 158 1.32 11.16 -47.80
C THR K 158 0.49 9.90 -48.04
N ALA K 159 -0.55 10.03 -48.85
CA ALA K 159 -1.41 8.91 -49.24
C ALA K 159 -0.75 8.01 -50.27
N ARG K 160 0.40 8.45 -50.80
CA ARG K 160 1.15 7.69 -51.80
C ARG K 160 2.35 6.95 -51.20
N VAL K 161 2.99 7.59 -50.22
CA VAL K 161 4.06 6.93 -49.46
C VAL K 161 3.46 5.75 -48.67
N LEU K 162 2.23 5.96 -48.17
CA LEU K 162 1.46 4.90 -47.52
C LEU K 162 1.15 3.75 -48.47
N ASP K 163 0.79 4.09 -49.71
CA ASP K 163 0.47 3.09 -50.74
C ASP K 163 1.67 2.23 -51.12
N LEU K 164 2.88 2.77 -50.94
CA LEU K 164 4.11 2.06 -51.29
C LEU K 164 4.74 1.38 -50.07
N ALA K 165 4.59 1.99 -48.90
CA ALA K 165 5.16 1.46 -47.66
C ALA K 165 4.27 0.38 -47.06
N SER K 166 2.97 0.65 -46.97
CA SER K 166 2.03 -0.24 -46.30
C SER K 166 0.62 -0.20 -46.89
N PRO K 167 0.36 -1.06 -47.88
CA PRO K 167 -0.98 -1.20 -48.46
C PRO K 167 -2.01 -1.71 -47.44
N ILE K 168 -3.20 -1.11 -47.44
CA ILE K 168 -4.29 -1.53 -46.56
C ILE K 168 -5.36 -2.27 -47.36
N GLY K 169 -5.84 -3.39 -46.81
CA GLY K 169 -6.90 -4.16 -47.42
C GLY K 169 -8.21 -4.11 -46.65
N ARG K 170 -9.15 -4.98 -47.03
CA ARG K 170 -10.46 -5.04 -46.38
C ARG K 170 -10.44 -5.96 -45.16
N GLY K 171 -10.25 -5.37 -43.99
CA GLY K 171 -10.27 -6.12 -42.72
C GLY K 171 -8.95 -6.09 -41.95
N GLN K 172 -8.19 -5.02 -42.14
CA GLN K 172 -6.83 -4.91 -41.58
C GLN K 172 -6.80 -4.47 -40.12
N ARG K 173 -5.78 -4.94 -39.39
CA ARG K 173 -5.45 -4.40 -38.09
C ARG K 173 -4.26 -3.45 -38.20
N GLY K 174 -4.54 -2.25 -38.71
CA GLY K 174 -3.51 -1.24 -38.90
C GLY K 174 -3.06 -0.62 -37.59
N LEU K 175 -1.76 -0.65 -37.33
CA LEU K 175 -1.21 -0.07 -36.11
C LEU K 175 -0.20 1.04 -36.44
N ILE K 176 -0.65 2.29 -36.28
CA ILE K 176 0.22 3.44 -36.53
C ILE K 176 1.04 3.79 -35.28
N VAL K 177 2.28 3.33 -35.26
CA VAL K 177 3.21 3.65 -34.18
C VAL K 177 3.73 5.08 -34.38
N ALA K 178 3.45 5.95 -33.42
CA ALA K 178 3.75 7.37 -33.58
C ALA K 178 3.88 8.15 -32.26
N PRO K 179 4.86 9.04 -32.19
CA PRO K 179 5.03 9.94 -31.05
C PRO K 179 4.23 11.23 -31.21
N PRO K 180 4.01 11.96 -30.11
CA PRO K 180 3.32 13.25 -30.16
C PRO K 180 3.91 14.23 -31.17
N LYS K 181 3.04 14.98 -31.84
CA LYS K 181 3.42 15.98 -32.85
C LYS K 181 4.27 15.40 -33.99
N ALA K 182 3.75 14.36 -34.63
CA ALA K 182 4.46 13.68 -35.73
C ALA K 182 3.52 13.06 -36.77
N GLY K 183 2.44 13.78 -37.08
CA GLY K 183 1.52 13.37 -38.14
C GLY K 183 0.63 12.19 -37.78
N LYS K 184 -0.13 12.33 -36.69
CA LYS K 184 -1.10 11.31 -36.28
C LYS K 184 -2.52 11.77 -36.58
N THR K 185 -2.87 12.92 -36.01
CA THR K 185 -4.22 13.49 -36.13
C THR K 185 -4.57 13.84 -37.57
N MET K 186 -3.56 14.21 -38.36
CA MET K 186 -3.77 14.61 -39.74
C MET K 186 -3.56 13.47 -40.73
N LEU K 187 -2.68 12.53 -40.38
CA LEU K 187 -2.45 11.35 -41.21
C LEU K 187 -3.69 10.46 -41.24
N LEU K 188 -4.37 10.36 -40.10
CA LEU K 188 -5.67 9.67 -40.02
C LEU K 188 -6.74 10.42 -40.80
N GLN K 189 -6.63 11.74 -40.84
CA GLN K 189 -7.53 12.58 -41.64
C GLN K 189 -7.32 12.37 -43.14
N ASN K 190 -6.06 12.09 -43.51
CA ASN K 190 -5.72 11.84 -44.91
C ASN K 190 -6.18 10.46 -45.40
N ILE K 191 -6.25 9.50 -44.47
CA ILE K 191 -6.79 8.17 -44.78
C ILE K 191 -8.31 8.28 -44.98
N ALA K 192 -8.95 9.08 -44.13
CA ALA K 192 -10.40 9.26 -44.14
C ALA K 192 -10.91 9.90 -45.43
N GLN K 193 -10.20 10.92 -45.90
CA GLN K 193 -10.57 11.64 -47.11
C GLN K 193 -10.38 10.77 -48.37
N SER K 194 -9.38 9.89 -48.32
CA SER K 194 -9.13 8.95 -49.42
C SER K 194 -10.20 7.87 -49.49
N ILE K 195 -10.65 7.39 -48.33
CA ILE K 195 -11.74 6.43 -48.24
C ILE K 195 -13.06 7.07 -48.68
N ALA K 196 -13.22 8.36 -48.40
CA ALA K 196 -14.41 9.11 -48.79
C ALA K 196 -14.62 9.15 -50.30
N TYR K 197 -13.53 9.28 -51.06
CA TYR K 197 -13.58 9.32 -52.52
C TYR K 197 -13.51 7.91 -53.11
N ASN K 198 -12.39 7.23 -52.89
CA ASN K 198 -12.08 5.96 -53.54
C ASN K 198 -13.04 4.81 -53.17
N HIS K 199 -13.57 4.83 -51.95
CA HIS K 199 -14.43 3.76 -51.47
C HIS K 199 -15.66 4.27 -50.70
N PRO K 200 -16.65 4.81 -51.42
CA PRO K 200 -17.89 5.29 -50.82
C PRO K 200 -18.80 4.16 -50.35
N ASP K 201 -18.54 2.95 -50.82
CA ASP K 201 -19.31 1.77 -50.44
C ASP K 201 -19.02 1.33 -49.00
N CYS K 202 -17.83 1.69 -48.50
CA CYS K 202 -17.42 1.34 -47.15
C CYS K 202 -18.03 2.28 -46.12
N VAL K 203 -18.42 1.71 -44.97
CA VAL K 203 -18.90 2.51 -43.84
C VAL K 203 -17.70 2.99 -43.03
N LEU K 204 -17.56 4.32 -42.94
CA LEU K 204 -16.40 4.91 -42.27
C LEU K 204 -16.76 5.47 -40.89
N MET K 205 -16.07 4.93 -39.87
CA MET K 205 -16.26 5.39 -38.49
C MET K 205 -14.93 5.85 -37.92
N VAL K 206 -14.93 7.07 -37.37
CA VAL K 206 -13.73 7.62 -36.74
C VAL K 206 -13.97 7.78 -35.24
N LEU K 207 -13.18 7.06 -34.45
CA LEU K 207 -13.32 7.06 -33.00
C LEU K 207 -12.08 7.62 -32.31
N LEU K 208 -12.26 8.70 -31.55
CA LEU K 208 -11.15 9.37 -30.87
C LEU K 208 -11.31 9.29 -29.36
N ILE K 209 -10.34 8.68 -28.69
CA ILE K 209 -10.36 8.56 -27.23
C ILE K 209 -9.31 9.47 -26.59
N ASP K 210 -9.76 10.28 -25.64
CA ASP K 210 -8.93 11.28 -24.95
C ASP K 210 -8.46 12.44 -25.83
N GLU K 211 -9.19 12.69 -26.92
CA GLU K 211 -8.89 13.82 -27.81
C GLU K 211 -9.45 15.12 -27.23
N ARG K 212 -8.64 16.19 -27.32
CA ARG K 212 -9.03 17.51 -26.81
C ARG K 212 -10.25 18.08 -27.54
N PRO K 213 -11.09 18.84 -26.81
CA PRO K 213 -12.35 19.37 -27.35
C PRO K 213 -12.27 19.97 -28.76
N GLU K 214 -11.33 20.88 -28.97
CA GLU K 214 -11.25 21.63 -30.24
C GLU K 214 -10.79 20.78 -31.42
N GLU K 215 -10.05 19.71 -31.14
CA GLU K 215 -9.54 18.81 -32.18
C GLU K 215 -10.63 17.84 -32.64
N VAL K 216 -11.59 17.57 -31.77
CA VAL K 216 -12.75 16.74 -32.09
C VAL K 216 -13.65 17.44 -33.11
N THR K 217 -13.78 18.76 -32.95
CA THR K 217 -14.59 19.59 -33.85
C THR K 217 -14.09 19.54 -35.29
N GLU K 218 -12.76 19.63 -35.47
CA GLU K 218 -12.14 19.56 -36.79
C GLU K 218 -12.46 18.23 -37.49
N MET K 219 -12.40 17.14 -36.72
CA MET K 219 -12.69 15.80 -37.25
C MET K 219 -14.16 15.66 -37.65
N GLN K 220 -15.05 16.28 -36.89
CA GLN K 220 -16.49 16.25 -37.17
C GLN K 220 -16.82 17.05 -38.44
N ARG K 221 -16.09 18.14 -38.67
CA ARG K 221 -16.32 19.02 -39.80
C ARG K 221 -15.33 18.76 -40.95
N LEU K 222 -15.07 17.47 -41.22
CA LEU K 222 -14.12 17.09 -42.26
C LEU K 222 -14.44 15.72 -42.85
N VAL K 223 -14.44 14.70 -41.98
CA VAL K 223 -14.62 13.32 -42.40
C VAL K 223 -16.06 13.03 -42.83
N LYS K 224 -16.20 12.45 -44.03
CA LYS K 224 -17.51 12.01 -44.51
C LYS K 224 -17.84 10.64 -43.94
N GLY K 225 -18.33 10.64 -42.71
CA GLY K 225 -18.66 9.40 -41.99
C GLY K 225 -19.01 9.66 -40.54
N GLU K 226 -19.17 8.58 -39.78
CA GLU K 226 -19.54 8.67 -38.38
C GLU K 226 -18.34 9.09 -37.54
N VAL K 227 -18.44 10.26 -36.92
CA VAL K 227 -17.38 10.76 -36.06
C VAL K 227 -17.80 10.71 -34.59
N VAL K 228 -17.23 9.76 -33.86
CA VAL K 228 -17.53 9.55 -32.45
C VAL K 228 -16.25 9.81 -31.65
N ALA K 229 -16.38 10.54 -30.54
CA ALA K 229 -15.22 10.89 -29.72
C ALA K 229 -15.58 11.25 -28.28
N SER K 230 -14.62 11.03 -27.37
CA SER K 230 -14.73 11.45 -25.99
C SER K 230 -13.53 12.29 -25.57
N THR K 231 -13.80 13.49 -25.06
CA THR K 231 -12.76 14.43 -24.65
C THR K 231 -12.05 13.97 -23.37
N PHE K 232 -10.84 14.47 -23.16
CA PHE K 232 -10.03 14.09 -21.99
C PHE K 232 -10.63 14.55 -20.66
N ASP K 233 -11.63 15.44 -20.73
CA ASP K 233 -12.32 15.91 -19.53
C ASP K 233 -13.45 14.97 -19.10
N GLU K 234 -13.66 13.91 -19.87
CA GLU K 234 -14.65 12.88 -19.56
C GLU K 234 -13.99 11.69 -18.85
N PRO K 235 -14.76 10.96 -18.03
CA PRO K 235 -14.21 9.84 -17.25
C PRO K 235 -13.68 8.70 -18.13
N ALA K 236 -12.93 7.79 -17.51
CA ALA K 236 -12.39 6.62 -18.20
C ALA K 236 -13.51 5.66 -18.61
N SER K 237 -14.58 5.64 -17.82
CA SER K 237 -15.76 4.83 -18.11
C SER K 237 -16.52 5.35 -19.33
N ARG K 238 -16.31 6.63 -19.65
CA ARG K 238 -16.93 7.26 -20.81
C ARG K 238 -16.22 6.84 -22.11
N HIS K 239 -14.89 6.73 -22.06
CA HIS K 239 -14.11 6.27 -23.21
C HIS K 239 -14.43 4.82 -23.56
N VAL K 240 -14.67 4.02 -22.52
CA VAL K 240 -15.10 2.63 -22.68
C VAL K 240 -16.47 2.58 -23.35
N GLN K 241 -17.38 3.46 -22.91
CA GLN K 241 -18.76 3.48 -23.40
C GLN K 241 -18.85 3.69 -24.92
N VAL K 242 -18.10 4.68 -25.43
CA VAL K 242 -18.10 4.97 -26.88
C VAL K 242 -17.44 3.85 -27.69
N ALA K 243 -16.25 3.43 -27.26
CA ALA K 243 -15.50 2.39 -27.94
C ALA K 243 -16.27 1.07 -27.96
N GLU K 244 -17.03 0.81 -26.90
CA GLU K 244 -17.87 -0.37 -26.82
C GLU K 244 -19.05 -0.30 -27.79
N MET K 245 -19.59 0.90 -27.96
CA MET K 245 -20.74 1.13 -28.84
C MET K 245 -20.34 1.14 -30.31
N VAL K 246 -19.15 1.64 -30.59
CA VAL K 246 -18.63 1.72 -31.96
C VAL K 246 -18.28 0.35 -32.51
N ILE K 247 -17.55 -0.45 -31.74
CA ILE K 247 -17.13 -1.79 -32.16
C ILE K 247 -18.32 -2.73 -32.38
N GLU K 248 -19.31 -2.65 -31.50
CA GLU K 248 -20.49 -3.50 -31.57
C GLU K 248 -21.39 -3.15 -32.75
N LYS K 249 -21.56 -1.85 -33.01
CA LYS K 249 -22.31 -1.38 -34.17
C LYS K 249 -21.62 -1.81 -35.46
N ALA K 250 -20.29 -1.66 -35.49
CA ALA K 250 -19.47 -2.13 -36.60
C ALA K 250 -19.62 -3.63 -36.78
N LYS K 251 -19.61 -4.37 -35.68
CA LYS K 251 -19.81 -5.82 -35.69
C LYS K 251 -21.17 -6.19 -36.27
N ARG K 252 -22.19 -5.39 -35.96
CA ARG K 252 -23.56 -5.64 -36.41
C ARG K 252 -23.76 -5.33 -37.89
N LEU K 253 -23.03 -4.33 -38.39
CA LEU K 253 -23.11 -3.95 -39.80
C LEU K 253 -22.32 -4.89 -40.70
N VAL K 254 -21.24 -5.46 -40.18
CA VAL K 254 -20.46 -6.46 -40.90
C VAL K 254 -21.25 -7.77 -41.00
N GLU K 255 -22.18 -7.97 -40.07
CA GLU K 255 -23.11 -9.10 -40.11
C GLU K 255 -24.03 -9.00 -41.33
N HIS K 256 -24.33 -7.77 -41.74
CA HIS K 256 -25.06 -7.51 -42.98
C HIS K 256 -24.13 -7.49 -44.19
N LYS K 257 -23.00 -8.19 -44.06
CA LYS K 257 -21.99 -8.36 -45.12
C LYS K 257 -21.42 -7.05 -45.67
N LYS K 258 -21.44 -6.01 -44.84
CA LYS K 258 -20.92 -4.69 -45.23
C LYS K 258 -19.45 -4.53 -44.82
N ASP K 259 -18.77 -3.58 -45.45
CA ASP K 259 -17.38 -3.26 -45.13
C ASP K 259 -17.31 -2.02 -44.23
N VAL K 260 -16.85 -2.23 -42.99
CA VAL K 260 -16.77 -1.15 -42.01
C VAL K 260 -15.31 -0.84 -41.66
N ILE K 261 -14.97 0.44 -41.63
CA ILE K 261 -13.62 0.90 -41.29
C ILE K 261 -13.64 1.75 -40.02
N ILE K 262 -12.79 1.38 -39.06
CA ILE K 262 -12.63 2.16 -37.83
C ILE K 262 -11.25 2.80 -37.77
N LEU K 263 -11.22 4.13 -37.70
CA LEU K 263 -9.98 4.87 -37.53
C LEU K 263 -9.86 5.35 -36.07
N LEU K 264 -9.09 4.62 -35.28
CA LEU K 264 -8.98 4.88 -33.85
C LEU K 264 -7.75 5.71 -33.50
N ASP K 265 -7.98 6.92 -33.03
CA ASP K 265 -6.90 7.76 -32.52
C ASP K 265 -6.67 7.45 -31.04
N SER K 266 -5.43 7.10 -30.71
CA SER K 266 -5.04 6.61 -29.37
C SER K 266 -5.69 5.28 -29.01
N ILE K 267 -4.95 4.21 -29.19
CA ILE K 267 -5.33 2.89 -28.70
C ILE K 267 -4.73 2.66 -27.31
N THR K 268 -3.65 3.38 -27.02
CA THR K 268 -2.98 3.31 -25.72
C THR K 268 -3.77 4.06 -24.64
N ARG K 269 -4.60 5.01 -25.07
CA ARG K 269 -5.47 5.76 -24.16
C ARG K 269 -6.82 5.06 -23.96
N LEU K 270 -7.13 4.13 -24.86
CA LEU K 270 -8.29 3.27 -24.70
C LEU K 270 -7.97 2.10 -23.76
N ALA K 271 -6.77 1.53 -23.95
CA ALA K 271 -6.28 0.48 -23.06
C ALA K 271 -6.02 1.02 -21.66
N ARG K 272 -5.73 2.31 -21.59
CA ARG K 272 -5.58 3.02 -20.31
C ARG K 272 -6.93 3.21 -19.63
N ALA K 273 -7.96 3.49 -20.43
CA ALA K 273 -9.32 3.67 -19.94
C ALA K 273 -9.93 2.36 -19.45
N TYR K 274 -9.57 1.27 -20.13
CA TYR K 274 -9.98 -0.08 -19.71
C TYR K 274 -9.21 -0.54 -18.48
N ASN K 275 -8.01 0.02 -18.28
CA ASN K 275 -7.14 -0.35 -17.17
C ASN K 275 -7.64 0.11 -15.81
N THR K 276 -8.16 1.33 -15.76
CA THR K 276 -8.60 1.94 -14.49
C THR K 276 -10.05 1.61 -14.14
N VAL K 277 -10.77 0.96 -15.05
CA VAL K 277 -12.18 0.64 -14.86
C VAL K 277 -12.39 -0.86 -14.53
N VAL K 278 -11.29 -1.60 -14.42
CA VAL K 278 -11.34 -3.03 -14.14
C VAL K 278 -10.59 -3.36 -12.83
N PRO K 279 -11.23 -4.11 -11.94
CA PRO K 279 -10.63 -4.51 -10.66
C PRO K 279 -9.41 -5.42 -10.79
N ALA K 280 -8.64 -5.54 -9.71
CA ALA K 280 -7.42 -6.36 -9.69
C ALA K 280 -7.73 -7.85 -9.54
N LEU K 285 0.37 -6.31 -11.87
CA LEU K 285 1.03 -5.01 -11.97
C LEU K 285 2.35 -5.13 -12.73
N THR K 286 2.54 -4.25 -13.70
CA THR K 286 3.76 -4.22 -14.50
C THR K 286 4.33 -2.79 -14.58
N GLY K 287 3.51 -1.86 -15.05
CA GLY K 287 3.88 -0.45 -15.11
C GLY K 287 2.68 0.44 -14.84
N GLY K 288 1.81 0.00 -13.92
CA GLY K 288 0.56 0.69 -13.63
C GLY K 288 -0.64 -0.02 -14.20
N VAL K 289 -0.39 -0.99 -15.07
CA VAL K 289 -1.45 -1.76 -15.73
C VAL K 289 -1.75 -3.06 -14.98
N ASP K 290 -3.03 -3.38 -14.85
CA ASP K 290 -3.47 -4.62 -14.21
C ASP K 290 -3.24 -5.79 -15.15
N ALA K 291 -3.08 -6.99 -14.58
CA ALA K 291 -2.71 -8.20 -15.33
C ALA K 291 -3.72 -8.55 -16.43
N ASN K 292 -5.00 -8.43 -16.11
CA ASN K 292 -6.08 -8.82 -17.03
C ASN K 292 -6.81 -7.63 -17.65
N ALA K 293 -6.26 -6.43 -17.46
CA ALA K 293 -6.89 -5.20 -17.93
C ALA K 293 -6.89 -5.06 -19.45
N LEU K 294 -5.83 -5.58 -20.07
CA LEU K 294 -5.63 -5.41 -21.52
C LEU K 294 -6.42 -6.41 -22.37
N HIS K 295 -7.29 -7.20 -21.73
CA HIS K 295 -8.11 -8.19 -22.44
C HIS K 295 -9.19 -7.55 -23.30
N ARG K 296 -9.89 -6.56 -22.75
CA ARG K 296 -10.98 -5.86 -23.44
C ARG K 296 -10.51 -5.03 -24.65
N PRO K 297 -9.41 -4.28 -24.51
CA PRO K 297 -8.82 -3.55 -25.65
C PRO K 297 -8.34 -4.48 -26.77
N LYS K 298 -7.73 -5.60 -26.39
CA LYS K 298 -7.31 -6.61 -27.35
C LYS K 298 -8.51 -7.25 -28.07
N ARG K 299 -9.63 -7.33 -27.37
CA ARG K 299 -10.90 -7.77 -27.95
C ARG K 299 -11.41 -6.76 -28.99
N PHE K 300 -11.36 -5.48 -28.62
CA PHE K 300 -11.75 -4.39 -29.52
C PHE K 300 -10.90 -4.43 -30.77
N PHE K 301 -9.58 -4.47 -30.58
CA PHE K 301 -8.61 -4.38 -31.68
C PHE K 301 -8.61 -5.64 -32.55
N GLY K 302 -8.61 -6.80 -31.91
CA GLY K 302 -8.58 -8.09 -32.61
C GLY K 302 -9.83 -8.39 -33.43
N ALA K 303 -10.89 -7.62 -33.20
CA ALA K 303 -12.16 -7.79 -33.90
C ALA K 303 -12.06 -7.45 -35.40
N ALA K 304 -10.99 -6.73 -35.77
CA ALA K 304 -10.73 -6.39 -37.16
C ALA K 304 -10.37 -7.63 -37.96
N ARG K 305 -11.22 -7.98 -38.92
CA ARG K 305 -11.05 -9.19 -39.71
C ARG K 305 -11.76 -9.09 -41.06
N ASN K 306 -11.21 -9.80 -42.04
CA ASN K 306 -11.93 -10.07 -43.28
C ASN K 306 -12.89 -11.22 -43.04
N VAL K 307 -14.11 -11.08 -43.53
CA VAL K 307 -15.12 -12.13 -43.36
C VAL K 307 -15.27 -12.90 -44.67
N GLU K 308 -15.03 -14.22 -44.59
CA GLU K 308 -15.14 -15.11 -45.74
C GLU K 308 -16.58 -15.16 -46.26
N GLU K 309 -17.53 -15.11 -45.33
CA GLU K 309 -18.96 -15.14 -45.66
C GLU K 309 -19.35 -13.90 -46.48
N GLY K 310 -18.73 -12.76 -46.16
CA GLY K 310 -19.00 -11.50 -46.84
C GLY K 310 -18.76 -10.30 -45.94
N GLY K 311 -18.19 -9.25 -46.52
CA GLY K 311 -17.88 -8.03 -45.78
C GLY K 311 -16.59 -8.12 -44.99
N SER K 312 -16.28 -7.06 -44.23
CA SER K 312 -15.07 -7.01 -43.42
C SER K 312 -15.09 -5.85 -42.42
N LEU K 313 -14.32 -6.00 -41.35
CA LEU K 313 -14.08 -4.90 -40.41
C LEU K 313 -12.59 -4.60 -40.35
N THR K 314 -12.22 -3.38 -40.70
CA THR K 314 -10.83 -2.93 -40.67
C THR K 314 -10.60 -1.82 -39.66
N ILE K 315 -9.65 -2.03 -38.76
CA ILE K 315 -9.32 -1.04 -37.73
C ILE K 315 -7.90 -0.51 -37.91
N ILE K 316 -7.78 0.80 -38.11
CA ILE K 316 -6.48 1.47 -38.13
C ILE K 316 -6.35 2.33 -36.87
N ALA K 317 -5.55 1.83 -35.92
CA ALA K 317 -5.40 2.49 -34.63
C ALA K 317 -3.97 2.99 -34.41
N THR K 318 -3.86 4.15 -33.79
CA THR K 318 -2.55 4.74 -33.49
C THR K 318 -2.08 4.37 -32.09
N ALA K 319 -0.84 3.88 -32.01
CA ALA K 319 -0.22 3.57 -30.73
C ALA K 319 0.83 4.64 -30.39
N LEU K 320 0.67 5.26 -29.23
CA LEU K 320 1.57 6.33 -28.81
C LEU K 320 2.88 5.79 -28.25
N ILE K 321 3.98 6.38 -28.69
CA ILE K 321 5.32 6.01 -28.23
C ILE K 321 6.16 7.27 -28.01
N ASP K 322 7.34 7.11 -27.39
CA ASP K 322 8.21 8.23 -27.02
C ASP K 322 7.46 9.28 -26.19
N THR K 323 6.71 8.81 -25.20
CA THR K 323 5.87 9.64 -24.37
C THR K 323 6.55 9.96 -23.04
N GLY K 324 7.23 8.95 -22.48
CA GLY K 324 7.86 9.09 -21.17
C GLY K 324 7.04 8.42 -20.08
N SER K 325 5.96 7.76 -20.49
CA SER K 325 5.10 7.02 -19.57
C SER K 325 5.33 5.53 -19.72
N LYS K 326 5.63 4.86 -18.61
CA LYS K 326 5.85 3.41 -18.59
C LYS K 326 4.55 2.65 -18.89
N MET K 327 3.41 3.28 -18.61
CA MET K 327 2.11 2.71 -18.93
C MET K 327 1.87 2.71 -20.44
N ASP K 328 2.28 3.78 -21.12
CA ASP K 328 2.21 3.85 -22.57
C ASP K 328 3.22 2.93 -23.23
N GLU K 329 4.34 2.70 -22.54
CA GLU K 329 5.39 1.80 -23.01
C GLU K 329 4.94 0.35 -22.91
N VAL K 330 4.30 0.02 -21.80
CA VAL K 330 3.85 -1.36 -21.53
C VAL K 330 2.65 -1.78 -22.39
N ILE K 331 1.83 -0.79 -22.80
CA ILE K 331 0.69 -1.06 -23.67
C ILE K 331 1.15 -1.34 -25.11
N TYR K 332 2.13 -0.57 -25.58
CA TYR K 332 2.69 -0.77 -26.91
C TYR K 332 3.31 -2.17 -27.06
N GLU K 333 4.06 -2.59 -26.05
CA GLU K 333 4.70 -3.91 -26.04
C GLU K 333 3.69 -5.05 -26.16
N GLU K 334 2.48 -4.82 -25.67
CA GLU K 334 1.42 -5.83 -25.68
C GLU K 334 0.62 -5.86 -26.99
N PHE K 335 0.51 -4.71 -27.65
CA PHE K 335 -0.20 -4.62 -28.93
C PHE K 335 0.75 -4.69 -30.13
N LYS K 336 2.05 -4.80 -29.84
CA LYS K 336 3.06 -4.92 -30.89
C LYS K 336 3.00 -6.31 -31.53
N GLY K 337 2.77 -6.33 -32.84
CA GLY K 337 2.74 -7.56 -33.61
C GLY K 337 1.38 -8.19 -33.76
N THR K 338 0.42 -7.73 -32.96
CA THR K 338 -0.96 -8.23 -33.01
C THR K 338 -1.66 -7.84 -34.31
N GLY K 339 -1.13 -6.81 -34.96
CA GLY K 339 -1.67 -6.36 -36.25
C GLY K 339 -1.00 -7.04 -37.42
N ASN K 340 -1.46 -6.69 -38.63
CA ASN K 340 -0.88 -7.22 -39.87
C ASN K 340 -0.11 -6.14 -40.61
N MET K 341 -0.69 -4.94 -40.65
CA MET K 341 -0.03 -3.76 -41.20
C MET K 341 0.36 -2.83 -40.06
N GLU K 342 1.61 -2.36 -40.08
CA GLU K 342 2.06 -1.37 -39.10
C GLU K 342 2.82 -0.23 -39.77
N LEU K 343 2.34 0.99 -39.53
CA LEU K 343 2.98 2.19 -40.04
C LEU K 343 3.69 2.93 -38.92
N HIS K 344 4.94 3.32 -39.16
CA HIS K 344 5.72 4.04 -38.17
C HIS K 344 5.90 5.50 -38.55
N LEU K 345 5.86 6.37 -37.55
CA LEU K 345 6.15 7.78 -37.72
C LEU K 345 7.30 8.17 -36.80
N SER K 346 8.33 8.78 -37.36
CA SER K 346 9.51 9.14 -36.59
C SER K 346 9.42 10.58 -36.06
N ARG K 347 9.91 10.76 -34.84
CA ARG K 347 9.96 12.07 -34.21
C ARG K 347 11.15 12.86 -34.75
N LYS K 348 12.10 12.15 -35.35
CA LYS K 348 13.30 12.75 -35.93
C LYS K 348 13.03 13.41 -37.28
N ILE K 349 12.27 12.72 -38.13
CA ILE K 349 11.88 13.25 -39.44
C ILE K 349 10.81 14.35 -39.32
N ALA K 350 10.14 14.39 -38.17
CA ALA K 350 9.14 15.41 -37.87
C ALA K 350 9.79 16.75 -37.50
N GLU K 351 11.06 16.72 -37.11
CA GLU K 351 11.81 17.92 -36.73
C GLU K 351 11.95 18.91 -37.89
N LYS K 352 12.65 18.48 -38.94
CA LYS K 352 12.72 19.24 -40.18
C LYS K 352 11.34 19.17 -40.84
N ARG K 353 10.91 20.30 -41.43
CA ARG K 353 9.56 20.42 -41.98
C ARG K 353 9.29 19.44 -43.12
N VAL K 354 9.31 18.16 -42.79
CA VAL K 354 9.11 17.09 -43.76
C VAL K 354 7.82 16.34 -43.45
N PHE K 355 6.95 16.24 -44.44
CA PHE K 355 5.68 15.52 -44.29
C PHE K 355 5.36 14.67 -45.51
N PRO K 356 4.90 13.44 -45.30
CA PRO K 356 4.70 12.88 -43.96
C PRO K 356 6.00 12.39 -43.32
N ALA K 357 5.88 11.85 -42.10
CA ALA K 357 7.01 11.33 -41.35
C ALA K 357 7.16 9.82 -41.54
N ILE K 358 6.22 9.23 -42.28
CA ILE K 358 6.19 7.78 -42.49
C ILE K 358 7.60 7.20 -42.54
N ASP K 359 7.93 6.40 -41.53
CA ASP K 359 9.21 5.70 -41.48
C ASP K 359 9.15 4.52 -42.46
N TYR K 360 9.44 4.80 -43.73
CA TYR K 360 9.36 3.82 -44.81
C TYR K 360 10.14 2.55 -44.49
N ASN K 361 11.31 2.71 -43.87
CA ASN K 361 12.19 1.60 -43.54
C ASN K 361 11.63 0.68 -42.45
N ARG K 362 10.82 1.25 -41.55
CA ARG K 362 10.24 0.48 -40.44
C ARG K 362 8.81 0.00 -40.72
N SER K 363 8.10 0.73 -41.57
CA SER K 363 6.72 0.40 -41.91
C SER K 363 6.63 -0.80 -42.87
N GLY K 364 5.45 -1.40 -42.96
CA GLY K 364 5.22 -2.56 -43.83
C GLY K 364 4.04 -3.41 -43.37
N THR K 365 3.63 -4.34 -44.24
CA THR K 365 2.51 -5.24 -43.93
C THR K 365 2.91 -6.72 -44.04
N ARG K 366 2.19 -7.56 -43.29
CA ARG K 366 2.30 -9.01 -43.42
C ARG K 366 1.46 -9.46 -44.61
N LYS K 367 1.92 -10.53 -45.27
CA LYS K 367 1.24 -11.08 -46.45
C LYS K 367 0.85 -10.00 -47.46
N GLU K 368 1.87 -9.40 -48.08
CA GLU K 368 1.69 -8.28 -49.01
C GLU K 368 1.44 -8.76 -50.44
N GLU K 369 1.64 -10.06 -50.66
CA GLU K 369 1.54 -10.68 -51.98
C GLU K 369 0.10 -10.68 -52.49
N LEU K 370 -0.85 -10.79 -51.58
CA LEU K 370 -2.26 -10.88 -51.93
C LEU K 370 -2.89 -9.49 -52.13
N LEU K 371 -2.24 -8.47 -51.57
CA LEU K 371 -2.73 -7.09 -51.68
C LEU K 371 -2.34 -6.42 -52.99
N THR K 372 -1.18 -6.79 -53.53
CA THR K 372 -0.66 -6.19 -54.77
C THR K 372 -0.49 -7.23 -55.88
N THR K 373 -0.47 -6.75 -57.12
CA THR K 373 -0.20 -7.62 -58.27
C THR K 373 1.29 -8.02 -58.30
N GLN K 374 1.58 -9.11 -59.00
CA GLN K 374 2.96 -9.60 -59.15
C GLN K 374 3.90 -8.56 -59.74
N GLU K 375 3.34 -7.66 -60.55
CA GLU K 375 4.10 -6.56 -61.14
C GLU K 375 4.31 -5.41 -60.15
N GLU K 376 3.31 -5.16 -59.31
CA GLU K 376 3.40 -4.09 -58.32
C GLU K 376 4.33 -4.46 -57.17
N LEU K 377 4.34 -5.75 -56.81
CA LEU K 377 5.16 -6.25 -55.71
C LEU K 377 6.65 -6.26 -56.06
N GLN K 378 6.99 -6.67 -57.29
CA GLN K 378 8.38 -6.62 -57.77
C GLN K 378 8.84 -5.18 -57.97
N LYS K 379 7.89 -4.32 -58.31
CA LYS K 379 8.13 -2.88 -58.43
C LYS K 379 8.41 -2.27 -57.06
N MET K 380 7.59 -2.64 -56.07
CA MET K 380 7.73 -2.16 -54.70
C MET K 380 9.03 -2.63 -54.06
N TRP K 381 9.43 -3.86 -54.35
CA TRP K 381 10.64 -4.45 -53.77
C TRP K 381 11.92 -3.68 -54.14
N ILE K 382 11.99 -3.20 -55.38
CA ILE K 382 13.14 -2.43 -55.86
C ILE K 382 13.24 -1.08 -55.14
N LEU K 383 12.09 -0.40 -55.02
CA LEU K 383 12.02 0.86 -54.28
C LEU K 383 12.24 0.62 -52.79
N ARG K 384 11.90 -0.58 -52.33
CA ARG K 384 12.11 -0.98 -50.94
C ARG K 384 13.47 -1.67 -50.77
N LYS K 385 14.40 -1.35 -51.66
CA LYS K 385 15.76 -1.91 -51.63
C LYS K 385 16.80 -0.81 -51.78
N ILE K 386 16.42 0.28 -52.44
CA ILE K 386 17.32 1.43 -52.64
C ILE K 386 17.20 2.47 -51.52
N ILE K 387 16.47 2.12 -50.45
CA ILE K 387 16.27 3.00 -49.31
C ILE K 387 16.83 2.38 -48.01
N HIS K 388 17.08 1.07 -48.03
CA HIS K 388 17.63 0.34 -46.88
C HIS K 388 18.90 0.98 -46.28
N PRO K 389 19.92 1.28 -47.09
CA PRO K 389 21.15 1.89 -46.58
C PRO K 389 21.00 3.37 -46.24
N MET K 390 19.97 4.03 -46.77
CA MET K 390 19.76 5.47 -46.57
C MET K 390 19.51 5.83 -45.11
N GLY K 391 19.83 7.07 -44.75
CA GLY K 391 19.63 7.57 -43.39
C GLY K 391 18.18 7.72 -43.01
N GLU K 392 17.93 8.14 -41.76
CA GLU K 392 16.56 8.25 -41.25
C GLU K 392 15.80 9.41 -41.87
N ILE K 393 16.43 10.59 -41.92
CA ILE K 393 15.82 11.80 -42.47
C ILE K 393 15.86 11.80 -44.00
N ASP K 394 16.97 11.32 -44.56
CA ASP K 394 17.18 11.31 -46.01
C ASP K 394 16.26 10.33 -46.75
N ALA K 395 15.77 9.32 -46.03
CA ALA K 395 14.90 8.29 -46.61
C ALA K 395 13.57 8.87 -47.10
N MET K 396 13.06 9.87 -46.38
CA MET K 396 11.79 10.51 -46.74
C MET K 396 11.94 11.64 -47.74
N GLU K 397 13.05 12.39 -47.63
CA GLU K 397 13.35 13.49 -48.55
C GLU K 397 13.49 13.00 -50.00
N PHE K 398 13.94 11.77 -50.15
CA PHE K 398 14.07 11.12 -51.45
C PHE K 398 12.70 10.83 -52.08
N LEU K 399 11.82 10.21 -51.30
CA LEU K 399 10.49 9.81 -51.77
C LEU K 399 9.64 10.98 -52.25
N ILE K 400 9.66 12.09 -51.50
CA ILE K 400 8.87 13.28 -51.83
C ILE K 400 9.32 13.92 -53.14
N ASN K 401 10.61 14.22 -53.25
CA ASN K 401 11.16 14.85 -54.45
C ASN K 401 11.37 13.87 -55.61
N LYS K 402 10.67 12.74 -55.55
CA LYS K 402 10.55 11.84 -56.68
C LYS K 402 9.08 11.73 -57.07
N LEU K 403 8.20 11.81 -56.07
CA LEU K 403 6.75 11.71 -56.26
C LEU K 403 6.09 13.05 -56.63
N ALA K 404 6.68 14.16 -56.17
CA ALA K 404 6.11 15.49 -56.37
C ALA K 404 6.14 15.96 -57.82
N MET K 405 6.86 15.21 -58.66
CA MET K 405 6.97 15.52 -60.08
C MET K 405 6.31 14.45 -60.97
N THR K 406 5.66 13.47 -60.34
CA THR K 406 5.08 12.31 -61.04
C THR K 406 3.73 11.86 -60.47
N LYS K 407 3.10 10.89 -61.15
CA LYS K 407 1.80 10.34 -60.73
C LYS K 407 1.95 8.93 -60.15
N THR K 408 0.89 8.44 -59.49
CA THR K 408 0.84 7.06 -58.99
C THR K 408 1.11 6.08 -60.12
N ASN K 409 2.04 5.15 -59.89
CA ASN K 409 2.50 4.17 -60.90
C ASN K 409 3.62 4.70 -61.80
N ASP K 410 3.52 5.98 -62.17
CA ASP K 410 4.42 6.59 -63.15
C ASP K 410 5.74 7.08 -62.53
N ASP K 411 5.80 7.08 -61.21
CA ASP K 411 7.02 7.48 -60.49
C ASP K 411 8.01 6.32 -60.37
N PHE K 412 7.76 5.27 -61.14
CA PHE K 412 8.63 4.12 -61.13
C PHE K 412 9.19 3.86 -62.52
N PHE K 413 8.29 3.89 -63.50
CA PHE K 413 8.64 3.62 -64.89
C PHE K 413 9.45 4.77 -65.51
N GLU K 414 9.41 5.94 -64.87
CA GLU K 414 10.19 7.10 -65.30
C GLU K 414 11.56 7.12 -64.64
N MET K 415 11.64 6.58 -63.43
CA MET K 415 12.90 6.55 -62.67
C MET K 415 13.51 5.15 -62.57
N MET K 416 13.07 4.24 -63.45
CA MET K 416 13.61 2.89 -63.51
C MET K 416 14.55 2.74 -64.71
N LYS K 417 14.12 3.28 -65.86
CA LYS K 417 14.92 3.25 -67.08
C LYS K 417 15.34 4.66 -67.50
N MET L 1 -28.61 -38.74 -34.32
CA MET L 1 -27.67 -37.73 -34.88
C MET L 1 -26.43 -37.60 -34.02
N ASN L 2 -25.25 -37.69 -34.65
CA ASN L 2 -23.99 -37.49 -33.95
C ASN L 2 -23.66 -36.02 -33.75
N LEU L 3 -23.22 -35.68 -32.54
CA LEU L 3 -22.92 -34.29 -32.18
C LEU L 3 -21.70 -33.74 -32.91
N THR L 4 -20.83 -34.65 -33.35
CA THR L 4 -19.62 -34.29 -34.11
C THR L 4 -19.96 -33.68 -35.47
N GLU L 5 -20.93 -34.29 -36.16
CA GLU L 5 -21.39 -33.80 -37.46
C GLU L 5 -22.07 -32.44 -37.32
N LEU L 6 -22.83 -32.28 -36.24
CA LEU L 6 -23.47 -31.01 -35.91
C LEU L 6 -22.42 -29.91 -35.69
N LYS L 7 -21.35 -30.26 -34.99
CA LYS L 7 -20.25 -29.32 -34.73
C LYS L 7 -19.45 -29.00 -36.00
N ASN L 8 -19.35 -29.97 -36.89
CA ASN L 8 -18.57 -29.83 -38.12
C ASN L 8 -19.32 -29.18 -39.28
N THR L 9 -20.65 -29.17 -39.21
CA THR L 9 -21.47 -28.46 -40.20
C THR L 9 -21.41 -26.96 -39.97
N PRO L 10 -21.08 -26.20 -41.02
CA PRO L 10 -20.96 -24.75 -40.95
C PRO L 10 -22.24 -24.06 -40.45
N VAL L 11 -22.09 -22.87 -39.87
CA VAL L 11 -23.17 -22.16 -39.20
C VAL L 11 -24.44 -22.03 -40.06
N SER L 12 -24.28 -21.47 -41.26
CA SER L 12 -25.40 -21.23 -42.17
C SER L 12 -26.07 -22.53 -42.62
N GLU L 13 -25.26 -23.56 -42.82
CA GLU L 13 -25.75 -24.88 -43.20
C GLU L 13 -26.40 -25.61 -42.02
N LEU L 14 -26.14 -25.10 -40.81
CA LEU L 14 -26.68 -25.68 -39.58
C LEU L 14 -28.00 -25.01 -39.18
N ILE L 15 -28.09 -23.70 -39.36
CA ILE L 15 -29.28 -22.92 -38.97
C ILE L 15 -30.56 -23.48 -39.60
N THR L 16 -30.49 -23.82 -40.89
CA THR L 16 -31.62 -24.40 -41.61
C THR L 16 -31.96 -25.81 -41.12
N LEU L 17 -30.94 -26.53 -40.65
CA LEU L 17 -31.12 -27.88 -40.12
C LEU L 17 -31.89 -27.88 -38.80
N GLY L 18 -31.89 -26.74 -38.12
CA GLY L 18 -32.62 -26.57 -36.87
C GLY L 18 -34.02 -26.00 -37.06
N GLU L 19 -34.26 -25.44 -38.25
CA GLU L 19 -35.57 -24.86 -38.57
C GLU L 19 -36.59 -25.97 -38.88
N ASN L 20 -36.09 -27.09 -39.37
CA ASN L 20 -36.92 -28.27 -39.66
C ASN L 20 -37.38 -28.99 -38.39
N MET L 21 -36.60 -28.85 -37.32
CA MET L 21 -36.87 -29.51 -36.03
C MET L 21 -38.15 -29.01 -35.36
N GLY L 22 -38.64 -27.86 -35.82
CA GLY L 22 -39.80 -27.20 -35.21
C GLY L 22 -39.37 -26.13 -34.24
N LEU L 23 -38.05 -25.94 -34.13
CA LEU L 23 -37.48 -24.95 -33.22
C LEU L 23 -37.67 -23.53 -33.76
N GLU L 24 -37.71 -22.56 -32.84
CA GLU L 24 -37.85 -21.15 -33.17
C GLU L 24 -36.62 -20.57 -33.88
N ASN L 25 -36.57 -19.24 -33.98
CA ASN L 25 -35.47 -18.56 -34.65
C ASN L 25 -34.17 -18.54 -33.84
N LEU L 26 -33.14 -19.18 -34.39
CA LEU L 26 -31.80 -19.19 -33.77
C LEU L 26 -30.76 -18.51 -34.67
N ALA L 27 -31.14 -17.38 -35.25
CA ALA L 27 -30.30 -16.68 -36.22
C ALA L 27 -29.07 -16.02 -35.58
N ARG L 28 -29.26 -15.44 -34.38
CA ARG L 28 -28.21 -14.65 -33.73
C ARG L 28 -27.75 -15.26 -32.41
N MET L 29 -27.31 -16.51 -32.47
CA MET L 29 -26.75 -17.19 -31.30
C MET L 29 -25.34 -17.71 -31.61
N ARG L 30 -24.59 -18.06 -30.56
CA ARG L 30 -23.28 -18.68 -30.70
C ARG L 30 -23.43 -20.07 -31.30
N LYS L 31 -22.53 -20.43 -32.21
CA LYS L 31 -22.56 -21.75 -32.87
C LYS L 31 -22.64 -22.88 -31.85
N GLN L 32 -22.01 -22.67 -30.69
CA GLN L 32 -22.04 -23.62 -29.58
C GLN L 32 -23.43 -23.66 -28.94
N ASP L 33 -24.06 -22.49 -28.79
CA ASP L 33 -25.40 -22.37 -28.22
C ASP L 33 -26.48 -22.85 -29.19
N ILE L 34 -26.13 -22.93 -30.48
CA ILE L 34 -27.05 -23.45 -31.50
C ILE L 34 -27.25 -24.95 -31.31
N ILE L 35 -26.14 -25.68 -31.20
CA ILE L 35 -26.14 -27.14 -31.02
C ILE L 35 -26.91 -27.55 -29.75
N PHE L 36 -26.81 -26.73 -28.71
CA PHE L 36 -27.56 -26.93 -27.48
C PHE L 36 -29.07 -26.89 -27.74
N ALA L 37 -29.49 -26.08 -28.71
CA ALA L 37 -30.89 -25.96 -29.10
C ALA L 37 -31.33 -27.09 -30.03
N ILE L 38 -30.43 -27.52 -30.93
CA ILE L 38 -30.70 -28.64 -31.84
C ILE L 38 -30.90 -29.94 -31.04
N LEU L 39 -30.16 -30.04 -29.93
CA LEU L 39 -30.26 -31.17 -29.02
C LEU L 39 -31.54 -31.13 -28.17
N LYS L 40 -32.18 -29.96 -28.12
CA LYS L 40 -33.43 -29.78 -27.36
C LYS L 40 -34.63 -30.47 -28.04
N GLN L 41 -34.84 -30.16 -29.31
CA GLN L 41 -35.96 -30.73 -30.06
C GLN L 41 -35.72 -32.20 -30.45
N HIS L 42 -34.46 -32.64 -30.33
CA HIS L 42 -34.11 -34.02 -30.61
C HIS L 42 -34.32 -34.92 -29.38
N ALA L 43 -34.67 -34.30 -28.26
CA ALA L 43 -34.99 -35.04 -27.03
C ALA L 43 -36.33 -35.77 -27.13
N LYS L 44 -37.14 -35.37 -28.11
CA LYS L 44 -38.41 -36.04 -28.40
C LYS L 44 -38.23 -37.13 -29.46
N SER L 45 -37.82 -36.71 -30.65
CA SER L 45 -37.60 -37.63 -31.77
C SER L 45 -36.28 -38.39 -31.57
N GLY L 46 -36.37 -39.56 -30.94
CA GLY L 46 -35.19 -40.36 -30.63
C GLY L 46 -34.62 -40.04 -29.25
N GLU L 47 -33.83 -40.96 -28.72
CA GLU L 47 -33.20 -40.78 -27.41
C GLU L 47 -31.70 -41.13 -27.44
N ASP L 48 -31.23 -41.57 -28.61
CA ASP L 48 -29.82 -41.95 -28.78
C ASP L 48 -29.06 -40.90 -29.60
N ILE L 49 -28.05 -40.30 -28.98
CA ILE L 49 -27.25 -39.25 -29.61
C ILE L 49 -25.76 -39.52 -29.39
N PHE L 50 -25.00 -39.60 -30.48
CA PHE L 50 -23.55 -39.82 -30.40
C PHE L 50 -22.82 -38.60 -29.87
N GLY L 51 -21.67 -38.82 -29.25
CA GLY L 51 -20.83 -37.74 -28.74
C GLY L 51 -19.37 -38.10 -28.69
N ASP L 52 -18.52 -37.10 -28.44
CA ASP L 52 -17.08 -37.28 -28.32
C ASP L 52 -16.43 -36.10 -27.59
N GLY L 53 -15.11 -36.01 -27.67
CA GLY L 53 -14.38 -34.88 -27.09
C GLY L 53 -13.38 -35.26 -26.01
N VAL L 54 -12.44 -34.36 -25.74
CA VAL L 54 -11.42 -34.56 -24.72
C VAL L 54 -11.94 -34.14 -23.35
N LEU L 55 -11.66 -34.95 -22.34
CA LEU L 55 -12.14 -34.71 -20.97
C LEU L 55 -11.22 -33.77 -20.19
N GLU L 56 -11.82 -32.90 -19.39
CA GLU L 56 -11.08 -32.00 -18.51
C GLU L 56 -11.66 -32.02 -17.09
N ILE L 57 -10.89 -32.53 -16.14
CA ILE L 57 -11.29 -32.54 -14.73
C ILE L 57 -11.12 -31.14 -14.12
N LEU L 58 -12.16 -30.68 -13.45
CA LEU L 58 -12.17 -29.34 -12.86
C LEU L 58 -11.92 -29.38 -11.35
N GLN L 59 -11.66 -28.21 -10.75
CA GLN L 59 -11.30 -28.08 -9.34
C GLN L 59 -12.26 -28.80 -8.38
N ASP L 60 -13.55 -28.70 -8.66
CA ASP L 60 -14.59 -29.29 -7.80
C ASP L 60 -14.45 -30.81 -7.67
N GLY L 61 -14.42 -31.50 -8.81
CA GLY L 61 -14.26 -32.95 -8.82
C GLY L 61 -14.77 -33.64 -10.08
N PHE L 62 -15.58 -32.93 -10.86
CA PHE L 62 -16.14 -33.47 -12.10
C PHE L 62 -15.41 -32.99 -13.35
N GLY L 63 -15.93 -33.36 -14.52
CA GLY L 63 -15.33 -32.98 -15.80
C GLY L 63 -16.34 -32.79 -16.92
N PHE L 64 -15.90 -32.11 -17.97
CA PHE L 64 -16.71 -31.90 -19.17
C PHE L 64 -16.01 -32.45 -20.40
N LEU L 65 -16.79 -32.75 -21.44
CA LEU L 65 -16.23 -33.19 -22.72
C LEU L 65 -16.04 -31.99 -23.65
N ARG L 66 -14.82 -31.44 -23.64
CA ARG L 66 -14.50 -30.25 -24.40
C ARG L 66 -14.33 -30.56 -25.89
N SER L 67 -14.75 -29.62 -26.73
CA SER L 67 -14.66 -29.78 -28.18
C SER L 67 -13.32 -29.27 -28.73
N ALA L 68 -12.63 -30.13 -29.45
CA ALA L 68 -11.37 -29.78 -30.11
C ALA L 68 -11.61 -28.86 -31.30
N ASP L 69 -12.82 -28.92 -31.85
CA ASP L 69 -13.24 -28.05 -32.96
C ASP L 69 -13.22 -26.57 -32.57
N SER L 70 -13.68 -26.28 -31.35
CA SER L 70 -13.69 -24.91 -30.83
C SER L 70 -12.50 -24.63 -29.93
N SER L 71 -11.44 -25.44 -30.08
CA SER L 71 -10.20 -25.31 -29.31
C SER L 71 -10.40 -25.38 -27.79
N TYR L 72 -11.30 -26.28 -27.37
CA TYR L 72 -11.59 -26.54 -25.95
C TYR L 72 -12.14 -25.34 -25.18
N LEU L 73 -12.92 -24.51 -25.88
CA LEU L 73 -13.61 -23.38 -25.25
C LEU L 73 -14.79 -23.90 -24.43
N ALA L 74 -14.93 -23.38 -23.22
CA ALA L 74 -16.02 -23.77 -22.32
C ALA L 74 -17.37 -23.36 -22.90
N GLY L 75 -18.14 -24.35 -23.34
CA GLY L 75 -19.45 -24.10 -23.96
C GLY L 75 -20.57 -24.93 -23.35
N PRO L 76 -21.81 -24.56 -23.65
CA PRO L 76 -22.98 -25.28 -23.14
C PRO L 76 -23.25 -26.60 -23.88
N ASP L 77 -22.75 -26.72 -25.11
CA ASP L 77 -22.95 -27.94 -25.89
C ASP L 77 -22.01 -29.06 -25.45
N ASP L 78 -21.26 -28.82 -24.39
CA ASP L 78 -20.36 -29.82 -23.81
C ASP L 78 -21.13 -30.88 -23.03
N ILE L 79 -20.47 -32.00 -22.77
CA ILE L 79 -21.11 -33.13 -22.08
C ILE L 79 -20.55 -33.29 -20.66
N TYR L 80 -21.44 -33.24 -19.68
CA TYR L 80 -21.07 -33.33 -18.26
C TYR L 80 -20.75 -34.76 -17.85
N VAL L 81 -19.61 -34.92 -17.17
CA VAL L 81 -19.18 -36.21 -16.64
C VAL L 81 -19.05 -36.12 -15.11
N SER L 82 -19.95 -36.82 -14.41
CA SER L 82 -20.01 -36.79 -12.94
C SER L 82 -18.80 -37.48 -12.30
N PRO L 83 -18.46 -37.09 -11.07
CA PRO L 83 -17.32 -37.69 -10.35
C PRO L 83 -17.44 -39.20 -10.18
N SER L 84 -18.66 -39.72 -10.29
CA SER L 84 -18.92 -41.16 -10.25
C SER L 84 -18.38 -41.86 -11.50
N GLN L 85 -18.51 -41.20 -12.65
CA GLN L 85 -18.04 -41.73 -13.92
C GLN L 85 -16.52 -41.63 -14.07
N ILE L 86 -15.92 -40.68 -13.35
CA ILE L 86 -14.47 -40.47 -13.38
C ILE L 86 -13.71 -41.66 -12.78
N ARG L 87 -14.09 -42.05 -11.57
CA ARG L 87 -13.46 -43.18 -10.88
C ARG L 87 -13.95 -44.53 -11.39
N ARG L 88 -15.02 -44.52 -12.18
CA ARG L 88 -15.60 -45.72 -12.76
C ARG L 88 -14.72 -46.31 -13.86
N PHE L 89 -14.00 -45.43 -14.56
CA PHE L 89 -13.12 -45.84 -15.66
C PHE L 89 -11.68 -45.39 -15.40
N ASN L 90 -11.43 -44.84 -14.22
CA ASN L 90 -10.14 -44.26 -13.84
C ASN L 90 -9.68 -43.20 -14.86
N LEU L 91 -10.62 -42.34 -15.26
CA LEU L 91 -10.41 -41.34 -16.30
C LEU L 91 -9.47 -40.23 -15.86
N ARG L 92 -8.63 -39.77 -16.79
CA ARG L 92 -7.68 -38.70 -16.54
C ARG L 92 -8.02 -37.48 -17.39
N THR L 93 -7.59 -36.30 -16.93
CA THR L 93 -7.87 -35.05 -17.62
C THR L 93 -7.03 -34.89 -18.90
N GLY L 94 -7.41 -35.63 -19.94
CA GLY L 94 -6.70 -35.61 -21.22
C GLY L 94 -7.20 -36.68 -22.18
N ASP L 95 -7.98 -37.62 -21.67
CA ASP L 95 -8.52 -38.71 -22.47
C ASP L 95 -9.68 -38.26 -23.36
N THR L 96 -9.83 -38.92 -24.51
CA THR L 96 -10.93 -38.67 -25.42
C THR L 96 -11.87 -39.88 -25.49
N ILE L 97 -13.15 -39.64 -25.21
CA ILE L 97 -14.15 -40.71 -25.12
C ILE L 97 -15.39 -40.45 -25.97
N SER L 98 -16.05 -41.53 -26.38
CA SER L 98 -17.26 -41.45 -27.22
C SER L 98 -18.42 -42.22 -26.58
N GLY L 99 -19.65 -41.91 -27.02
CA GLY L 99 -20.84 -42.64 -26.56
C GLY L 99 -22.16 -41.89 -26.64
N LYS L 100 -23.15 -42.40 -25.91
CA LYS L 100 -24.51 -41.83 -25.93
C LYS L 100 -24.67 -40.66 -24.96
N ILE L 101 -25.52 -39.70 -25.35
CA ILE L 101 -25.76 -38.50 -24.54
C ILE L 101 -27.24 -38.37 -24.17
N ARG L 102 -27.51 -37.80 -23.00
CA ARG L 102 -28.89 -37.58 -22.51
C ARG L 102 -29.12 -36.14 -22.04
N PRO L 103 -30.35 -35.64 -22.21
CA PRO L 103 -30.72 -34.28 -21.78
C PRO L 103 -30.69 -34.10 -20.25
N PRO L 104 -30.48 -32.86 -19.80
CA PRO L 104 -30.44 -32.55 -18.37
C PRO L 104 -31.82 -32.56 -17.72
N LYS L 105 -31.85 -32.72 -16.39
CA LYS L 105 -33.09 -32.67 -15.61
C LYS L 105 -33.31 -31.28 -15.02
N GLU L 106 -34.07 -31.21 -13.93
CA GLU L 106 -34.35 -29.96 -13.24
C GLU L 106 -33.16 -29.58 -12.35
N GLY L 107 -32.65 -28.36 -12.55
CA GLY L 107 -31.43 -27.91 -11.87
C GLY L 107 -30.20 -28.18 -12.72
N GLU L 108 -30.21 -29.31 -13.42
CA GLU L 108 -29.14 -29.67 -14.36
C GLU L 108 -29.25 -28.80 -15.61
N ARG L 109 -28.10 -28.38 -16.13
CA ARG L 109 -28.07 -27.49 -17.29
C ARG L 109 -27.42 -28.13 -18.52
N TYR L 110 -26.33 -28.86 -18.31
CA TYR L 110 -25.58 -29.48 -19.41
C TYR L 110 -26.02 -30.91 -19.67
N PHE L 111 -25.84 -31.35 -20.92
CA PHE L 111 -26.12 -32.72 -21.32
C PHE L 111 -25.15 -33.69 -20.64
N ALA L 112 -25.63 -34.89 -20.33
CA ALA L 112 -24.85 -35.86 -19.57
C ALA L 112 -24.47 -37.10 -20.38
N LEU L 113 -23.33 -37.69 -20.03
CA LEU L 113 -22.84 -38.90 -20.68
C LEU L 113 -23.60 -40.13 -20.17
N LEU L 114 -24.08 -40.95 -21.11
CA LEU L 114 -24.86 -42.14 -20.78
C LEU L 114 -24.01 -43.41 -20.85
N LYS L 115 -23.48 -43.71 -22.03
CA LYS L 115 -22.68 -44.91 -22.25
C LYS L 115 -21.27 -44.57 -22.74
N VAL L 116 -20.28 -45.29 -22.23
CA VAL L 116 -18.90 -45.13 -22.67
C VAL L 116 -18.52 -46.26 -23.63
N ASN L 117 -18.39 -45.90 -24.91
CA ASN L 117 -18.04 -46.87 -25.95
C ASN L 117 -16.53 -47.04 -26.11
N GLU L 118 -15.85 -45.94 -26.42
CA GLU L 118 -14.39 -45.95 -26.64
C GLU L 118 -13.67 -45.07 -25.63
N VAL L 119 -12.50 -45.53 -25.19
CA VAL L 119 -11.59 -44.72 -24.38
C VAL L 119 -10.24 -44.67 -25.08
N ASN L 120 -9.91 -43.49 -25.62
CA ASN L 120 -8.69 -43.28 -26.41
C ASN L 120 -8.54 -44.28 -27.56
N PHE L 121 -9.63 -44.49 -28.29
CA PHE L 121 -9.71 -45.42 -29.43
C PHE L 121 -9.61 -46.91 -29.04
N ASP L 122 -9.01 -47.19 -27.89
CA ASP L 122 -8.84 -48.56 -27.40
C ASP L 122 -10.03 -49.03 -26.55
N LYS L 123 -9.83 -50.15 -25.85
CA LYS L 123 -10.84 -50.71 -24.96
C LYS L 123 -10.95 -49.86 -23.68
N PRO L 124 -12.16 -49.72 -23.15
CA PRO L 124 -12.39 -48.91 -21.94
C PRO L 124 -11.61 -49.36 -20.69
N GLU L 125 -10.85 -50.43 -20.81
CA GLU L 125 -10.05 -50.95 -19.70
C GLU L 125 -8.56 -50.76 -19.98
N ASN L 126 -8.11 -51.28 -21.11
CA ASN L 126 -6.71 -51.19 -21.51
C ASN L 126 -6.52 -50.36 -22.77
N ASN L 129 -2.01 -49.14 -14.33
CA ASN L 129 -1.59 -48.88 -15.71
C ASN L 129 -0.31 -48.06 -15.78
N LYS L 130 0.44 -48.26 -16.87
CA LYS L 130 1.69 -47.55 -17.09
C LYS L 130 1.43 -46.09 -17.51
N ILE L 131 1.45 -45.20 -16.52
CA ILE L 131 1.26 -43.77 -16.74
C ILE L 131 2.57 -43.13 -17.21
N LEU L 132 2.47 -42.15 -18.10
CA LEU L 132 3.64 -41.44 -18.65
C LEU L 132 4.64 -41.00 -17.57
N PHE L 133 4.14 -40.81 -16.34
CA PHE L 133 4.96 -40.39 -15.21
C PHE L 133 6.21 -41.26 -15.03
N GLU L 134 6.02 -42.58 -15.03
CA GLU L 134 7.13 -43.51 -14.81
C GLU L 134 7.38 -44.47 -15.99
N ASN L 135 7.25 -43.95 -17.20
CA ASN L 135 7.75 -44.66 -18.37
C ASN L 135 9.25 -44.43 -18.50
N LEU L 136 9.92 -45.32 -19.21
CA LEU L 136 11.35 -45.21 -19.43
C LEU L 136 11.64 -44.21 -20.54
N THR L 137 12.83 -43.63 -20.50
CA THR L 137 13.28 -42.76 -21.59
C THR L 137 14.71 -43.09 -21.97
N PRO L 138 14.91 -43.58 -23.20
CA PRO L 138 16.25 -43.76 -23.73
C PRO L 138 16.76 -42.47 -24.37
N LEU L 139 18.07 -42.26 -24.31
CA LEU L 139 18.68 -41.09 -24.91
C LEU L 139 18.16 -40.88 -26.33
N HIS L 140 17.52 -39.73 -26.54
CA HIS L 140 16.98 -39.37 -27.85
C HIS L 140 17.96 -39.72 -28.94
N ALA L 141 17.48 -40.39 -29.99
CA ALA L 141 18.31 -40.64 -31.18
C ALA L 141 17.85 -41.80 -32.06
N ASN L 142 17.11 -42.75 -31.50
CA ASN L 142 16.72 -43.98 -32.20
C ASN L 142 16.52 -43.85 -33.71
N SER L 143 15.33 -43.41 -34.11
CA SER L 143 14.99 -43.22 -35.51
C SER L 143 14.62 -41.78 -35.78
N ARG L 144 15.20 -41.21 -36.83
CA ARG L 144 14.98 -39.81 -37.16
C ARG L 144 13.78 -39.59 -38.09
N LEU L 145 13.21 -38.39 -38.04
CA LEU L 145 12.11 -38.00 -38.92
C LEU L 145 12.63 -37.03 -39.97
N ARG L 146 12.90 -37.55 -41.16
CA ARG L 146 13.40 -36.74 -42.27
C ARG L 146 12.34 -35.82 -42.83
N MET L 147 12.77 -34.62 -43.23
CA MET L 147 11.86 -33.60 -43.72
C MET L 147 12.01 -33.42 -45.24
N GLY L 152 9.12 -32.98 -54.11
CA GLY L 152 8.61 -31.62 -53.97
C GLY L 152 9.24 -30.64 -54.95
N SER L 153 9.19 -29.36 -54.61
CA SER L 153 9.74 -28.30 -55.46
C SER L 153 10.65 -27.35 -54.65
N THR L 154 10.43 -26.05 -54.80
CA THR L 154 11.20 -25.03 -54.08
C THR L 154 10.81 -24.97 -52.61
N GLU L 155 9.58 -25.39 -52.31
CA GLU L 155 9.08 -25.44 -50.93
C GLU L 155 9.64 -26.64 -50.16
N ASP L 156 10.56 -27.38 -50.80
CA ASP L 156 11.22 -28.51 -50.17
C ASP L 156 12.63 -28.15 -49.70
N LEU L 157 13.12 -26.99 -50.15
CA LEU L 157 14.43 -26.48 -49.76
C LEU L 157 14.52 -26.26 -48.25
N THR L 158 13.46 -25.70 -47.68
CA THR L 158 13.35 -25.49 -46.23
C THR L 158 13.47 -26.81 -45.48
N ALA L 159 12.84 -27.85 -46.02
CA ALA L 159 12.90 -29.19 -45.46
C ALA L 159 14.26 -29.84 -45.67
N ARG L 160 14.90 -29.50 -46.79
CA ARG L 160 16.23 -30.02 -47.13
C ARG L 160 17.35 -29.46 -46.26
N VAL L 161 17.32 -28.14 -46.03
CA VAL L 161 18.29 -27.48 -45.16
C VAL L 161 18.10 -27.92 -43.71
N LEU L 162 16.86 -28.28 -43.36
CA LEU L 162 16.52 -28.72 -42.02
C LEU L 162 17.18 -30.06 -41.68
N ASP L 163 17.20 -30.97 -42.65
CA ASP L 163 17.84 -32.28 -42.48
C ASP L 163 19.36 -32.15 -42.37
N LEU L 164 19.90 -31.06 -42.92
CA LEU L 164 21.35 -30.81 -42.89
C LEU L 164 21.77 -30.06 -41.63
N ALA L 165 20.97 -29.08 -41.23
CA ALA L 165 21.28 -28.24 -40.07
C ALA L 165 21.05 -28.97 -38.75
N SER L 166 19.80 -29.34 -38.49
CA SER L 166 19.43 -30.01 -37.25
C SER L 166 18.37 -31.09 -37.47
N PRO L 167 18.81 -32.34 -37.59
CA PRO L 167 17.90 -33.48 -37.69
C PRO L 167 16.98 -33.61 -36.47
N ILE L 168 15.75 -34.06 -36.71
CA ILE L 168 14.77 -34.26 -35.65
C ILE L 168 14.36 -35.73 -35.56
N GLY L 169 14.51 -36.31 -34.38
CA GLY L 169 14.09 -37.68 -34.13
C GLY L 169 12.85 -37.76 -33.27
N ARG L 170 12.29 -38.97 -33.12
CA ARG L 170 11.11 -39.18 -32.31
C ARG L 170 11.42 -39.03 -30.82
N GLY L 171 10.65 -38.18 -30.15
CA GLY L 171 10.87 -37.88 -28.73
C GLY L 171 11.99 -36.88 -28.53
N GLN L 172 11.73 -35.63 -28.89
CA GLN L 172 12.74 -34.58 -28.83
C GLN L 172 12.19 -33.24 -28.35
N ARG L 173 13.00 -32.54 -27.56
CA ARG L 173 12.73 -31.15 -27.19
C ARG L 173 13.30 -30.21 -28.24
N GLY L 174 12.48 -29.90 -29.25
CA GLY L 174 12.89 -29.02 -30.34
C GLY L 174 12.65 -27.56 -30.02
N LEU L 175 13.72 -26.76 -30.11
CA LEU L 175 13.62 -25.33 -29.85
C LEU L 175 14.01 -24.53 -31.10
N ILE L 176 13.10 -23.66 -31.53
CA ILE L 176 13.37 -22.78 -32.68
C ILE L 176 13.46 -21.33 -32.24
N VAL L 177 14.69 -20.82 -32.13
CA VAL L 177 14.93 -19.44 -31.76
C VAL L 177 14.72 -18.54 -32.98
N ALA L 178 13.78 -17.59 -32.85
CA ALA L 178 13.37 -16.77 -33.99
C ALA L 178 12.90 -15.37 -33.60
N PRO L 179 13.36 -14.36 -34.34
CA PRO L 179 12.83 -12.99 -34.23
C PRO L 179 11.52 -12.83 -35.01
N PRO L 180 10.85 -11.69 -34.86
CA PRO L 180 9.64 -11.41 -35.64
C PRO L 180 9.93 -11.28 -37.14
N LYS L 181 8.96 -11.70 -37.96
CA LYS L 181 9.03 -11.62 -39.43
C LYS L 181 10.23 -12.39 -40.02
N ALA L 182 10.53 -13.55 -39.44
CA ALA L 182 11.67 -14.36 -39.86
C ALA L 182 11.25 -15.69 -40.50
N GLY L 183 10.02 -15.75 -40.98
CA GLY L 183 9.48 -16.95 -41.61
C GLY L 183 9.20 -18.06 -40.61
N LYS L 184 8.92 -17.67 -39.38
CA LYS L 184 8.74 -18.59 -38.26
C LYS L 184 7.46 -19.43 -38.40
N THR L 185 6.35 -18.76 -38.74
CA THR L 185 5.06 -19.44 -38.93
C THR L 185 5.08 -20.36 -40.15
N MET L 186 5.67 -19.89 -41.25
CA MET L 186 5.74 -20.66 -42.49
C MET L 186 6.74 -21.81 -42.39
N LEU L 187 7.66 -21.72 -41.43
CA LEU L 187 8.61 -22.80 -41.15
C LEU L 187 7.89 -23.98 -40.49
N LEU L 188 7.08 -23.69 -39.48
CA LEU L 188 6.31 -24.72 -38.77
C LEU L 188 5.33 -25.46 -39.67
N GLN L 189 4.79 -24.75 -40.65
CA GLN L 189 3.88 -25.32 -41.64
C GLN L 189 4.62 -26.28 -42.58
N ASN L 190 5.91 -26.01 -42.80
CA ASN L 190 6.76 -26.87 -43.61
C ASN L 190 7.18 -28.13 -42.86
N ILE L 191 7.17 -28.06 -41.53
CA ILE L 191 7.40 -29.23 -40.68
C ILE L 191 6.14 -30.10 -40.68
N ALA L 192 4.98 -29.44 -40.70
CA ALA L 192 3.69 -30.14 -40.68
C ALA L 192 3.44 -30.97 -41.93
N GLN L 193 3.87 -30.47 -43.08
CA GLN L 193 3.75 -31.19 -44.35
C GLN L 193 4.65 -32.42 -44.42
N SER L 194 5.84 -32.31 -43.85
CA SER L 194 6.79 -33.42 -43.80
C SER L 194 6.35 -34.49 -42.79
N ILE L 195 5.63 -34.07 -41.76
CA ILE L 195 5.01 -35.01 -40.82
C ILE L 195 3.69 -35.54 -41.37
N ALA L 196 3.16 -34.88 -42.41
CA ALA L 196 1.96 -35.35 -43.10
C ALA L 196 2.29 -36.37 -44.18
N TYR L 197 3.29 -36.06 -45.00
CA TYR L 197 3.69 -36.91 -46.12
C TYR L 197 4.52 -38.11 -45.66
N ASN L 198 5.68 -37.83 -45.05
CA ASN L 198 6.65 -38.86 -44.68
C ASN L 198 6.19 -39.75 -43.52
N HIS L 199 5.47 -39.17 -42.57
CA HIS L 199 5.08 -39.91 -41.36
C HIS L 199 3.59 -39.74 -40.99
N PRO L 200 2.68 -40.35 -41.77
CA PRO L 200 1.25 -40.23 -41.52
C PRO L 200 0.79 -41.09 -40.33
N ASP L 201 1.72 -41.82 -39.72
CA ASP L 201 1.42 -42.69 -38.58
C ASP L 201 1.59 -41.97 -37.24
N CYS L 202 1.70 -40.65 -37.29
CA CYS L 202 1.90 -39.84 -36.09
C CYS L 202 0.72 -38.89 -35.84
N VAL L 203 0.42 -38.67 -34.56
CA VAL L 203 -0.61 -37.72 -34.16
C VAL L 203 0.00 -36.31 -34.10
N LEU L 204 -0.22 -35.53 -35.16
CA LEU L 204 0.31 -34.18 -35.26
C LEU L 204 -0.59 -33.18 -34.54
N MET L 205 0.01 -32.40 -33.64
CA MET L 205 -0.73 -31.43 -32.85
C MET L 205 -0.07 -30.04 -32.90
N VAL L 206 -0.56 -29.20 -33.80
CA VAL L 206 -0.05 -27.83 -33.92
C VAL L 206 -0.76 -26.93 -32.91
N LEU L 207 0.02 -26.34 -32.00
CA LEU L 207 -0.50 -25.56 -30.89
C LEU L 207 -0.10 -24.09 -31.00
N LEU L 208 -1.08 -23.22 -31.22
CA LEU L 208 -0.81 -21.79 -31.35
C LEU L 208 -1.24 -21.03 -30.10
N ILE L 209 -0.33 -20.22 -29.56
CA ILE L 209 -0.58 -19.41 -28.37
C ILE L 209 -0.42 -17.91 -28.67
N ASP L 210 -1.43 -17.13 -28.30
CA ASP L 210 -1.46 -15.68 -28.57
C ASP L 210 -1.47 -15.31 -30.05
N GLU L 211 -1.87 -16.28 -30.89
CA GLU L 211 -1.87 -16.11 -32.34
C GLU L 211 -2.98 -15.18 -32.82
N ARG L 212 -2.73 -14.49 -33.94
CA ARG L 212 -3.72 -13.64 -34.58
C ARG L 212 -4.84 -14.49 -35.17
N PRO L 213 -6.09 -14.05 -35.00
CA PRO L 213 -7.28 -14.82 -35.41
C PRO L 213 -7.23 -15.39 -36.84
N GLU L 214 -6.68 -14.62 -37.78
CA GLU L 214 -6.62 -15.06 -39.18
C GLU L 214 -5.49 -16.06 -39.45
N GLU L 215 -4.40 -15.97 -38.68
CA GLU L 215 -3.28 -16.90 -38.81
C GLU L 215 -3.62 -18.28 -38.22
N VAL L 216 -4.76 -18.35 -37.53
CA VAL L 216 -5.29 -19.60 -37.01
C VAL L 216 -6.01 -20.36 -38.13
N THR L 217 -6.83 -19.63 -38.90
CA THR L 217 -7.62 -20.21 -39.99
C THR L 217 -6.74 -20.88 -41.05
N GLU L 218 -5.62 -20.26 -41.38
CA GLU L 218 -4.66 -20.79 -42.35
C GLU L 218 -4.03 -22.09 -41.83
N MET L 219 -3.73 -22.13 -40.54
CA MET L 219 -3.13 -23.31 -39.91
C MET L 219 -4.12 -24.48 -39.86
N GLN L 220 -5.40 -24.15 -39.68
CA GLN L 220 -6.47 -25.15 -39.66
C GLN L 220 -6.75 -25.73 -41.05
N ARG L 221 -6.38 -24.96 -42.08
CA ARG L 221 -6.68 -25.33 -43.47
C ARG L 221 -5.43 -25.70 -44.28
N LEU L 222 -4.37 -26.11 -43.58
CA LEU L 222 -3.14 -26.58 -44.22
C LEU L 222 -2.55 -27.79 -43.52
N VAL L 223 -2.63 -27.78 -42.19
CA VAL L 223 -2.10 -28.88 -41.37
C VAL L 223 -3.02 -30.10 -41.46
N LYS L 224 -2.45 -31.23 -41.88
CA LYS L 224 -3.17 -32.49 -41.90
C LYS L 224 -3.13 -33.14 -40.52
N GLY L 225 -3.82 -32.53 -39.57
CA GLY L 225 -3.87 -33.01 -38.19
C GLY L 225 -4.69 -32.11 -37.27
N GLU L 226 -4.53 -32.31 -35.96
CA GLU L 226 -5.24 -31.52 -34.95
C GLU L 226 -4.63 -30.14 -34.80
N VAL L 227 -5.46 -29.10 -34.91
CA VAL L 227 -5.01 -27.72 -34.73
C VAL L 227 -5.74 -27.07 -33.56
N VAL L 228 -5.00 -26.78 -32.50
CA VAL L 228 -5.55 -26.12 -31.31
C VAL L 228 -4.90 -24.75 -31.14
N ALA L 229 -5.73 -23.72 -31.00
CA ALA L 229 -5.23 -22.34 -30.94
C ALA L 229 -6.06 -21.43 -30.03
N SER L 230 -5.37 -20.56 -29.31
CA SER L 230 -6.01 -19.51 -28.52
C SER L 230 -5.47 -18.14 -28.93
N THR L 231 -6.36 -17.28 -29.39
CA THR L 231 -5.99 -15.97 -29.95
C THR L 231 -5.63 -14.94 -28.87
N PHE L 232 -5.10 -13.80 -29.28
CA PHE L 232 -4.64 -12.76 -28.35
C PHE L 232 -5.78 -11.96 -27.70
N ASP L 233 -6.96 -12.01 -28.30
CA ASP L 233 -8.14 -11.35 -27.73
C ASP L 233 -8.86 -12.22 -26.70
N GLU L 234 -8.15 -13.23 -26.19
CA GLU L 234 -8.65 -14.11 -25.14
C GLU L 234 -7.80 -13.95 -23.88
N PRO L 235 -8.40 -14.22 -22.70
CA PRO L 235 -7.69 -14.05 -21.43
C PRO L 235 -6.48 -14.97 -21.28
N ALA L 236 -5.59 -14.63 -20.35
CA ALA L 236 -4.38 -15.42 -20.09
C ALA L 236 -4.70 -16.83 -19.59
N SER L 237 -5.86 -16.99 -18.95
CA SER L 237 -6.33 -18.28 -18.47
C SER L 237 -6.63 -19.24 -19.62
N ARG L 238 -7.06 -18.68 -20.75
CA ARG L 238 -7.40 -19.46 -21.94
C ARG L 238 -6.17 -20.11 -22.59
N HIS L 239 -5.05 -19.39 -22.60
CA HIS L 239 -3.79 -19.93 -23.12
C HIS L 239 -3.31 -21.13 -22.29
N VAL L 240 -3.39 -20.98 -20.97
CA VAL L 240 -3.06 -22.05 -20.03
C VAL L 240 -4.01 -23.23 -20.20
N GLN L 241 -5.31 -22.92 -20.30
CA GLN L 241 -6.37 -23.93 -20.46
C GLN L 241 -6.16 -24.77 -21.73
N VAL L 242 -5.66 -24.13 -22.78
CA VAL L 242 -5.43 -24.77 -24.07
C VAL L 242 -4.18 -25.66 -24.05
N ALA L 243 -3.07 -25.12 -23.55
CA ALA L 243 -1.80 -25.84 -23.53
C ALA L 243 -1.81 -27.03 -22.58
N GLU L 244 -2.55 -26.91 -21.48
CA GLU L 244 -2.71 -28.00 -20.53
C GLU L 244 -3.55 -29.12 -21.14
N MET L 245 -4.54 -28.74 -21.95
CA MET L 245 -5.44 -29.69 -22.60
C MET L 245 -4.73 -30.50 -23.69
N VAL L 246 -3.75 -29.87 -24.34
CA VAL L 246 -3.00 -30.52 -25.43
C VAL L 246 -1.90 -31.43 -24.88
N ILE L 247 -1.14 -30.94 -23.90
CA ILE L 247 -0.02 -31.70 -23.34
C ILE L 247 -0.47 -33.02 -22.68
N GLU L 248 -1.62 -32.98 -22.02
CA GLU L 248 -2.16 -34.17 -21.37
C GLU L 248 -2.76 -35.14 -22.38
N LYS L 249 -3.45 -34.60 -23.39
CA LYS L 249 -3.97 -35.40 -24.50
C LYS L 249 -2.83 -36.12 -25.22
N ALA L 250 -1.70 -35.44 -25.35
CA ALA L 250 -0.49 -36.04 -25.91
C ALA L 250 0.13 -37.05 -24.95
N LYS L 251 0.05 -36.76 -23.65
CA LYS L 251 0.56 -37.67 -22.62
C LYS L 251 -0.21 -38.99 -22.56
N ARG L 252 -1.52 -38.92 -22.79
CA ARG L 252 -2.38 -40.11 -22.78
C ARG L 252 -2.19 -40.96 -24.03
N LEU L 253 -1.88 -40.30 -25.15
CA LEU L 253 -1.64 -40.99 -26.42
C LEU L 253 -0.29 -41.70 -26.46
N VAL L 254 0.63 -41.28 -25.59
CA VAL L 254 1.91 -41.98 -25.40
C VAL L 254 1.69 -43.24 -24.56
N GLU L 255 0.79 -43.15 -23.59
CA GLU L 255 0.39 -44.30 -22.77
C GLU L 255 -0.27 -45.38 -23.63
N HIS L 256 -0.94 -44.95 -24.69
CA HIS L 256 -1.57 -45.86 -25.65
C HIS L 256 -0.61 -46.25 -26.79
N LYS L 257 0.68 -46.06 -26.55
CA LYS L 257 1.77 -46.53 -27.43
C LYS L 257 1.81 -45.89 -28.82
N LYS L 258 1.24 -44.68 -28.95
CA LYS L 258 1.27 -43.96 -30.21
C LYS L 258 2.27 -42.81 -30.21
N ASP L 259 2.89 -42.58 -31.36
CA ASP L 259 3.87 -41.50 -31.53
C ASP L 259 3.17 -40.16 -31.74
N VAL L 260 3.45 -39.19 -30.87
CA VAL L 260 2.81 -37.88 -30.90
C VAL L 260 3.83 -36.78 -31.15
N ILE L 261 3.48 -35.83 -32.02
CA ILE L 261 4.33 -34.66 -32.28
C ILE L 261 3.55 -33.36 -32.05
N ILE L 262 4.05 -32.54 -31.13
CA ILE L 262 3.48 -31.22 -30.86
C ILE L 262 4.31 -30.13 -31.53
N LEU L 263 3.66 -29.34 -32.39
CA LEU L 263 4.29 -28.17 -32.98
C LEU L 263 3.78 -26.90 -32.32
N LEU L 264 4.33 -26.59 -31.15
CA LEU L 264 3.95 -25.41 -30.39
C LEU L 264 4.52 -24.14 -31.03
N ASP L 265 3.66 -23.14 -31.20
CA ASP L 265 4.10 -21.83 -31.62
C ASP L 265 4.23 -20.92 -30.39
N SER L 266 5.45 -20.42 -30.19
CA SER L 266 5.83 -19.59 -29.04
C SER L 266 5.64 -20.27 -27.69
N ILE L 267 6.75 -20.76 -27.13
CA ILE L 267 6.78 -21.26 -25.76
C ILE L 267 6.93 -20.09 -24.78
N THR L 268 7.35 -18.94 -25.31
CA THR L 268 7.52 -17.72 -24.53
C THR L 268 6.17 -17.10 -24.16
N ARG L 269 5.25 -17.07 -25.13
CA ARG L 269 3.89 -16.57 -24.91
C ARG L 269 3.11 -17.47 -23.97
N LEU L 270 3.46 -18.76 -23.95
CA LEU L 270 2.88 -19.72 -23.03
C LEU L 270 3.43 -19.53 -21.61
N ALA L 271 4.74 -19.30 -21.52
CA ALA L 271 5.39 -19.02 -20.24
C ALA L 271 4.93 -17.69 -19.66
N ARG L 272 4.55 -16.77 -20.55
CA ARG L 272 3.93 -15.50 -20.17
C ARG L 272 2.56 -15.72 -19.53
N ALA L 273 1.81 -16.69 -20.05
CA ALA L 273 0.48 -17.02 -19.55
C ALA L 273 0.55 -17.75 -18.21
N TYR L 274 1.48 -18.70 -18.09
CA TYR L 274 1.73 -19.40 -16.83
C TYR L 274 2.27 -18.47 -15.74
N ASN L 275 2.49 -17.21 -16.11
CA ASN L 275 3.00 -16.19 -15.19
C ASN L 275 1.92 -15.18 -14.79
N THR L 276 1.13 -14.74 -15.75
CA THR L 276 0.07 -13.75 -15.51
C THR L 276 -1.16 -14.36 -14.84
N VAL L 277 -1.22 -15.69 -14.80
CA VAL L 277 -2.35 -16.40 -14.20
C VAL L 277 -2.09 -16.77 -12.73
N VAL L 278 -0.81 -16.76 -12.32
CA VAL L 278 -0.43 -17.14 -10.95
C VAL L 278 -0.23 -15.91 -10.05
N PRO L 279 -0.70 -16.00 -8.80
CA PRO L 279 -0.48 -14.94 -7.81
C PRO L 279 0.99 -14.93 -7.31
N ALA L 280 1.22 -15.45 -6.10
CA ALA L 280 2.56 -15.53 -5.52
C ALA L 280 2.67 -16.66 -4.50
N VAL L 284 9.91 -11.98 -4.29
CA VAL L 284 9.07 -12.83 -5.12
C VAL L 284 8.79 -12.23 -6.50
N LEU L 285 8.76 -10.90 -6.57
CA LEU L 285 8.49 -10.18 -7.81
C LEU L 285 9.69 -9.34 -8.27
N THR L 286 10.67 -10.00 -8.86
CA THR L 286 11.89 -9.34 -9.35
C THR L 286 12.25 -9.81 -10.76
N GLY L 287 12.65 -8.87 -11.60
CA GLY L 287 13.08 -9.17 -12.97
C GLY L 287 11.99 -9.05 -14.01
N GLY L 288 10.74 -9.22 -13.57
CA GLY L 288 9.58 -9.18 -14.47
C GLY L 288 8.70 -10.39 -14.31
N VAL L 289 9.26 -11.56 -14.59
CA VAL L 289 8.56 -12.83 -14.43
C VAL L 289 8.88 -13.47 -13.06
N ASP L 290 7.87 -14.10 -12.46
CA ASP L 290 8.05 -14.79 -11.18
C ASP L 290 8.89 -16.05 -11.35
N ALA L 291 9.67 -16.37 -10.31
CA ALA L 291 10.56 -17.53 -10.34
C ALA L 291 9.80 -18.86 -10.36
N ASN L 292 8.75 -18.96 -9.55
CA ASN L 292 7.91 -20.16 -9.49
C ASN L 292 6.99 -20.31 -10.69
N ALA L 293 6.79 -19.22 -11.42
CA ALA L 293 5.94 -19.21 -12.62
C ALA L 293 6.59 -19.95 -13.79
N LEU L 294 7.89 -20.23 -13.67
CA LEU L 294 8.65 -20.92 -14.72
C LEU L 294 8.68 -22.44 -14.54
N HIS L 295 7.97 -22.93 -13.51
CA HIS L 295 7.91 -24.37 -13.25
C HIS L 295 6.95 -25.09 -14.21
N ARG L 296 5.85 -24.42 -14.53
CA ARG L 296 4.80 -25.00 -15.40
C ARG L 296 5.23 -25.17 -16.88
N PRO L 297 5.84 -24.14 -17.48
CA PRO L 297 6.26 -24.21 -18.89
C PRO L 297 7.41 -25.20 -19.14
N LYS L 298 8.29 -25.36 -18.16
CA LYS L 298 9.43 -26.26 -18.27
C LYS L 298 9.01 -27.74 -18.17
N ARG L 299 7.95 -27.99 -17.40
CA ARG L 299 7.35 -29.33 -17.33
C ARG L 299 6.63 -29.68 -18.61
N PHE L 300 5.98 -28.69 -19.21
CA PHE L 300 5.35 -28.83 -20.53
C PHE L 300 6.39 -29.21 -21.57
N PHE L 301 7.51 -28.48 -21.57
CA PHE L 301 8.60 -28.69 -22.52
C PHE L 301 9.34 -30.00 -22.27
N GLY L 302 9.62 -30.28 -20.99
CA GLY L 302 10.37 -31.48 -20.60
C GLY L 302 9.60 -32.78 -20.76
N ALA L 303 8.31 -32.68 -21.07
CA ALA L 303 7.45 -33.84 -21.29
C ALA L 303 7.80 -34.58 -22.59
N ALA L 304 8.53 -33.90 -23.48
CA ALA L 304 8.97 -34.49 -24.74
C ALA L 304 10.00 -35.59 -24.51
N ARG L 305 9.55 -36.84 -24.63
CA ARG L 305 10.39 -38.00 -24.39
C ARG L 305 9.95 -39.23 -25.19
N ASN L 306 10.93 -40.05 -25.56
CA ASN L 306 10.68 -41.33 -26.22
C ASN L 306 10.65 -42.45 -25.18
N VAL L 307 9.77 -43.43 -25.37
CA VAL L 307 9.65 -44.56 -24.44
C VAL L 307 9.96 -45.90 -25.12
N GLU L 308 10.59 -46.80 -24.38
CA GLU L 308 10.99 -48.11 -24.90
C GLU L 308 9.81 -49.07 -24.97
N GLU L 309 8.80 -48.83 -24.13
CA GLU L 309 7.60 -49.68 -24.07
C GLU L 309 6.58 -49.36 -25.18
N GLY L 310 6.98 -48.53 -26.14
CA GLY L 310 6.15 -48.21 -27.30
C GLY L 310 5.61 -46.80 -27.28
N GLY L 311 6.01 -46.00 -28.26
CA GLY L 311 5.53 -44.63 -28.39
C GLY L 311 6.58 -43.57 -28.09
N SER L 312 6.23 -42.31 -28.35
CA SER L 312 7.11 -41.17 -28.09
C SER L 312 6.35 -39.85 -28.16
N LEU L 313 6.80 -38.87 -27.39
CA LEU L 313 6.27 -37.51 -27.48
C LEU L 313 7.34 -36.54 -27.95
N THR L 314 7.07 -35.88 -29.06
CA THR L 314 8.01 -34.92 -29.64
C THR L 314 7.42 -33.50 -29.60
N ILE L 315 8.14 -32.58 -28.98
CA ILE L 315 7.68 -31.20 -28.88
C ILE L 315 8.66 -30.23 -29.55
N ILE L 316 8.19 -29.57 -30.60
CA ILE L 316 8.94 -28.51 -31.26
C ILE L 316 8.26 -27.17 -30.98
N ALA L 317 8.99 -26.29 -30.30
CA ALA L 317 8.46 -25.01 -29.86
C ALA L 317 9.38 -23.86 -30.22
N THR L 318 8.79 -22.77 -30.71
CA THR L 318 9.56 -21.58 -31.08
C THR L 318 9.79 -20.68 -29.87
N ALA L 319 11.02 -20.19 -29.73
CA ALA L 319 11.36 -19.24 -28.67
C ALA L 319 11.55 -17.85 -29.25
N LEU L 320 10.62 -16.95 -28.94
CA LEU L 320 10.61 -15.60 -29.50
C LEU L 320 11.74 -14.73 -28.93
N ILE L 321 12.59 -14.24 -29.82
CA ILE L 321 13.64 -13.28 -29.47
C ILE L 321 13.44 -11.99 -30.27
N ASP L 322 14.22 -10.96 -29.96
CA ASP L 322 14.12 -9.63 -30.60
C ASP L 322 12.76 -8.95 -30.38
N THR L 323 12.07 -9.36 -29.33
CA THR L 323 10.79 -8.77 -28.96
C THR L 323 11.01 -7.38 -28.35
N GLY L 324 12.04 -7.27 -27.51
CA GLY L 324 12.36 -6.01 -26.84
C GLY L 324 11.78 -5.96 -25.43
N SER L 325 10.68 -6.68 -25.23
CA SER L 325 10.03 -6.77 -23.93
C SER L 325 10.89 -7.55 -22.94
N LYS L 326 11.09 -6.98 -21.76
CA LYS L 326 11.93 -7.59 -20.72
C LYS L 326 11.34 -8.88 -20.16
N MET L 327 10.03 -9.06 -20.34
CA MET L 327 9.36 -10.29 -19.95
C MET L 327 9.74 -11.45 -20.86
N ASP L 328 9.67 -11.22 -22.18
CA ASP L 328 10.08 -12.21 -23.18
C ASP L 328 11.59 -12.43 -23.18
N GLU L 329 12.32 -11.41 -22.70
CA GLU L 329 13.78 -11.44 -22.65
C GLU L 329 14.29 -12.46 -21.63
N VAL L 330 13.62 -12.55 -20.49
CA VAL L 330 14.00 -13.48 -19.42
C VAL L 330 13.59 -14.92 -19.78
N ILE L 331 12.40 -15.07 -20.36
CA ILE L 331 11.88 -16.39 -20.76
C ILE L 331 12.87 -17.15 -21.64
N TYR L 332 13.50 -16.43 -22.58
CA TYR L 332 14.52 -17.03 -23.45
C TYR L 332 15.73 -17.52 -22.66
N GLU L 333 16.21 -16.68 -21.74
CA GLU L 333 17.39 -17.00 -20.92
C GLU L 333 17.20 -18.25 -20.05
N GLU L 334 15.96 -18.68 -19.90
CA GLU L 334 15.62 -19.89 -19.14
C GLU L 334 15.51 -21.11 -20.06
N PHE L 335 15.07 -20.89 -21.29
CA PHE L 335 14.92 -21.96 -22.27
C PHE L 335 16.08 -21.99 -23.28
N LYS L 336 17.11 -21.20 -23.02
CA LYS L 336 18.25 -21.07 -23.92
C LYS L 336 19.10 -22.34 -23.97
N GLY L 337 19.04 -23.04 -25.10
CA GLY L 337 19.82 -24.27 -25.32
C GLY L 337 19.52 -25.39 -24.34
N THR L 338 18.27 -25.47 -23.90
CA THR L 338 17.85 -26.49 -22.93
C THR L 338 17.25 -27.72 -23.61
N GLY L 339 16.98 -27.60 -24.91
CA GLY L 339 16.47 -28.72 -25.69
C GLY L 339 17.59 -29.49 -26.38
N ASN L 340 17.32 -30.75 -26.69
CA ASN L 340 18.28 -31.60 -27.39
C ASN L 340 18.33 -31.36 -28.90
N MET L 341 17.50 -30.42 -29.37
CA MET L 341 17.50 -29.99 -30.76
C MET L 341 17.33 -28.47 -30.81
N GLU L 342 18.13 -27.82 -31.64
CA GLU L 342 18.06 -26.36 -31.77
C GLU L 342 18.17 -25.91 -33.23
N LEU L 343 17.28 -24.99 -33.61
CA LEU L 343 17.30 -24.38 -34.94
C LEU L 343 17.01 -22.89 -34.83
N HIS L 344 18.04 -22.08 -35.07
CA HIS L 344 17.89 -20.62 -35.01
C HIS L 344 17.25 -20.05 -36.28
N LEU L 345 16.82 -18.80 -36.20
CA LEU L 345 16.43 -18.02 -37.37
C LEU L 345 16.93 -16.59 -37.14
N SER L 346 17.17 -15.86 -38.23
CA SER L 346 17.64 -14.47 -38.11
C SER L 346 17.00 -13.55 -39.15
N ARG L 347 16.79 -12.31 -38.77
CA ARG L 347 16.20 -11.30 -39.65
C ARG L 347 17.25 -10.75 -40.63
N LYS L 348 18.52 -11.02 -40.34
CA LYS L 348 19.64 -10.61 -41.18
C LYS L 348 19.54 -11.25 -42.57
N ILE L 349 19.04 -12.48 -42.60
CA ILE L 349 18.83 -13.20 -43.85
C ILE L 349 17.36 -13.04 -44.31
N ALA L 350 16.47 -12.80 -43.35
CA ALA L 350 15.04 -12.65 -43.64
C ALA L 350 14.68 -11.30 -44.26
N GLU L 351 15.38 -10.25 -43.85
CA GLU L 351 15.18 -8.90 -44.41
C GLU L 351 15.72 -8.79 -45.83
N LYS L 352 16.79 -9.51 -46.11
CA LYS L 352 17.36 -9.59 -47.46
C LYS L 352 16.48 -10.49 -48.34
N ARG L 353 15.35 -10.92 -47.78
CA ARG L 353 14.37 -11.77 -48.46
C ARG L 353 14.93 -13.11 -48.92
N VAL L 354 15.93 -13.59 -48.17
CA VAL L 354 16.40 -14.95 -48.32
C VAL L 354 15.58 -15.80 -47.37
N PHE L 355 14.57 -16.46 -47.94
CA PHE L 355 13.54 -17.17 -47.16
C PHE L 355 14.07 -18.32 -46.29
N PRO L 356 14.85 -19.23 -46.87
CA PRO L 356 15.40 -20.34 -46.10
C PRO L 356 16.55 -19.84 -45.22
N ALA L 357 16.18 -19.10 -44.17
CA ALA L 357 17.14 -18.49 -43.26
C ALA L 357 17.10 -19.23 -41.94
N ILE L 358 18.18 -19.95 -41.64
CA ILE L 358 18.23 -20.79 -40.46
C ILE L 358 19.41 -20.41 -39.55
N ASP L 359 20.57 -20.17 -40.16
CA ASP L 359 21.82 -19.98 -39.42
C ASP L 359 22.43 -21.37 -39.18
N TYR L 360 23.03 -21.93 -40.25
CA TYR L 360 23.61 -23.28 -40.23
C TYR L 360 24.70 -23.45 -39.18
N ASN L 361 25.25 -22.32 -38.73
CA ASN L 361 26.35 -22.31 -37.76
C ASN L 361 25.88 -22.42 -36.31
N ARG L 362 24.75 -21.78 -36.01
CA ARG L 362 24.18 -21.82 -34.65
C ARG L 362 23.20 -22.98 -34.46
N SER L 363 22.61 -23.45 -35.55
CA SER L 363 21.65 -24.54 -35.51
C SER L 363 22.33 -25.91 -35.53
N GLY L 364 21.74 -26.86 -34.81
CA GLY L 364 22.29 -28.21 -34.72
C GLY L 364 21.85 -28.94 -33.47
N THR L 365 21.58 -30.24 -33.62
CA THR L 365 21.20 -31.07 -32.48
C THR L 365 22.41 -31.79 -31.87
N ARG L 366 22.55 -31.68 -30.55
CA ARG L 366 23.59 -32.42 -29.83
C ARG L 366 23.17 -33.89 -29.68
N LYS L 367 24.16 -34.76 -29.45
CA LYS L 367 23.95 -36.21 -29.47
C LYS L 367 23.34 -36.67 -30.79
N GLU L 368 23.93 -36.21 -31.89
CA GLU L 368 23.44 -36.49 -33.24
C GLU L 368 23.99 -37.79 -33.81
N GLU L 369 24.88 -38.43 -33.07
CA GLU L 369 25.58 -39.64 -33.52
C GLU L 369 24.67 -40.84 -33.77
N LEU L 370 23.59 -40.96 -33.00
CA LEU L 370 22.68 -42.10 -33.13
C LEU L 370 21.48 -41.81 -34.04
N LEU L 371 21.39 -40.57 -34.53
CA LEU L 371 20.28 -40.14 -35.38
C LEU L 371 20.51 -40.42 -36.87
N THR L 372 21.78 -40.46 -37.26
CA THR L 372 22.15 -40.65 -38.67
C THR L 372 23.17 -41.79 -38.84
N THR L 373 23.36 -42.23 -40.09
CA THR L 373 24.42 -43.17 -40.44
C THR L 373 25.76 -42.42 -40.41
N GLN L 374 26.84 -43.14 -40.13
CA GLN L 374 28.18 -42.56 -40.19
C GLN L 374 28.54 -42.16 -41.63
N GLU L 375 27.96 -42.88 -42.58
CA GLU L 375 28.08 -42.55 -44.00
C GLU L 375 27.36 -41.23 -44.32
N GLU L 376 26.29 -40.96 -43.58
CA GLU L 376 25.51 -39.72 -43.73
C GLU L 376 26.09 -38.60 -42.87
N LEU L 377 26.57 -38.93 -41.67
CA LEU L 377 27.08 -37.97 -40.70
C LEU L 377 28.42 -37.37 -41.13
N GLN L 378 29.33 -38.23 -41.60
CA GLN L 378 30.65 -37.78 -42.09
C GLN L 378 30.53 -36.84 -43.29
N LYS L 379 29.48 -37.05 -44.10
CA LYS L 379 29.19 -36.17 -45.22
C LYS L 379 28.64 -34.82 -44.76
N MET L 380 27.84 -34.85 -43.70
CA MET L 380 27.26 -33.64 -43.12
C MET L 380 28.32 -32.72 -42.51
N TRP L 381 29.37 -33.33 -41.96
CA TRP L 381 30.47 -32.60 -41.34
C TRP L 381 31.37 -31.91 -42.37
N ILE L 382 31.37 -32.44 -43.59
CA ILE L 382 32.09 -31.82 -44.71
C ILE L 382 31.42 -30.50 -45.11
N LEU L 383 30.09 -30.51 -45.16
CA LEU L 383 29.30 -29.33 -45.51
C LEU L 383 29.45 -28.21 -44.46
N ARG L 384 29.44 -28.59 -43.18
CA ARG L 384 29.58 -27.63 -42.09
C ARG L 384 31.00 -27.05 -42.03
N LYS L 385 31.98 -27.85 -42.43
CA LYS L 385 33.38 -27.42 -42.42
C LYS L 385 33.63 -26.28 -43.40
N ILE L 386 32.87 -26.27 -44.49
CA ILE L 386 33.00 -25.22 -45.52
C ILE L 386 31.93 -24.12 -45.36
N ILE L 387 31.16 -24.21 -44.29
CA ILE L 387 30.14 -23.20 -43.95
C ILE L 387 30.53 -22.44 -42.67
N HIS L 388 31.25 -23.13 -41.79
CA HIS L 388 31.63 -22.60 -40.47
C HIS L 388 32.05 -21.11 -40.44
N PRO L 389 33.03 -20.70 -41.26
CA PRO L 389 33.49 -19.31 -41.26
C PRO L 389 32.54 -18.34 -41.96
N MET L 390 31.76 -18.84 -42.92
CA MET L 390 30.88 -18.00 -43.75
C MET L 390 29.88 -17.18 -42.94
N GLY L 391 29.53 -16.00 -43.47
CA GLY L 391 28.57 -15.10 -42.84
C GLY L 391 27.16 -15.66 -42.81
N GLU L 392 26.31 -15.06 -41.97
CA GLU L 392 24.93 -15.49 -41.79
C GLU L 392 24.16 -15.56 -43.11
N ILE L 393 24.24 -14.49 -43.89
CA ILE L 393 23.58 -14.41 -45.20
C ILE L 393 24.35 -15.23 -46.24
N ASP L 394 25.68 -15.20 -46.13
CA ASP L 394 26.56 -15.92 -47.06
C ASP L 394 26.29 -17.43 -47.07
N ALA L 395 26.15 -18.00 -45.87
CA ALA L 395 25.98 -19.44 -45.70
C ALA L 395 24.69 -19.95 -46.34
N MET L 396 23.59 -19.20 -46.17
CA MET L 396 22.31 -19.61 -46.74
C MET L 396 22.24 -19.45 -48.25
N GLU L 397 22.67 -18.30 -48.75
CA GLU L 397 22.74 -18.06 -50.20
C GLU L 397 23.56 -19.13 -50.90
N PHE L 398 24.66 -19.53 -50.28
CA PHE L 398 25.52 -20.60 -50.78
C PHE L 398 24.84 -21.96 -50.72
N LEU L 399 24.11 -22.22 -49.62
CA LEU L 399 23.48 -23.50 -49.39
C LEU L 399 22.23 -23.70 -50.27
N ILE L 400 21.56 -22.60 -50.61
CA ILE L 400 20.37 -22.64 -51.46
C ILE L 400 20.73 -22.95 -52.91
N ASN L 401 21.65 -22.18 -53.48
CA ASN L 401 22.02 -22.34 -54.90
C ASN L 401 22.70 -23.67 -55.22
N LYS L 402 23.12 -24.39 -54.18
CA LYS L 402 23.67 -25.73 -54.34
C LYS L 402 22.57 -26.79 -54.27
N LEU L 403 21.61 -26.59 -53.37
CA LEU L 403 20.47 -27.50 -53.23
C LEU L 403 19.42 -27.30 -54.31
N ALA L 404 19.33 -26.10 -54.86
CA ALA L 404 18.35 -25.76 -55.89
C ALA L 404 18.74 -26.31 -57.26
N MET L 405 19.25 -27.54 -57.27
CA MET L 405 19.64 -28.23 -58.49
C MET L 405 19.03 -29.64 -58.52
N THR L 406 19.06 -30.31 -57.36
CA THR L 406 18.51 -31.66 -57.22
C THR L 406 17.85 -31.86 -55.85
N LYS L 407 18.14 -33.00 -55.21
CA LYS L 407 17.59 -33.33 -53.89
C LYS L 407 18.54 -32.90 -52.76
N THR L 408 18.97 -33.87 -51.95
CA THR L 408 19.94 -33.60 -50.87
C THR L 408 21.12 -34.57 -50.89
N ASN L 409 20.90 -35.77 -51.42
CA ASN L 409 21.96 -36.76 -51.56
C ASN L 409 22.74 -36.58 -52.86
N ASP L 410 22.03 -36.14 -53.90
CA ASP L 410 22.67 -35.76 -55.17
C ASP L 410 23.50 -34.49 -54.99
N ASP L 411 23.08 -33.65 -54.05
CA ASP L 411 23.82 -32.46 -53.66
C ASP L 411 25.14 -32.84 -52.96
N PHE L 412 25.06 -33.87 -52.11
CA PHE L 412 26.23 -34.38 -51.41
C PHE L 412 27.30 -34.94 -52.36
N PHE L 413 26.84 -35.63 -53.41
CA PHE L 413 27.74 -36.19 -54.40
C PHE L 413 28.25 -35.13 -55.38
N GLU L 414 27.46 -34.07 -55.57
CA GLU L 414 27.85 -32.94 -56.41
C GLU L 414 29.03 -32.18 -55.79
N MET L 415 29.11 -32.22 -54.46
CA MET L 415 30.18 -31.57 -53.72
C MET L 415 31.52 -32.27 -53.96
N MET L 416 31.47 -33.59 -54.16
CA MET L 416 32.67 -34.39 -54.42
C MET L 416 33.16 -34.26 -55.87
N LYS L 417 32.28 -33.82 -56.77
CA LYS L 417 32.58 -33.70 -58.20
C LYS L 417 32.80 -35.08 -58.83
MG MG M . -6.46 -32.64 9.30
PG AGS N . -5.94 -31.50 6.17
S1G AGS N . -7.52 -31.97 4.92
O2G AGS N . -6.45 -31.56 7.68
O3G AGS N . -5.40 -30.06 5.84
PB AGS N . -3.40 -32.54 6.81
O1B AGS N . -2.42 -31.45 6.19
O2B AGS N . -3.68 -32.20 8.34
O3B AGS N . -4.77 -32.59 5.96
PA AGS N . -3.45 -35.34 6.19
O1A AGS N . -4.99 -35.37 6.60
O2A AGS N . -2.70 -36.63 6.74
O3A AGS N . -2.71 -33.99 6.68
O5' AGS N . -3.33 -35.29 4.59
C5' AGS N . -2.13 -34.82 3.95
C4' AGS N . -1.71 -35.66 2.75
O4' AGS N . -0.28 -35.73 2.80
C3' AGS N . -2.25 -37.09 2.79
O3' AGS N . -3.02 -37.34 1.61
C2' AGS N . -1.05 -38.02 2.87
O2' AGS N . -0.99 -38.87 1.74
C1' AGS N . 0.16 -37.10 2.88
N9 AGS N . 1.03 -37.28 4.08
C8 AGS N . 1.07 -36.51 5.20
N7 AGS N . 2.01 -36.95 6.11
C5 AGS N . 2.60 -38.01 5.56
C6 AGS N . 3.65 -39.01 5.88
N6 AGS N . 4.32 -38.94 7.05
N1 AGS N . 3.95 -39.99 4.98
C2 AGS N . 3.32 -40.12 3.79
N3 AGS N . 2.35 -39.28 3.39
C4 AGS N . 1.96 -38.21 4.27
MG MG O . 15.06 -14.39 24.76
PG AGS P . 14.79 -15.74 21.86
S1G AGS P . 14.31 -17.73 22.09
O2G AGS P . 14.21 -14.93 23.11
O3G AGS P . 14.15 -15.17 20.52
PB AGS P . 17.24 -14.41 22.35
O1B AGS P . 17.51 -13.38 21.18
O2B AGS P . 16.56 -13.68 23.59
O3B AGS P . 16.39 -15.67 21.82
PA AGS P . 18.85 -16.46 23.56
O1A AGS P . 17.51 -16.98 24.24
O2A AGS P . 20.04 -16.38 24.62
O3A AGS P . 18.67 -15.03 22.82
O5' AGS P . 19.25 -17.44 22.36
C5' AGS P . 20.11 -17.01 21.31
C4' AGS P . 21.21 -18.01 20.97
O4' AGS P . 22.40 -17.25 20.77
C3' AGS P . 21.50 -19.01 22.08
O3' AGS P . 21.31 -20.33 21.61
C2' AGS P . 22.93 -18.78 22.53
O2' AGS P . 23.72 -19.94 22.33
C1' AGS P . 23.44 -17.66 21.66
N9 AGS P . 24.01 -16.47 22.37
C8 AGS P . 23.40 -15.26 22.55
N7 AGS P . 24.21 -14.37 23.21
C5 AGS P . 25.37 -15.01 23.46
C6 AGS P . 26.68 -14.75 24.10
N6 AGS P . 26.93 -13.54 24.66
N1 AGS P . 27.62 -15.72 24.13
C2 AGS P . 27.42 -16.95 23.60
N3 AGS P . 26.27 -17.31 22.99
C4 AGS P . 25.21 -16.33 22.91
O12 FB Q . 8.22 -13.40 16.04
C12 FB Q . 8.79 -14.12 16.92
C5A FB Q . 9.18 -14.26 18.10
C5 FB Q . 9.62 -14.04 19.25
C6 FB Q . 9.52 -12.62 19.73
O6 FB Q . 9.37 -11.70 18.63
N10 FB Q . 10.76 -12.44 20.47
C9 FB Q . 10.86 -12.63 21.77
O9 FB Q . 11.96 -12.61 22.30
C4 FB Q . 10.19 -15.12 20.18
C3 FB Q . 9.39 -15.23 21.50
O2 FB Q . 9.83 -14.45 22.64
C1 FB Q . 9.61 -13.03 22.54
N8 FB Q . 8.35 -12.98 21.81
C7 FB Q . 8.24 -12.78 20.51
O7 FB Q . 7.16 -12.87 19.94
C1A FB Q . 9.36 -12.34 23.89
O1A FB Q . 8.09 -12.78 24.38
C2A FB Q . 10.43 -12.47 24.99
C2B FB Q . 9.82 -13.01 26.27
O2A FB Q . 11.45 -13.41 24.62
C3A FB Q . 11.07 -11.11 25.26
O3A FB Q . 10.21 -10.32 26.05
MG MG R . 17.79 16.54 17.94
PG AGS S . 19.97 14.32 17.34
S1G AGS S . 20.69 12.59 18.18
O2G AGS S . 18.95 15.02 18.33
O3G AGS S . 19.26 13.96 15.96
PB AGS S . 21.20 16.69 16.47
O1B AGS S . 21.35 16.59 14.89
O2B AGS S . 19.86 17.43 16.86
O3B AGS S . 21.28 15.22 17.11
PA AGS S . 23.18 17.23 18.49
O1A AGS S . 22.22 16.48 19.52
O2A AGS S . 23.71 18.59 19.12
O3A AGS S . 22.47 17.48 17.05
O5' AGS S . 24.41 16.27 18.13
C5' AGS S . 25.12 16.40 16.89
C4' AGS S . 26.63 16.18 16.99
O4' AGS S . 27.27 16.99 16.01
C3' AGS S . 27.18 16.59 18.36
O3' AGS S . 27.80 15.47 18.99
C2' AGS S . 28.17 17.70 18.10
O2' AGS S . 29.47 17.34 18.55
C1' AGS S . 28.19 17.92 16.60
N9 AGS S . 27.78 19.31 16.26
C8 AGS S . 26.57 19.72 15.79
N7 AGS S . 26.51 21.08 15.57
C5 AGS S . 27.72 21.56 15.89
C6 AGS S . 28.43 22.87 15.93
N6 AGS S . 27.80 24.00 15.56
N1 AGS S . 29.72 22.90 16.35
C2 AGS S . 30.41 21.80 16.74
N3 AGS S . 29.87 20.56 16.75
C4 AGS S . 28.51 20.43 16.33
O12 FB T . 14.88 8.03 13.22
C12 FB T . 15.47 8.59 14.17
C5A FB T . 15.73 9.50 15.01
C5 FB T . 15.65 10.60 15.61
C6 FB T . 14.63 11.57 15.07
O6 FB T . 14.23 11.27 13.72
N10 FB T . 15.30 12.85 15.19
C9 FB T . 15.15 13.67 16.22
O9 FB T . 15.85 14.66 16.31
C4 FB T . 16.48 10.98 16.86
C3 FB T . 15.58 11.33 18.07
O2 FB T . 15.18 12.73 18.28
C1 FB T . 14.21 13.24 17.33
N8 FB T . 13.40 12.07 17.09
C7 FB T . 13.53 11.27 16.06
O7 FB T . 12.91 10.21 15.96
C1A FB T . 13.26 14.28 17.93
O1A FB T . 12.53 13.64 18.98
C2A FB T . 13.87 15.59 18.49
C2B FB T . 13.28 15.90 19.86
O2A FB T . 15.28 15.48 18.68
C3A FB T . 13.57 16.74 17.54
O3A FB T . 12.22 17.17 17.69
MG MG U . 6.10 30.42 -7.09
PG AGS V . 9.22 29.46 -6.33
S1G AGS V . 9.66 29.95 -4.38
O2G AGS V . 7.64 29.49 -6.50
O3G AGS V . 9.74 28.00 -6.64
PB AGS V . 9.42 30.76 -8.81
O1B AGS V . 10.07 29.69 -9.78
O2B AGS V . 7.84 30.68 -8.91
O3B AGS V . 9.93 30.54 -7.29
PA AGS V . 10.13 33.50 -8.29
O1A AGS V . 9.35 33.34 -6.91
O2A AGS V . 9.71 34.84 -9.03
O3A AGS V . 9.92 32.23 -9.27
O5' AGS V . 11.71 33.49 -8.03
C5' AGS V . 12.62 33.02 -9.01
C4' AGS V . 13.93 33.82 -9.07
O4' AGS V . 14.28 33.97 -10.46
C3' AGS V . 13.78 35.21 -8.47
O3' AGS V . 14.69 35.36 -7.39
C2' AGS V . 14.06 36.19 -9.59
O2' AGS V . 15.17 37.02 -9.28
C1' AGS V . 14.37 35.35 -10.82
N9 AGS V . 13.45 35.64 -11.96
C8 AGS V . 12.40 34.89 -12.38
N7 AGS V . 11.76 35.42 -13.48
C5 AGS V . 12.42 36.56 -13.77
C6 AGS V . 12.36 37.65 -14.76
N6 AGS V . 11.40 37.67 -15.72
N1 AGS V . 13.27 38.67 -14.70
C2 AGS V . 14.25 38.72 -13.76
N3 AGS V . 14.40 37.77 -12.81
C4 AGS V . 13.49 36.67 -12.80
O12 FB W . 9.54 20.71 -3.81
C12 FB W . 9.36 21.94 -3.76
C5A FB W . 8.84 23.06 -3.92
C5 FB W . 8.08 24.00 -4.27
C6 FB W . 6.93 23.63 -5.16
O6 FB W . 7.13 22.39 -5.88
N10 FB W . 6.83 24.77 -6.05
C9 FB W . 6.01 25.78 -5.88
O9 FB W . 6.08 26.77 -6.59
C4 FB W . 8.20 25.47 -3.82
C3 FB W . 6.94 25.96 -3.03
O2 FB W . 5.87 26.60 -3.77
C1 FB W . 5.11 25.74 -4.65
N8 FB W . 5.08 24.51 -3.88
C7 FB W . 5.88 23.48 -4.09
O7 FB W . 5.90 22.51 -3.33
C1A FB W . 3.65 26.16 -4.82
O1A FB W . 3.02 26.04 -3.54
C2A FB W . 3.36 27.55 -5.38
C2B FB W . 2.36 28.26 -4.50
O2A FB W . 4.52 28.37 -5.41
C3A FB W . 2.79 27.45 -6.79
O3A FB W . 1.47 26.91 -6.74
MG MG X . -3.61 15.61 -31.85
PG AGS Y . -0.30 15.96 -31.50
S1G AGS Y . -0.36 17.77 -30.51
O2G AGS Y . -1.74 15.30 -31.43
O3G AGS Y . 0.76 15.01 -30.79
PB AGS Y . -0.07 15.11 -34.17
O1B AGS Y . 1.19 14.16 -34.25
O2B AGS Y . -1.38 14.25 -33.92
O3B AGS Y . 0.12 16.23 -33.03
PA AGS Y . -0.90 17.34 -35.77
O1A AGS Y . -1.84 17.76 -34.55
O2A AGS Y . -1.70 17.40 -37.15
O3A AGS Y . -0.21 15.90 -35.57
O5' AGS Y . 0.35 18.35 -35.82
C5' AGS Y . 1.59 17.93 -36.40
C4' AGS Y . 2.26 19.01 -37.24
O4' AGS Y . 2.84 18.38 -38.39
C3' AGS Y . 1.29 20.08 -37.73
O3' AGS Y . 1.69 21.36 -37.25
C2' AGS Y . 1.32 20.02 -39.25
O2' AGS Y . 1.76 21.26 -39.80
C1' AGS Y . 2.32 18.93 -39.61
N9 AGS Y . 1.73 17.83 -40.43
C8 AGS Y . 1.30 16.61 -40.01
N7 AGS Y . 0.81 15.83 -41.02
C5 AGS Y . 0.95 16.57 -42.15
C6 AGS Y . 0.68 16.45 -43.61
N6 AGS Y . 0.14 15.31 -44.10
N1 AGS Y . 0.99 17.49 -44.43
C2 AGS Y . 1.54 18.65 -43.98
N3 AGS Y . 1.82 18.87 -42.69
C4 AGS Y . 1.53 17.82 -41.73
O12 FB Z . 3.45 12.79 -24.01
C12 FB Z . 2.85 13.72 -24.61
C5A FB Z . 1.83 14.04 -25.33
C5 FB Z . 0.85 13.87 -26.10
C6 FB Z . 0.36 12.44 -26.25
O6 FB Z . 1.38 11.49 -25.91
N10 FB Z . -0.03 12.38 -27.66
C9 FB Z . -1.25 12.61 -28.08
O9 FB Z . -1.48 12.68 -29.28
C4 FB Z . 0.11 15.00 -26.82
C3 FB Z . -1.38 15.10 -26.37
O2 FB Z . -2.36 14.37 -27.16
C1 FB Z . -2.32 12.93 -27.04
N8 FB Z . -1.95 12.76 -25.64
C7 FB Z . -0.73 12.52 -25.21
O7 FB Z . -0.44 12.52 -24.02
C1A FB Z . -3.70 12.28 -27.20
O1A FB Z . -4.50 12.68 -26.09
C2A FB Z . -4.44 12.53 -28.50
C2B FB Z . -5.86 12.99 -28.21
O2A FB Z . -3.85 13.57 -29.28
C3A FB Z . -4.47 11.25 -29.32
O3A FB Z . -5.57 10.44 -28.89
MG MG AA . 3.49 -15.38 -37.16
PG AGS BA . 5.53 -12.79 -37.89
S1G AGS BA . 4.71 -11.01 -38.54
O2G AGS BA . 4.42 -13.68 -37.21
O3G AGS BA . 6.69 -12.48 -36.86
PB AGS BA . 6.78 -14.96 -39.15
O1B AGS BA . 8.31 -14.86 -38.72
O2B AGS BA . 6.01 -15.93 -38.15
O3B AGS BA . 6.11 -13.51 -39.21
PA AGS BA . 5.50 -15.25 -41.70
O1A AGS BA . 4.18 -14.73 -40.98
O2A AGS BA . 5.20 -16.54 -42.58
O3A AGS BA . 6.70 -15.53 -40.65
O5' AGS BA . 6.10 -14.07 -42.63
C5' AGS BA . 7.50 -14.00 -42.93
C4' AGS BA . 7.81 -13.58 -44.36
O4' AGS BA . 8.94 -14.34 -44.81
C3' AGS BA . 6.65 -13.86 -45.31
O3' AGS BA . 6.23 -12.66 -45.92
C2' AGS BA . 7.17 -14.85 -46.34
O2' AGS BA . 7.11 -14.31 -47.65
C1' AGS BA . 8.62 -15.12 -45.97
N9 AGS BA . 8.88 -16.57 -45.71
C8 AGS BA . 9.06 -17.17 -44.50
N7 AGS BA . 9.28 -18.52 -44.59
C5 AGS BA . 9.26 -18.81 -45.90
C6 AGS BA . 9.41 -19.98 -46.78
N6 AGS BA . 9.65 -21.21 -46.25
N1 AGS BA . 9.29 -19.83 -48.13
C2 AGS BA . 9.06 -18.64 -48.72
N3 AGS BA . 8.89 -17.50 -48.02
C4 AGS BA . 9.00 -17.56 -46.58
O12 FB CA . 7.92 -7.80 -30.78
C12 FB CA . 7.24 -8.06 -31.79
C5A FB CA . 6.38 -8.82 -32.33
C5 FB CA . 5.83 -9.90 -32.68
C6 FB CA . 6.10 -11.06 -31.74
O6 FB CA . 7.28 -10.83 -30.94
N10 FB CA . 6.21 -12.20 -32.63
C9 FB CA . 5.21 -13.00 -32.92
O9 FB CA . 5.34 -13.85 -33.79
C4 FB CA . 4.89 -10.12 -33.87
C3 FB CA . 3.48 -10.58 -33.42
O2 FB CA . 3.20 -12.02 -33.34
C1 FB CA . 3.87 -12.71 -32.25
N8 FB CA . 3.85 -11.70 -31.22
C7 FB CA . 4.85 -10.91 -30.92
O7 FB CA . 4.74 -9.99 -30.12
C1A FB CA . 3.07 -13.90 -31.69
O1A FB CA . 1.87 -13.41 -31.11
C2A FB CA . 2.73 -15.05 -32.65
C2B FB CA . 1.27 -15.42 -32.53
O2A FB CA . 2.93 -14.70 -34.02
C3A FB CA . 3.58 -16.27 -32.31
O3A FB CA . 3.12 -16.87 -31.11
#